data_6OGL
# 
_entry.id   6OGL 
# 
_audit_conform.dict_name       mmcif_pdbx.dic 
_audit_conform.dict_version    5.387 
_audit_conform.dict_location   http://mmcif.pdb.org/dictionaries/ascii/mmcif_pdbx.dic 
# 
loop_
_database_2.database_id 
_database_2.database_code 
_database_2.pdbx_database_accession 
_database_2.pdbx_DOI 
PDB   6OGL         pdb_00006ogl 10.2210/pdb6ogl/pdb 
WWPDB D_1000240353 ?            ?                   
# 
loop_
_pdbx_audit_revision_history.ordinal 
_pdbx_audit_revision_history.data_content_type 
_pdbx_audit_revision_history.major_revision 
_pdbx_audit_revision_history.minor_revision 
_pdbx_audit_revision_history.revision_date 
1 'Structure model' 1 0 2020-04-08 
2 'Structure model' 1 1 2020-08-26 
3 'Structure model' 1 2 2021-04-28 
4 'Structure model' 1 3 2024-03-13 
# 
_pdbx_audit_revision_details.ordinal             1 
_pdbx_audit_revision_details.revision_ordinal    1 
_pdbx_audit_revision_details.data_content_type   'Structure model' 
_pdbx_audit_revision_details.provider            repository 
_pdbx_audit_revision_details.type                'Initial release' 
_pdbx_audit_revision_details.description         ? 
_pdbx_audit_revision_details.details             ? 
# 
loop_
_pdbx_audit_revision_group.ordinal 
_pdbx_audit_revision_group.revision_ordinal 
_pdbx_audit_revision_group.data_content_type 
_pdbx_audit_revision_group.group 
1 2 'Structure model' 'Database references' 
2 3 'Structure model' 'Data collection'     
3 4 'Structure model' 'Data collection'     
4 4 'Structure model' 'Database references' 
# 
loop_
_pdbx_audit_revision_category.ordinal 
_pdbx_audit_revision_category.revision_ordinal 
_pdbx_audit_revision_category.data_content_type 
_pdbx_audit_revision_category.category 
1 2 'Structure model' citation        
2 2 'Structure model' citation_author 
3 3 'Structure model' diffrn_source   
4 4 'Structure model' chem_comp_atom  
5 4 'Structure model' chem_comp_bond  
6 4 'Structure model' database_2      
# 
loop_
_pdbx_audit_revision_item.ordinal 
_pdbx_audit_revision_item.revision_ordinal 
_pdbx_audit_revision_item.data_content_type 
_pdbx_audit_revision_item.item 
1  2 'Structure model' '_citation.country'                        
2  2 'Structure model' '_citation.journal_abbrev'                 
3  2 'Structure model' '_citation.journal_id_CSD'                 
4  2 'Structure model' '_citation.journal_id_ISSN'                
5  2 'Structure model' '_citation.journal_volume'                 
6  2 'Structure model' '_citation.page_first'                     
7  2 'Structure model' '_citation.page_last'                      
8  2 'Structure model' '_citation.pdbx_database_id_DOI'           
9  2 'Structure model' '_citation.pdbx_database_id_PubMed'        
10 2 'Structure model' '_citation.title'                          
11 2 'Structure model' '_citation.year'                           
12 3 'Structure model' '_diffrn_source.pdbx_synchrotron_beamline' 
13 3 'Structure model' '_diffrn_source.type'                      
14 4 'Structure model' '_database_2.pdbx_DOI'                     
15 4 'Structure model' '_database_2.pdbx_database_accession'      
# 
_pdbx_database_status.status_code                     REL 
_pdbx_database_status.status_code_sf                  REL 
_pdbx_database_status.status_code_mr                  ? 
_pdbx_database_status.entry_id                        6OGL 
_pdbx_database_status.recvd_initial_deposition_date   2019-04-02 
_pdbx_database_status.SG_entry                        N 
_pdbx_database_status.deposit_site                    RCSB 
_pdbx_database_status.process_site                    RCSB 
_pdbx_database_status.status_code_cs                  ? 
_pdbx_database_status.methods_development_category    ? 
_pdbx_database_status.pdb_format_compatible           Y 
_pdbx_database_status.status_code_nmr_data            ? 
# 
loop_
_audit_author.name 
_audit_author.pdbx_ordinal 
_audit_author.identifier_ORCID 
'Bulut, H.'      1 0000-0003-0262-6296 
'Hattori, S.I.'  2 ?                   
'Aoki-Ogata, H.' 3 ?                   
'Hayashi, H.'    4 ?                   
'Aoki, M.'       5 ?                   
'Ghosh, A.K.'    6 ?                   
'Mitsuya, H.'    7 ?                   
# 
_citation.abstract                  ? 
_citation.abstract_id_CAS           ? 
_citation.book_id_ISBN              ? 
_citation.book_publisher            ? 
_citation.book_publisher_city       ? 
_citation.book_title                ? 
_citation.coordinate_linkage        ? 
_citation.country                   UK 
_citation.database_id_Medline       ? 
_citation.details                   ? 
_citation.id                        primary 
_citation.journal_abbrev            'Sci Rep' 
_citation.journal_id_ASTM           ? 
_citation.journal_id_CSD            ? 
_citation.journal_id_ISSN           2045-2322 
_citation.journal_full              ? 
_citation.journal_issue             ? 
_citation.journal_volume            10 
_citation.language                  ? 
_citation.page_first                10664 
_citation.page_last                 10664 
_citation.title                     
;Single atom changes in newly synthesized HIV protease inhibitors reveal structural basis for extreme affinity, high genetic barrier, and adaptation to the HIV protease plasticity.
;
_citation.year                      2020 
_citation.database_id_CSD           ? 
_citation.pdbx_database_id_DOI      10.1038/s41598-020-65993-z 
_citation.pdbx_database_id_PubMed   32606378 
_citation.unpublished_flag          ? 
# 
loop_
_citation_author.citation_id 
_citation_author.name 
_citation_author.ordinal 
_citation_author.identifier_ORCID 
primary 'Bulut, H.'        1  ? 
primary 'Hattori, S.I.'    2  ? 
primary 'Aoki-Ogata, H.'   3  ? 
primary 'Hayashi, H.'      4  ? 
primary 'Das, D.'          5  ? 
primary 'Aoki, M.'         6  ? 
primary 'Davis, D.A.'      7  ? 
primary 'Rao, K.V.'        8  ? 
primary 'Nyalapatla, P.R.' 9  ? 
primary 'Ghosh, A.K.'      10 ? 
primary 'Mitsuya, H.'      11 ? 
# 
loop_
_entity.id 
_entity.type 
_entity.src_method 
_entity.pdbx_description 
_entity.formula_weight 
_entity.pdbx_number_of_molecules 
_entity.pdbx_ec 
_entity.pdbx_mutation 
_entity.pdbx_fragment 
_entity.details 
1 polymer     man Protease 10875.717 1  ? ? ? ? 
2 non-polymer syn GLYCEROL 92.094    1  ? ? ? ? 
3 non-polymer syn 1,2-ETHANEDIOL 62.068    1  ? ? ? ? 
4 non-polymer syn 
;(3S,3aR,5R,7aS,8S)-hexahydro-4H-3,5-methanofuro[2,3-b]pyran-8-yl [(2S,3R)-4-[{[2-(cyclopropylamino)-1,3-benzothiazol-6-yl]sulfonyl}(2-methylpropyl)amino]-1-(4-fluorophenyl)-3-hydroxybutan-2-yl]carbamate
;
688.830   1  ? ? ? ? 
5 water       nat water 18.015    72 ? ? ? ? 
# 
_entity_poly.entity_id                      1 
_entity_poly.type                           'polypeptide(L)' 
_entity_poly.nstd_linkage                   no 
_entity_poly.nstd_monomer                   no 
_entity_poly.pdbx_seq_one_letter_code       
;PQITLWQRPIVTIKVGGQLREALIDTGADDTIFEEINLPGRWKPKLIGGIGGFMKVRQYDQIPIEICGHQAIGTVLVGPT
PINVIGRNMLTQIGCTLNF
;
_entity_poly.pdbx_seq_one_letter_code_can   
;PQITLWQRPIVTIKVGGQLREALIDTGADDTIFEEINLPGRWKPKLIGGIGGFMKVRQYDQIPIEICGHQAIGTVLVGPT
PINVIGRNMLTQIGCTLNF
;
_entity_poly.pdbx_strand_id                 A 
_entity_poly.pdbx_target_identifier         ? 
# 
loop_
_pdbx_entity_nonpoly.entity_id 
_pdbx_entity_nonpoly.name 
_pdbx_entity_nonpoly.comp_id 
2 GLYCEROL GOL 
3 1,2-ETHANEDIOL EDO 
4 
;(3S,3aR,5R,7aS,8S)-hexahydro-4H-3,5-methanofuro[2,3-b]pyran-8-yl [(2S,3R)-4-[{[2-(cyclopropylamino)-1,3-benzothiazol-6-yl]sulfonyl}(2-methylpropyl)amino]-1-(4-fluorophenyl)-3-hydroxybutan-2-yl]carbamate
;
JDV 
5 water HOH 
# 
loop_
_entity_poly_seq.entity_id 
_entity_poly_seq.num 
_entity_poly_seq.mon_id 
_entity_poly_seq.hetero 
1 1  PRO n 
1 2  GLN n 
1 3  ILE n 
1 4  THR n 
1 5  LEU n 
1 6  TRP n 
1 7  GLN n 
1 8  ARG n 
1 9  PRO n 
1 10 ILE n 
1 11 VAL n 
1 12 THR n 
1 13 ILE n 
1 14 LYS n 
1 15 VAL n 
1 16 GLY n 
1 17 GLY n 
1 18 GLN n 
1 19 LEU n 
1 20 ARG n 
1 21 GLU n 
1 22 ALA n 
1 23 LEU n 
1 24 ILE n 
1 25 ASP n 
1 26 THR n 
1 27 GLY n 
1 28 ALA n 
1 29 ASP n 
1 30 ASP n 
1 31 THR n 
1 32 ILE n 
1 33 PHE n 
1 34 GLU n 
1 35 GLU n 
1 36 ILE n 
1 37 ASN n 
1 38 LEU n 
1 39 PRO n 
1 40 GLY n 
1 41 ARG n 
1 42 TRP n 
1 43 LYS n 
1 44 PRO n 
1 45 LYS n 
1 46 LEU n 
1 47 ILE n 
1 48 GLY n 
1 49 GLY n 
1 50 ILE n 
1 51 GLY n 
1 52 GLY n 
1 53 PHE n 
1 54 MET n 
1 55 LYS n 
1 56 VAL n 
1 57 ARG n 
1 58 GLN n 
1 59 TYR n 
1 60 ASP n 
1 61 GLN n 
1 62 ILE n 
1 63 PRO n 
1 64 ILE n 
1 65 GLU n 
1 66 ILE n 
1 67 CYS n 
1 68 GLY n 
1 69 HIS n 
1 70 GLN n 
1 71 ALA n 
1 72 ILE n 
1 73 GLY n 
1 74 THR n 
1 75 VAL n 
1 76 LEU n 
1 77 VAL n 
1 78 GLY n 
1 79 PRO n 
1 80 THR n 
1 81 PRO n 
1 82 ILE n 
1 83 ASN n 
1 84 VAL n 
1 85 ILE n 
1 86 GLY n 
1 87 ARG n 
1 88 ASN n 
1 89 MET n 
1 90 LEU n 
1 91 THR n 
1 92 GLN n 
1 93 ILE n 
1 94 GLY n 
1 95 CYS n 
1 96 THR n 
1 97 LEU n 
1 98 ASN n 
1 99 PHE n 
# 
_entity_src_gen.entity_id                          1 
_entity_src_gen.pdbx_src_id                        1 
_entity_src_gen.pdbx_alt_source_flag               sample 
_entity_src_gen.pdbx_seq_type                      'Biological sequence' 
_entity_src_gen.pdbx_beg_seq_num                   1 
_entity_src_gen.pdbx_end_seq_num                   99 
_entity_src_gen.gene_src_common_name               ? 
_entity_src_gen.gene_src_genus                     ? 
_entity_src_gen.pdbx_gene_src_gene                 pol 
_entity_src_gen.gene_src_species                   ? 
_entity_src_gen.gene_src_strain                    ? 
_entity_src_gen.gene_src_tissue                    ? 
_entity_src_gen.gene_src_tissue_fraction           ? 
_entity_src_gen.gene_src_details                   ? 
_entity_src_gen.pdbx_gene_src_fragment             ? 
_entity_src_gen.pdbx_gene_src_scientific_name      'Human immunodeficiency virus 1' 
_entity_src_gen.pdbx_gene_src_ncbi_taxonomy_id     11676 
_entity_src_gen.pdbx_gene_src_variant              ? 
_entity_src_gen.pdbx_gene_src_cell_line            ? 
_entity_src_gen.pdbx_gene_src_atcc                 ? 
_entity_src_gen.pdbx_gene_src_organ                ? 
_entity_src_gen.pdbx_gene_src_organelle            ? 
_entity_src_gen.pdbx_gene_src_cell                 ? 
_entity_src_gen.pdbx_gene_src_cellular_location    ? 
_entity_src_gen.host_org_common_name               ? 
_entity_src_gen.pdbx_host_org_scientific_name      'Escherichia coli' 
_entity_src_gen.pdbx_host_org_ncbi_taxonomy_id     562 
_entity_src_gen.host_org_genus                     ? 
_entity_src_gen.pdbx_host_org_gene                 ? 
_entity_src_gen.pdbx_host_org_organ                ? 
_entity_src_gen.host_org_species                   ? 
_entity_src_gen.pdbx_host_org_tissue               ? 
_entity_src_gen.pdbx_host_org_tissue_fraction      ? 
_entity_src_gen.pdbx_host_org_strain               ? 
_entity_src_gen.pdbx_host_org_variant              ? 
_entity_src_gen.pdbx_host_org_cell_line            ? 
_entity_src_gen.pdbx_host_org_atcc                 ? 
_entity_src_gen.pdbx_host_org_culture_collection   ? 
_entity_src_gen.pdbx_host_org_cell                 ? 
_entity_src_gen.pdbx_host_org_organelle            ? 
_entity_src_gen.pdbx_host_org_cellular_location    ? 
_entity_src_gen.pdbx_host_org_vector_type          ? 
_entity_src_gen.pdbx_host_org_vector               ? 
_entity_src_gen.host_org_details                   ? 
_entity_src_gen.expression_system_id               ? 
_entity_src_gen.plasmid_name                       ? 
_entity_src_gen.plasmid_details                    ? 
_entity_src_gen.pdbx_description                   ? 
# 
loop_
_chem_comp.id 
_chem_comp.type 
_chem_comp.mon_nstd_flag 
_chem_comp.name 
_chem_comp.pdbx_synonyms 
_chem_comp.formula 
_chem_comp.formula_weight 
ALA 'L-peptide linking' y ALANINE ?                               'C3 H7 N O2'         89.093  
ARG 'L-peptide linking' y ARGININE ?                               'C6 H15 N4 O2 1'     175.209 
ASN 'L-peptide linking' y ASPARAGINE ?                               'C4 H8 N2 O3'        132.118 
ASP 'L-peptide linking' y 'ASPARTIC ACID' ?                               'C4 H7 N O4'         133.103 
CYS 'L-peptide linking' y CYSTEINE ?                               'C3 H7 N O2 S'       121.158 
EDO non-polymer         . 1,2-ETHANEDIOL 'ETHYLENE GLYCOL'               'C2 H6 O2'           62.068  
GLN 'L-peptide linking' y GLUTAMINE ?                               'C5 H10 N2 O3'       146.144 
GLU 'L-peptide linking' y 'GLUTAMIC ACID' ?                               'C5 H9 N O4'         147.129 
GLY 'peptide linking'   y GLYCINE ?                               'C2 H5 N O2'         75.067  
GOL non-polymer         . GLYCEROL 'GLYCERIN; PROPANE-1,2,3-TRIOL' 'C3 H8 O3'           92.094  
HIS 'L-peptide linking' y HISTIDINE ?                               'C6 H10 N3 O2 1'     156.162 
HOH non-polymer         . WATER ?                               'H2 O'               18.015  
ILE 'L-peptide linking' y ISOLEUCINE ?                               'C6 H13 N O2'        131.173 
JDV non-polymer         . 
;(3S,3aR,5R,7aS,8S)-hexahydro-4H-3,5-methanofuro[2,3-b]pyran-8-yl [(2S,3R)-4-[{[2-(cyclopropylamino)-1,3-benzothiazol-6-yl]sulfonyl}(2-methylpropyl)amino]-1-(4-fluorophenyl)-3-hydroxybutan-2-yl]carbamate
;
?                               'C33 H41 F N4 O7 S2' 688.830 
LEU 'L-peptide linking' y LEUCINE ?                               'C6 H13 N O2'        131.173 
LYS 'L-peptide linking' y LYSINE ?                               'C6 H15 N2 O2 1'     147.195 
MET 'L-peptide linking' y METHIONINE ?                               'C5 H11 N O2 S'      149.211 
PHE 'L-peptide linking' y PHENYLALANINE ?                               'C9 H11 N O2'        165.189 
PRO 'L-peptide linking' y PROLINE ?                               'C5 H9 N O2'         115.130 
THR 'L-peptide linking' y THREONINE ?                               'C4 H9 N O3'         119.119 
TRP 'L-peptide linking' y TRYPTOPHAN ?                               'C11 H12 N2 O2'      204.225 
TYR 'L-peptide linking' y TYROSINE ?                               'C9 H11 N O3'        181.189 
VAL 'L-peptide linking' y VALINE ?                               'C5 H11 N O2'        117.146 
# 
loop_
_pdbx_poly_seq_scheme.asym_id 
_pdbx_poly_seq_scheme.entity_id 
_pdbx_poly_seq_scheme.seq_id 
_pdbx_poly_seq_scheme.mon_id 
_pdbx_poly_seq_scheme.ndb_seq_num 
_pdbx_poly_seq_scheme.pdb_seq_num 
_pdbx_poly_seq_scheme.auth_seq_num 
_pdbx_poly_seq_scheme.pdb_mon_id 
_pdbx_poly_seq_scheme.auth_mon_id 
_pdbx_poly_seq_scheme.pdb_strand_id 
_pdbx_poly_seq_scheme.pdb_ins_code 
_pdbx_poly_seq_scheme.hetero 
A 1 1  PRO 1  1  1  PRO PRO A . n 
A 1 2  GLN 2  2  2  GLN GLN A . n 
A 1 3  ILE 3  3  3  ILE ILE A . n 
A 1 4  THR 4  4  4  THR THR A . n 
A 1 5  LEU 5  5  5  LEU LEU A . n 
A 1 6  TRP 6  6  6  TRP TRP A . n 
A 1 7  GLN 7  7  7  GLN GLN A . n 
A 1 8  ARG 8  8  8  ARG ARG A . n 
A 1 9  PRO 9  9  9  PRO PRO A . n 
A 1 10 ILE 10 10 10 ILE ILE A . n 
A 1 11 VAL 11 11 11 VAL VAL A . n 
A 1 12 THR 12 12 12 THR THR A . n 
A 1 13 ILE 13 13 13 ILE ILE A . n 
A 1 14 LYS 14 14 14 LYS LYS A . n 
A 1 15 VAL 15 15 15 VAL VAL A . n 
A 1 16 GLY 16 16 16 GLY GLY A . n 
A 1 17 GLY 17 17 17 GLY GLY A . n 
A 1 18 GLN 18 18 18 GLN GLN A . n 
A 1 19 LEU 19 19 19 LEU LEU A . n 
A 1 20 ARG 20 20 20 ARG ARG A . n 
A 1 21 GLU 21 21 21 GLU GLU A . n 
A 1 22 ALA 22 22 22 ALA ALA A . n 
A 1 23 LEU 23 23 23 LEU LEU A . n 
A 1 24 ILE 24 24 24 ILE ILE A . n 
A 1 25 ASP 25 25 25 ASP ASP A . n 
A 1 26 THR 26 26 26 THR THR A . n 
A 1 27 GLY 27 27 27 GLY GLY A . n 
A 1 28 ALA 28 28 28 ALA ALA A . n 
A 1 29 ASP 29 29 29 ASP ASP A . n 
A 1 30 ASP 30 30 30 ASP ASP A . n 
A 1 31 THR 31 31 31 THR THR A . n 
A 1 32 ILE 32 32 32 ILE ILE A . n 
A 1 33 PHE 33 33 33 PHE PHE A . n 
A 1 34 GLU 34 34 34 GLU GLU A . n 
A 1 35 GLU 35 35 35 GLU GLU A . n 
A 1 36 ILE 36 36 36 ILE ILE A . n 
A 1 37 ASN 37 37 37 ASN ASN A . n 
A 1 38 LEU 38 38 38 LEU LEU A . n 
A 1 39 PRO 39 39 39 PRO PRO A . n 
A 1 40 GLY 40 40 40 GLY GLY A . n 
A 1 41 ARG 41 41 41 ARG ARG A . n 
A 1 42 TRP 42 42 42 TRP TRP A . n 
A 1 43 LYS 43 43 43 LYS LYS A . n 
A 1 44 PRO 44 44 44 PRO PRO A . n 
A 1 45 LYS 45 45 45 LYS LYS A . n 
A 1 46 LEU 46 46 46 LEU LEU A . n 
A 1 47 ILE 47 47 47 ILE ILE A . n 
A 1 48 GLY 48 48 48 GLY GLY A . n 
A 1 49 GLY 49 49 49 GLY GLY A . n 
A 1 50 ILE 50 50 50 ILE ILE A . n 
A 1 51 GLY 51 51 51 GLY GLY A . n 
A 1 52 GLY 52 52 52 GLY GLY A . n 
A 1 53 PHE 53 53 53 PHE PHE A . n 
A 1 54 MET 54 54 54 MET MET A . n 
A 1 55 LYS 55 55 55 LYS LYS A . n 
A 1 56 VAL 56 56 56 VAL VAL A . n 
A 1 57 ARG 57 57 57 ARG ARG A . n 
A 1 58 GLN 58 58 58 GLN GLN A . n 
A 1 59 TYR 59 59 59 TYR TYR A . n 
A 1 60 ASP 60 60 60 ASP ASP A . n 
A 1 61 GLN 61 61 61 GLN GLN A . n 
A 1 62 ILE 62 62 62 ILE ILE A . n 
A 1 63 PRO 63 63 63 PRO PRO A . n 
A 1 64 ILE 64 64 64 ILE ILE A . n 
A 1 65 GLU 65 65 65 GLU GLU A . n 
A 1 66 ILE 66 66 66 ILE ILE A . n 
A 1 67 CYS 67 67 67 CYS CYS A . n 
A 1 68 GLY 68 68 68 GLY GLY A . n 
A 1 69 HIS 69 69 69 HIS HIS A . n 
A 1 70 GLN 70 70 70 GLN GLN A . n 
A 1 71 ALA 71 71 71 ALA ALA A . n 
A 1 72 ILE 72 72 72 ILE ILE A . n 
A 1 73 GLY 73 73 73 GLY GLY A . n 
A 1 74 THR 74 74 74 THR THR A . n 
A 1 75 VAL 75 75 75 VAL VAL A . n 
A 1 76 LEU 76 76 76 LEU LEU A . n 
A 1 77 VAL 77 77 77 VAL VAL A . n 
A 1 78 GLY 78 78 78 GLY GLY A . n 
A 1 79 PRO 79 79 79 PRO PRO A . n 
A 1 80 THR 80 80 80 THR THR A . n 
A 1 81 PRO 81 81 81 PRO PRO A . n 
A 1 82 ILE 82 82 82 ILE ILE A . n 
A 1 83 ASN 83 83 83 ASN ASN A . n 
A 1 84 VAL 84 84 84 VAL VAL A . n 
A 1 85 ILE 85 85 85 ILE ILE A . n 
A 1 86 GLY 86 86 86 GLY GLY A . n 
A 1 87 ARG 87 87 87 ARG ARG A . n 
A 1 88 ASN 88 88 88 ASN ASN A . n 
A 1 89 MET 89 89 89 MET MET A . n 
A 1 90 LEU 90 90 90 LEU LEU A . n 
A 1 91 THR 91 91 91 THR THR A . n 
A 1 92 GLN 92 92 92 GLN GLN A . n 
A 1 93 ILE 93 93 93 ILE ILE A . n 
A 1 94 GLY 94 94 94 GLY GLY A . n 
A 1 95 CYS 95 95 95 CYS CYS A . n 
A 1 96 THR 96 96 96 THR THR A . n 
A 1 97 LEU 97 97 97 LEU LEU A . n 
A 1 98 ASN 98 98 98 ASN ASN A . n 
A 1 99 PHE 99 99 99 PHE PHE A . n 
# 
loop_
_pdbx_nonpoly_scheme.asym_id 
_pdbx_nonpoly_scheme.entity_id 
_pdbx_nonpoly_scheme.mon_id 
_pdbx_nonpoly_scheme.ndb_seq_num 
_pdbx_nonpoly_scheme.pdb_seq_num 
_pdbx_nonpoly_scheme.auth_seq_num 
_pdbx_nonpoly_scheme.pdb_mon_id 
_pdbx_nonpoly_scheme.auth_mon_id 
_pdbx_nonpoly_scheme.pdb_strand_id 
_pdbx_nonpoly_scheme.pdb_ins_code 
B 2 GOL 1  101 1  GOL GOL A . 
C 3 EDO 1  102 2  EDO EDO A . 
D 4 JDV 1  103 1  JDV DRG A . 
E 5 HOH 1  201 75 HOH HOH A . 
E 5 HOH 2  202 45 HOH HOH A . 
E 5 HOH 3  203 41 HOH HOH A . 
E 5 HOH 4  204 54 HOH HOH A . 
E 5 HOH 5  205 4  HOH HOH A . 
E 5 HOH 6  206 28 HOH HOH A . 
E 5 HOH 7  207 42 HOH HOH A . 
E 5 HOH 8  208 22 HOH HOH A . 
E 5 HOH 9  209 43 HOH HOH A . 
E 5 HOH 10 210 78 HOH HOH A . 
E 5 HOH 11 211 48 HOH HOH A . 
E 5 HOH 12 212 7  HOH HOH A . 
E 5 HOH 13 213 23 HOH HOH A . 
E 5 HOH 14 214 53 HOH HOH A . 
E 5 HOH 15 215 1  HOH HOH A . 
E 5 HOH 16 216 49 HOH HOH A . 
E 5 HOH 17 217 8  HOH HOH A . 
E 5 HOH 18 218 17 HOH HOH A . 
E 5 HOH 19 219 65 HOH HOH A . 
E 5 HOH 20 220 81 HOH HOH A . 
E 5 HOH 21 221 25 HOH HOH A . 
E 5 HOH 22 222 38 HOH HOH A . 
E 5 HOH 23 223 5  HOH HOH A . 
E 5 HOH 24 224 2  HOH HOH A . 
E 5 HOH 25 225 61 HOH HOH A . 
E 5 HOH 26 226 32 HOH HOH A . 
E 5 HOH 27 227 20 HOH HOH A . 
E 5 HOH 28 228 71 HOH HOH A . 
E 5 HOH 29 229 16 HOH HOH A . 
E 5 HOH 30 230 73 HOH HOH A . 
E 5 HOH 31 231 67 HOH HOH A . 
E 5 HOH 32 232 72 HOH HOH A . 
E 5 HOH 33 233 29 HOH HOH A . 
E 5 HOH 34 234 36 HOH HOH A . 
E 5 HOH 35 235 79 HOH HOH A . 
E 5 HOH 36 236 62 HOH HOH A . 
E 5 HOH 37 237 46 HOH HOH A . 
E 5 HOH 38 238 37 HOH HOH A . 
E 5 HOH 39 239 27 HOH HOH A . 
E 5 HOH 40 240 39 HOH HOH A . 
E 5 HOH 41 241 52 HOH HOH A . 
E 5 HOH 42 242 3  HOH HOH A . 
E 5 HOH 43 243 11 HOH HOH A . 
E 5 HOH 44 244 26 HOH HOH A . 
E 5 HOH 45 245 12 HOH HOH A . 
E 5 HOH 46 246 9  HOH HOH A . 
E 5 HOH 47 247 10 HOH HOH A . 
E 5 HOH 48 248 69 HOH HOH A . 
E 5 HOH 49 249 33 HOH HOH A . 
E 5 HOH 50 250 30 HOH HOH A . 
E 5 HOH 51 251 64 HOH HOH A . 
E 5 HOH 52 252 15 HOH HOH A . 
E 5 HOH 53 253 82 HOH HOH A . 
E 5 HOH 54 254 50 HOH HOH A . 
E 5 HOH 55 255 40 HOH HOH A . 
E 5 HOH 56 256 76 HOH HOH A . 
E 5 HOH 57 257 60 HOH HOH A . 
E 5 HOH 58 258 6  HOH HOH A . 
E 5 HOH 59 259 77 HOH HOH A . 
E 5 HOH 60 260 19 HOH HOH A . 
E 5 HOH 61 261 47 HOH HOH A . 
E 5 HOH 62 262 56 HOH HOH A . 
E 5 HOH 63 263 59 HOH HOH A . 
E 5 HOH 64 264 21 HOH HOH A . 
E 5 HOH 65 265 35 HOH HOH A . 
E 5 HOH 66 266 80 HOH HOH A . 
E 5 HOH 67 267 57 HOH HOH A . 
E 5 HOH 68 268 24 HOH HOH A . 
E 5 HOH 69 269 14 HOH HOH A . 
E 5 HOH 70 270 74 HOH HOH A . 
E 5 HOH 71 271 58 HOH HOH A . 
E 5 HOH 72 272 70 HOH HOH A . 
# 
loop_
_software.citation_id 
_software.classification 
_software.compiler_name 
_software.compiler_version 
_software.contact_author 
_software.contact_author_email 
_software.date 
_software.description 
_software.dependencies 
_software.hardware 
_software.language 
_software.location 
_software.mods 
_software.name 
_software.os 
_software.os_version 
_software.type 
_software.version 
_software.pdbx_ordinal 
? refinement       ? ? ? ? ? ? ? ? ? ? ? REFMAC ? ? ? 5.8.0238 1 
? 'data reduction' ? ? ? ? ? ? ? ? ? ? ? xia2   ? ? ? .        2 
? 'data scaling'   ? ? ? ? ? ? ? ? ? ? ? xia2   ? ? ? .        3 
? phasing          ? ? ? ? ? ? ? ? ? ? ? MOLREP ? ? ? .        4 
# 
_cell.angle_alpha                  90.00 
_cell.angle_alpha_esd              ? 
_cell.angle_beta                   90.00 
_cell.angle_beta_esd               ? 
_cell.angle_gamma                  120.00 
_cell.angle_gamma_esd              ? 
_cell.entry_id                     6OGL 
_cell.details                      ? 
_cell.formula_units_Z              ? 
_cell.length_a                     62.984 
_cell.length_a_esd                 ? 
_cell.length_b                     62.984 
_cell.length_b_esd                 ? 
_cell.length_c                     81.893 
_cell.length_c_esd                 ? 
_cell.volume                       ? 
_cell.volume_esd                   ? 
_cell.Z_PDB                        12 
_cell.reciprocal_angle_alpha       ? 
_cell.reciprocal_angle_beta        ? 
_cell.reciprocal_angle_gamma       ? 
_cell.reciprocal_angle_alpha_esd   ? 
_cell.reciprocal_angle_beta_esd    ? 
_cell.reciprocal_angle_gamma_esd   ? 
_cell.reciprocal_length_a          ? 
_cell.reciprocal_length_b          ? 
_cell.reciprocal_length_c          ? 
_cell.reciprocal_length_a_esd      ? 
_cell.reciprocal_length_b_esd      ? 
_cell.reciprocal_length_c_esd      ? 
_cell.pdbx_unique_axis             ? 
# 
_symmetry.entry_id                         6OGL 
_symmetry.cell_setting                     ? 
_symmetry.Int_Tables_number                178 
_symmetry.space_group_name_Hall            ? 
_symmetry.space_group_name_H-M             'P 61 2 2' 
_symmetry.pdbx_full_space_group_name_H-M   ? 
# 
_exptl.absorpt_coefficient_mu     ? 
_exptl.absorpt_correction_T_max   ? 
_exptl.absorpt_correction_T_min   ? 
_exptl.absorpt_correction_type    ? 
_exptl.absorpt_process_details    ? 
_exptl.entry_id                   6OGL 
_exptl.crystals_number            1 
_exptl.details                    ? 
_exptl.method                     'X-RAY DIFFRACTION' 
_exptl.method_details             ? 
# 
_exptl_crystal.colour                      ? 
_exptl_crystal.density_diffrn              ? 
_exptl_crystal.density_Matthews            2.16 
_exptl_crystal.density_method              ? 
_exptl_crystal.density_percent_sol         42.94 
_exptl_crystal.description                 ? 
_exptl_crystal.F_000                       ? 
_exptl_crystal.id                          1 
_exptl_crystal.preparation                 ? 
_exptl_crystal.size_max                    ? 
_exptl_crystal.size_mid                    ? 
_exptl_crystal.size_min                    ? 
_exptl_crystal.size_rad                    ? 
_exptl_crystal.colour_lustre               ? 
_exptl_crystal.colour_modifier             ? 
_exptl_crystal.colour_primary              ? 
_exptl_crystal.density_meas                ? 
_exptl_crystal.density_meas_esd            ? 
_exptl_crystal.density_meas_gt             ? 
_exptl_crystal.density_meas_lt             ? 
_exptl_crystal.density_meas_temp           ? 
_exptl_crystal.density_meas_temp_esd       ? 
_exptl_crystal.density_meas_temp_gt        ? 
_exptl_crystal.density_meas_temp_lt        ? 
_exptl_crystal.pdbx_crystal_image_url      ? 
_exptl_crystal.pdbx_crystal_image_format   ? 
_exptl_crystal.pdbx_mosaicity              ? 
_exptl_crystal.pdbx_mosaicity_esd          ? 
# 
_exptl_crystal_grow.apparatus       ? 
_exptl_crystal_grow.atmosphere      ? 
_exptl_crystal_grow.crystal_id      1 
_exptl_crystal_grow.details         ? 
_exptl_crystal_grow.method          'VAPOR DIFFUSION, HANGING DROP' 
_exptl_crystal_grow.method_ref      ? 
_exptl_crystal_grow.pH              6.7 
_exptl_crystal_grow.pressure        ? 
_exptl_crystal_grow.pressure_esd    ? 
_exptl_crystal_grow.seeding         ? 
_exptl_crystal_grow.seeding_ref     ? 
_exptl_crystal_grow.temp            298.0 
_exptl_crystal_grow.temp_details    ? 
_exptl_crystal_grow.temp_esd        ? 
_exptl_crystal_grow.time            ? 
_exptl_crystal_grow.pdbx_details    '0.2 M (NH4)2SO4, 0.1 M MES (pH 6.7), 15% (v/v) PEG8000' 
_exptl_crystal_grow.pdbx_pH_range   ? 
# 
_diffrn.ambient_environment              ? 
_diffrn.ambient_temp                     100 
_diffrn.ambient_temp_details             ? 
_diffrn.ambient_temp_esd                 ? 
_diffrn.crystal_id                       1 
_diffrn.crystal_support                  ? 
_diffrn.crystal_treatment                ? 
_diffrn.details                          ? 
_diffrn.id                               1 
_diffrn.ambient_pressure                 ? 
_diffrn.ambient_pressure_esd             ? 
_diffrn.ambient_pressure_gt              ? 
_diffrn.ambient_pressure_lt              ? 
_diffrn.ambient_temp_gt                  ? 
_diffrn.ambient_temp_lt                  ? 
_diffrn.pdbx_serial_crystal_experiment   N 
# 
_diffrn_detector.details                      ? 
_diffrn_detector.detector                     PIXEL 
_diffrn_detector.diffrn_id                    1 
_diffrn_detector.type                         'DECTRIS PILATUS 6M' 
_diffrn_detector.area_resol_mean              ? 
_diffrn_detector.dtime                        ? 
_diffrn_detector.pdbx_frames_total            ? 
_diffrn_detector.pdbx_collection_time_total   ? 
_diffrn_detector.pdbx_collection_date         2016-06-16 
_diffrn_detector.pdbx_frequency               ? 
# 
_diffrn_radiation.collimation                      ? 
_diffrn_radiation.diffrn_id                        1 
_diffrn_radiation.filter_edge                      ? 
_diffrn_radiation.inhomogeneity                    ? 
_diffrn_radiation.monochromator                    ? 
_diffrn_radiation.polarisn_norm                    ? 
_diffrn_radiation.polarisn_ratio                   ? 
_diffrn_radiation.probe                            ? 
_diffrn_radiation.type                             ? 
_diffrn_radiation.xray_symbol                      ? 
_diffrn_radiation.wavelength_id                    1 
_diffrn_radiation.pdbx_monochromatic_or_laue_m_l   M 
_diffrn_radiation.pdbx_wavelength_list             ? 
_diffrn_radiation.pdbx_wavelength                  ? 
_diffrn_radiation.pdbx_diffrn_protocol             'SINGLE WAVELENGTH' 
_diffrn_radiation.pdbx_analyzer                    ? 
_diffrn_radiation.pdbx_scattering_type             x-ray 
# 
_diffrn_radiation_wavelength.id           1 
_diffrn_radiation_wavelength.wavelength   1.0 
_diffrn_radiation_wavelength.wt           1.0 
# 
_diffrn_source.current                     ? 
_diffrn_source.details                     ? 
_diffrn_source.diffrn_id                   1 
_diffrn_source.power                       ? 
_diffrn_source.size                        ? 
_diffrn_source.source                      SYNCHROTRON 
_diffrn_source.target                      ? 
_diffrn_source.type                        'SPRING-8 BEAMLINE BL41XU' 
_diffrn_source.voltage                     ? 
_diffrn_source.take-off_angle              ? 
_diffrn_source.pdbx_wavelength_list        1.0 
_diffrn_source.pdbx_wavelength             ? 
_diffrn_source.pdbx_synchrotron_beamline   BL41XU 
_diffrn_source.pdbx_synchrotron_site       SPring-8 
# 
_reflns.B_iso_Wilson_estimate            ? 
_reflns.entry_id                         6OGL 
_reflns.data_reduction_details           ? 
_reflns.data_reduction_method            ? 
_reflns.d_resolution_high                1.21 
_reflns.d_resolution_low                 45.40 
_reflns.details                          ? 
_reflns.limit_h_max                      ? 
_reflns.limit_h_min                      ? 
_reflns.limit_k_max                      ? 
_reflns.limit_k_min                      ? 
_reflns.limit_l_max                      ? 
_reflns.limit_l_min                      ? 
_reflns.number_all                       ? 
_reflns.number_obs                       29933 
_reflns.observed_criterion               ? 
_reflns.observed_criterion_F_max         ? 
_reflns.observed_criterion_F_min         ? 
_reflns.observed_criterion_I_max         ? 
_reflns.observed_criterion_I_min         ? 
_reflns.observed_criterion_sigma_F       ? 
_reflns.observed_criterion_sigma_I       ? 
_reflns.percent_possible_obs             100.0 
_reflns.R_free_details                   ? 
_reflns.Rmerge_F_all                     ? 
_reflns.Rmerge_F_obs                     ? 
_reflns.Friedel_coverage                 ? 
_reflns.number_gt                        ? 
_reflns.threshold_expression             ? 
_reflns.pdbx_redundancy                  17.2 
_reflns.pdbx_Rmerge_I_obs                ? 
_reflns.pdbx_Rmerge_I_all                ? 
_reflns.pdbx_Rsym_value                  ? 
_reflns.pdbx_netI_over_av_sigmaI         ? 
_reflns.pdbx_netI_over_sigmaI            9.80 
_reflns.pdbx_res_netI_over_av_sigmaI_2   ? 
_reflns.pdbx_res_netI_over_sigmaI_2      ? 
_reflns.pdbx_chi_squared                 ? 
_reflns.pdbx_scaling_rejects             ? 
_reflns.pdbx_d_res_high_opt              ? 
_reflns.pdbx_d_res_low_opt               ? 
_reflns.pdbx_d_res_opt_method            ? 
_reflns.phase_calculation_details        ? 
_reflns.pdbx_Rrim_I_all                  ? 
_reflns.pdbx_Rpim_I_all                  ? 
_reflns.pdbx_d_opt                       ? 
_reflns.pdbx_number_measured_all         ? 
_reflns.pdbx_diffrn_id                   1 
_reflns.pdbx_ordinal                     1 
_reflns.pdbx_CC_half                     ? 
_reflns.pdbx_R_split                     ? 
# 
_reflns_shell.d_res_high                  1.21 
_reflns_shell.d_res_low                   1.25 
_reflns_shell.meanI_over_sigI_all         ? 
_reflns_shell.meanI_over_sigI_obs         ? 
_reflns_shell.number_measured_all         ? 
_reflns_shell.number_measured_obs         ? 
_reflns_shell.number_possible             ? 
_reflns_shell.number_unique_all           ? 
_reflns_shell.number_unique_obs           29856 
_reflns_shell.percent_possible_all        ? 
_reflns_shell.percent_possible_obs        ? 
_reflns_shell.Rmerge_F_all                ? 
_reflns_shell.Rmerge_F_obs                ? 
_reflns_shell.Rmerge_I_all                ? 
_reflns_shell.Rmerge_I_obs                ? 
_reflns_shell.meanI_over_sigI_gt          ? 
_reflns_shell.meanI_over_uI_all           ? 
_reflns_shell.meanI_over_uI_gt            ? 
_reflns_shell.number_measured_gt          ? 
_reflns_shell.number_unique_gt            ? 
_reflns_shell.percent_possible_gt         ? 
_reflns_shell.Rmerge_F_gt                 ? 
_reflns_shell.Rmerge_I_gt                 ? 
_reflns_shell.pdbx_redundancy             ? 
_reflns_shell.pdbx_Rsym_value             ? 
_reflns_shell.pdbx_chi_squared            ? 
_reflns_shell.pdbx_netI_over_sigmaI_all   ? 
_reflns_shell.pdbx_netI_over_sigmaI_obs   ? 
_reflns_shell.pdbx_Rrim_I_all             ? 
_reflns_shell.pdbx_Rpim_I_all             ? 
_reflns_shell.pdbx_rejects                ? 
_reflns_shell.pdbx_ordinal                1 
_reflns_shell.pdbx_diffrn_id              1 
_reflns_shell.pdbx_CC_half                ? 
_reflns_shell.pdbx_R_split                ? 
# 
_refine.aniso_B[1][1]                            0.27 
_refine.aniso_B[1][2]                            0.13 
_refine.aniso_B[1][3]                            0.00 
_refine.aniso_B[2][2]                            0.27 
_refine.aniso_B[2][3]                            0.00 
_refine.aniso_B[3][3]                            -0.86 
_refine.B_iso_max                                ? 
_refine.B_iso_mean                               15.451 
_refine.B_iso_min                                ? 
_refine.correlation_coeff_Fo_to_Fc               0.967 
_refine.correlation_coeff_Fo_to_Fc_free          0.969 
_refine.details                                  'HYDROGENS HAVE BEEN ADDED IN THE RIDING POSITIONS' 
_refine.diff_density_max                         ? 
_refine.diff_density_max_esd                     ? 
_refine.diff_density_min                         ? 
_refine.diff_density_min_esd                     ? 
_refine.diff_density_rms                         ? 
_refine.diff_density_rms_esd                     ? 
_refine.entry_id                                 6OGL 
_refine.pdbx_refine_id                           'X-RAY DIFFRACTION' 
_refine.ls_abs_structure_details                 ? 
_refine.ls_abs_structure_Flack                   ? 
_refine.ls_abs_structure_Flack_esd               ? 
_refine.ls_abs_structure_Rogers                  ? 
_refine.ls_abs_structure_Rogers_esd              ? 
_refine.ls_d_res_high                            1.21 
_refine.ls_d_res_low                             45.40 
_refine.ls_extinction_coef                       ? 
_refine.ls_extinction_coef_esd                   ? 
_refine.ls_extinction_expression                 ? 
_refine.ls_extinction_method                     ? 
_refine.ls_goodness_of_fit_all                   ? 
_refine.ls_goodness_of_fit_all_esd               ? 
_refine.ls_goodness_of_fit_obs                   ? 
_refine.ls_goodness_of_fit_obs_esd               ? 
_refine.ls_hydrogen_treatment                    ? 
_refine.ls_matrix_type                           ? 
_refine.ls_number_constraints                    ? 
_refine.ls_number_parameters                     ? 
_refine.ls_number_reflns_all                     ? 
_refine.ls_number_reflns_obs                     28425 
_refine.ls_number_reflns_R_free                  1445 
_refine.ls_number_reflns_R_work                  ? 
_refine.ls_number_restraints                     ? 
_refine.ls_percent_reflns_obs                    99.86 
_refine.ls_percent_reflns_R_free                 4.8 
_refine.ls_R_factor_all                          ? 
_refine.ls_R_factor_obs                          0.19304 
_refine.ls_R_factor_R_free                       0.20146 
_refine.ls_R_factor_R_free_error                 ? 
_refine.ls_R_factor_R_free_error_details         ? 
_refine.ls_R_factor_R_work                       0.19263 
_refine.ls_R_Fsqd_factor_obs                     ? 
_refine.ls_R_I_factor_obs                        ? 
_refine.ls_redundancy_reflns_all                 ? 
_refine.ls_redundancy_reflns_obs                 ? 
_refine.ls_restrained_S_all                      ? 
_refine.ls_restrained_S_obs                      ? 
_refine.ls_shift_over_esd_max                    ? 
_refine.ls_shift_over_esd_mean                   ? 
_refine.ls_structure_factor_coef                 ? 
_refine.ls_weighting_details                     ? 
_refine.ls_weighting_scheme                      ? 
_refine.ls_wR_factor_all                         ? 
_refine.ls_wR_factor_obs                         ? 
_refine.ls_wR_factor_R_free                      ? 
_refine.ls_wR_factor_R_work                      ? 
_refine.occupancy_max                            ? 
_refine.occupancy_min                            ? 
_refine.solvent_model_details                    ? 
_refine.solvent_model_param_bsol                 ? 
_refine.solvent_model_param_ksol                 ? 
_refine.ls_R_factor_gt                           ? 
_refine.ls_goodness_of_fit_gt                    ? 
_refine.ls_goodness_of_fit_ref                   ? 
_refine.ls_shift_over_su_max                     ? 
_refine.ls_shift_over_su_max_lt                  ? 
_refine.ls_shift_over_su_mean                    ? 
_refine.ls_shift_over_su_mean_lt                 ? 
_refine.pdbx_ls_sigma_I                          ? 
_refine.pdbx_ls_sigma_F                          ? 
_refine.pdbx_ls_sigma_Fsqd                       ? 
_refine.pdbx_data_cutoff_high_absF               ? 
_refine.pdbx_data_cutoff_high_rms_absF           ? 
_refine.pdbx_data_cutoff_low_absF                ? 
_refine.pdbx_isotropic_thermal_model             ? 
_refine.pdbx_ls_cross_valid_method               THROUGHOUT 
_refine.pdbx_method_to_determine_struct          'MOLECULAR REPLACEMENT' 
_refine.pdbx_starting_model                      ? 
_refine.pdbx_stereochemistry_target_values       ? 
_refine.pdbx_R_Free_selection_details            RANDOM 
_refine.pdbx_stereochem_target_val_spec_case     ? 
_refine.pdbx_overall_ESU_R                       0.045 
_refine.pdbx_overall_ESU_R_Free                  0.044 
_refine.pdbx_solvent_vdw_probe_radii             1.20 
_refine.pdbx_solvent_ion_probe_radii             0.80 
_refine.pdbx_solvent_shrinkage_radii             0.80 
_refine.pdbx_real_space_R                        ? 
_refine.pdbx_density_correlation                 ? 
_refine.pdbx_pd_number_of_powder_patterns        ? 
_refine.pdbx_pd_number_of_points                 ? 
_refine.pdbx_pd_meas_number_of_points            ? 
_refine.pdbx_pd_proc_ls_prof_R_factor            ? 
_refine.pdbx_pd_proc_ls_prof_wR_factor           ? 
_refine.pdbx_pd_Marquardt_correlation_coeff      ? 
_refine.pdbx_pd_Fsqrd_R_factor                   ? 
_refine.pdbx_pd_ls_matrix_band_width             ? 
_refine.pdbx_overall_phase_error                 ? 
_refine.pdbx_overall_SU_R_free_Cruickshank_DPI   ? 
_refine.pdbx_overall_SU_R_free_Blow_DPI          ? 
_refine.pdbx_overall_SU_R_Blow_DPI               ? 
_refine.pdbx_TLS_residual_ADP_flag               ? 
_refine.pdbx_diffrn_id                           1 
_refine.overall_SU_B                             0.845 
_refine.overall_SU_ML                            0.036 
_refine.overall_SU_R_Cruickshank_DPI             ? 
_refine.overall_SU_R_free                        ? 
_refine.overall_FOM_free_R_set                   ? 
_refine.overall_FOM_work_R_set                   ? 
_refine.pdbx_average_fsc_overall                 ? 
_refine.pdbx_average_fsc_work                    ? 
_refine.pdbx_average_fsc_free                    ? 
# 
_refine_hist.pdbx_refine_id                   'X-RAY DIFFRACTION' 
_refine_hist.cycle_id                         1 
_refine_hist.details                          ? 
_refine_hist.d_res_high                       1.21 
_refine_hist.d_res_low                        45.40 
_refine_hist.number_atoms_solvent             72 
_refine_hist.number_atoms_total               893 
_refine_hist.number_reflns_all                ? 
_refine_hist.number_reflns_obs                ? 
_refine_hist.number_reflns_R_free             ? 
_refine_hist.number_reflns_R_work             ? 
_refine_hist.R_factor_all                     ? 
_refine_hist.R_factor_obs                     ? 
_refine_hist.R_factor_R_free                  ? 
_refine_hist.R_factor_R_work                  ? 
_refine_hist.pdbx_number_residues_total       ? 
_refine_hist.pdbx_B_iso_mean_ligand           ? 
_refine_hist.pdbx_B_iso_mean_solvent          ? 
_refine_hist.pdbx_number_atoms_protein        764 
_refine_hist.pdbx_number_atoms_nucleic_acid   0 
_refine_hist.pdbx_number_atoms_ligand         57 
_refine_hist.pdbx_number_atoms_lipid          ? 
_refine_hist.pdbx_number_atoms_carb           ? 
_refine_hist.pdbx_pseudo_atom_details         ? 
# 
loop_
_refine_ls_restr.pdbx_refine_id 
_refine_ls_restr.criterion 
_refine_ls_restr.dev_ideal 
_refine_ls_restr.dev_ideal_target 
_refine_ls_restr.number 
_refine_ls_restr.rejects 
_refine_ls_restr.type 
_refine_ls_restr.weight 
_refine_ls_restr.pdbx_restraint_function 
'X-RAY DIFFRACTION' ? 0.018  0.014  853  ? r_bond_refined_d             ? ? 
'X-RAY DIFFRACTION' ? 0.005  0.018  823  ? r_bond_other_d               ? ? 
'X-RAY DIFFRACTION' ? 2.194  1.738  1163 ? r_angle_refined_deg          ? ? 
'X-RAY DIFFRACTION' ? 1.702  1.662  1912 ? r_angle_other_deg            ? ? 
'X-RAY DIFFRACTION' ? 7.835  5.000  100  ? r_dihedral_angle_1_deg       ? ? 
'X-RAY DIFFRACTION' ? 39.001 22.432 37   ? r_dihedral_angle_2_deg       ? ? 
'X-RAY DIFFRACTION' ? 10.464 15.000 137  ? r_dihedral_angle_3_deg       ? ? 
'X-RAY DIFFRACTION' ? 5.371  15.000 5    ? r_dihedral_angle_4_deg       ? ? 
'X-RAY DIFFRACTION' ? 0.113  0.200  121  ? r_chiral_restr               ? ? 
'X-RAY DIFFRACTION' ? 0.012  0.020  909  ? r_gen_planes_refined         ? ? 
'X-RAY DIFFRACTION' ? 0.003  0.020  166  ? r_gen_planes_other           ? ? 
'X-RAY DIFFRACTION' ? ?      ?      ?    ? r_nbd_refined                ? ? 
'X-RAY DIFFRACTION' ? ?      ?      ?    ? r_nbd_other                  ? ? 
'X-RAY DIFFRACTION' ? ?      ?      ?    ? r_nbtor_refined              ? ? 
'X-RAY DIFFRACTION' ? ?      ?      ?    ? r_nbtor_other                ? ? 
'X-RAY DIFFRACTION' ? ?      ?      ?    ? r_xyhbond_nbd_refined        ? ? 
'X-RAY DIFFRACTION' ? ?      ?      ?    ? r_xyhbond_nbd_other          ? ? 
'X-RAY DIFFRACTION' ? ?      ?      ?    ? r_metal_ion_refined          ? ? 
'X-RAY DIFFRACTION' ? ?      ?      ?    ? r_metal_ion_other            ? ? 
'X-RAY DIFFRACTION' ? ?      ?      ?    ? r_symmetry_vdw_refined       ? ? 
'X-RAY DIFFRACTION' ? ?      ?      ?    ? r_symmetry_vdw_other         ? ? 
'X-RAY DIFFRACTION' ? ?      ?      ?    ? r_symmetry_hbond_refined     ? ? 
'X-RAY DIFFRACTION' ? ?      ?      ?    ? r_symmetry_hbond_other       ? ? 
'X-RAY DIFFRACTION' ? ?      ?      ?    ? r_symmetry_metal_ion_refined ? ? 
'X-RAY DIFFRACTION' ? ?      ?      ?    ? r_symmetry_metal_ion_other   ? ? 
'X-RAY DIFFRACTION' ? 1.683  1.369  400  ? r_mcbond_it                  ? ? 
'X-RAY DIFFRACTION' ? 1.671  1.366  399  ? r_mcbond_other               ? ? 
'X-RAY DIFFRACTION' ? 2.540  2.060  500  ? r_mcangle_it                 ? ? 
'X-RAY DIFFRACTION' ? 2.544  2.062  501  ? r_mcangle_other              ? ? 
'X-RAY DIFFRACTION' ? 2.630  1.722  449  ? r_scbond_it                  ? ? 
'X-RAY DIFFRACTION' ? 2.628  1.722  450  ? r_scbond_other               ? ? 
'X-RAY DIFFRACTION' ? ?      ?      ?    ? r_scangle_it                 ? ? 
'X-RAY DIFFRACTION' ? 4.241  2.442  660  ? r_scangle_other              ? ? 
'X-RAY DIFFRACTION' ? 5.700  16.995 858  ? r_long_range_B_refined       ? ? 
'X-RAY DIFFRACTION' ? 5.702  17.004 857  ? r_long_range_B_other         ? ? 
'X-RAY DIFFRACTION' ? ?      ?      ?    ? r_rigid_bond_restr           ? ? 
'X-RAY DIFFRACTION' ? ?      ?      ?    ? r_sphericity_free            ? ? 
'X-RAY DIFFRACTION' ? ?      ?      ?    ? r_sphericity_bonded          ? ? 
# 
_refine_ls_shell.pdbx_refine_id                   'X-RAY DIFFRACTION' 
_refine_ls_shell.d_res_high                       1.210 
_refine_ls_shell.d_res_low                        1.241 
_refine_ls_shell.number_reflns_all                ? 
_refine_ls_shell.number_reflns_obs                ? 
_refine_ls_shell.number_reflns_R_free             91 
_refine_ls_shell.number_reflns_R_work             2046 
_refine_ls_shell.percent_reflns_obs               98.66 
_refine_ls_shell.percent_reflns_R_free            ? 
_refine_ls_shell.R_factor_all                     ? 
_refine_ls_shell.R_factor_obs                     ? 
_refine_ls_shell.R_factor_R_free                  0.296 
_refine_ls_shell.R_factor_R_free_error            ? 
_refine_ls_shell.R_factor_R_work                  0.313 
_refine_ls_shell.redundancy_reflns_all            ? 
_refine_ls_shell.redundancy_reflns_obs            ? 
_refine_ls_shell.wR_factor_all                    ? 
_refine_ls_shell.wR_factor_obs                    ? 
_refine_ls_shell.wR_factor_R_free                 ? 
_refine_ls_shell.wR_factor_R_work                 ? 
_refine_ls_shell.pdbx_total_number_of_bins_used   20 
_refine_ls_shell.pdbx_phase_error                 ? 
_refine_ls_shell.pdbx_fsc_work                    ? 
_refine_ls_shell.pdbx_fsc_free                    ? 
# 
_struct.entry_id                     6OGL 
_struct.title                        'X-ray crystal structure of darunavir-resistant HIV-1 protease (P51) in complex with GRL-003' 
_struct.pdbx_model_details           ? 
_struct.pdbx_formula_weight          ? 
_struct.pdbx_formula_weight_method   ? 
_struct.pdbx_model_type_details      ? 
_struct.pdbx_CASP_flag               N 
# 
_struct_keywords.entry_id        6OGL 
_struct_keywords.text            'Inhibitor, VIRAL PROTEIN, VIRAL PROTEIN-INHIBITOR complex' 
_struct_keywords.pdbx_keywords   'VIRAL PROTEIN/INHIBITOR' 
# 
loop_
_struct_asym.id 
_struct_asym.pdbx_blank_PDB_chainid_flag 
_struct_asym.pdbx_modified 
_struct_asym.entity_id 
_struct_asym.details 
A N N 1 ? 
B N N 2 ? 
C N N 3 ? 
D N N 4 ? 
E N N 5 ? 
# 
_struct_ref.id                         1 
_struct_ref.db_name                    UNP 
_struct_ref.db_code                    O38893_9HIV1 
_struct_ref.pdbx_db_accession          O38893 
_struct_ref.pdbx_db_isoform            ? 
_struct_ref.entity_id                  1 
_struct_ref.pdbx_seq_one_letter_code   
;PQITLWQRPIVTIKVGGQLREALIDTGADDTVLEEINLPGRWKPKLIGGIGGFVKVRQYDQIPIEICGHQAIGTVLVGPT
PANIIGRNMLTQIGCTLNF
;
_struct_ref.pdbx_align_begin           1 
# 
_struct_ref_seq.align_id                      1 
_struct_ref_seq.ref_id                        1 
_struct_ref_seq.pdbx_PDB_id_code              6OGL 
_struct_ref_seq.pdbx_strand_id                A 
_struct_ref_seq.seq_align_beg                 1 
_struct_ref_seq.pdbx_seq_align_beg_ins_code   ? 
_struct_ref_seq.seq_align_end                 99 
_struct_ref_seq.pdbx_seq_align_end_ins_code   ? 
_struct_ref_seq.pdbx_db_accession             O38893 
_struct_ref_seq.db_align_beg                  1 
_struct_ref_seq.pdbx_db_align_beg_ins_code    ? 
_struct_ref_seq.db_align_end                  99 
_struct_ref_seq.pdbx_db_align_end_ins_code    ? 
_struct_ref_seq.pdbx_auth_seq_align_beg       1 
_struct_ref_seq.pdbx_auth_seq_align_end       99 
# 
loop_
_struct_ref_seq_dif.align_id 
_struct_ref_seq_dif.pdbx_pdb_id_code 
_struct_ref_seq_dif.mon_id 
_struct_ref_seq_dif.pdbx_pdb_strand_id 
_struct_ref_seq_dif.seq_num 
_struct_ref_seq_dif.pdbx_pdb_ins_code 
_struct_ref_seq_dif.pdbx_seq_db_name 
_struct_ref_seq_dif.pdbx_seq_db_accession_code 
_struct_ref_seq_dif.db_mon_id 
_struct_ref_seq_dif.pdbx_seq_db_seq_num 
_struct_ref_seq_dif.details 
_struct_ref_seq_dif.pdbx_auth_seq_num 
_struct_ref_seq_dif.pdbx_ordinal 
1 6OGL ILE A 32 ? UNP O38893 VAL 32 conflict 32 1 
1 6OGL PHE A 33 ? UNP O38893 LEU 33 conflict 33 2 
1 6OGL MET A 54 ? UNP O38893 VAL 54 conflict 54 3 
1 6OGL ILE A 82 ? UNP O38893 ALA 82 conflict 82 4 
1 6OGL VAL A 84 ? UNP O38893 ILE 84 conflict 84 5 
# 
_pdbx_struct_assembly.id                   1 
_pdbx_struct_assembly.details              author_and_software_defined_assembly 
_pdbx_struct_assembly.method_details       PISA 
_pdbx_struct_assembly.oligomeric_details   dimeric 
_pdbx_struct_assembly.oligomeric_count     2 
# 
loop_
_pdbx_struct_assembly_prop.biol_id 
_pdbx_struct_assembly_prop.type 
_pdbx_struct_assembly_prop.value 
_pdbx_struct_assembly_prop.details 
1 'ABSA (A^2)' 4750 ? 
1 MORE         -22  ? 
1 'SSA (A^2)'  9350 ? 
# 
_pdbx_struct_assembly_gen.assembly_id       1 
_pdbx_struct_assembly_gen.oper_expression   1,2 
_pdbx_struct_assembly_gen.asym_id_list      A,B,C,D,E 
# 
_pdbx_struct_assembly_auth_evidence.id                     1 
_pdbx_struct_assembly_auth_evidence.assembly_id            1 
_pdbx_struct_assembly_auth_evidence.experimental_support   'gel filtration' 
_pdbx_struct_assembly_auth_evidence.details                ? 
# 
loop_
_pdbx_struct_oper_list.id 
_pdbx_struct_oper_list.type 
_pdbx_struct_oper_list.name 
_pdbx_struct_oper_list.symmetry_operation 
_pdbx_struct_oper_list.matrix[1][1] 
_pdbx_struct_oper_list.matrix[1][2] 
_pdbx_struct_oper_list.matrix[1][3] 
_pdbx_struct_oper_list.vector[1] 
_pdbx_struct_oper_list.matrix[2][1] 
_pdbx_struct_oper_list.matrix[2][2] 
_pdbx_struct_oper_list.matrix[2][3] 
_pdbx_struct_oper_list.vector[2] 
_pdbx_struct_oper_list.matrix[3][1] 
_pdbx_struct_oper_list.matrix[3][2] 
_pdbx_struct_oper_list.matrix[3][3] 
_pdbx_struct_oper_list.vector[3] 
1 'identity operation'         1_555 x,y,z          1.0000000000  0.0000000000 0.0000000000  0.0000000000  0.0000000000 1.0000000000  0.0000000000  0.0000000000  0.0000000000  0.0000000000  1.0000000000 0.0000000000 
2 'crystal symmetry operation' 7_645 y+1,x-1,-z+1/3 -0.1627499764 0.3511216891 -0.9220770058 -5.6995389487 0.3511216891 -0.8527483582 -0.3866960008 20.5750814495 -0.9220770058 -0.3866960008 0.0154983346 2.6596674862 
# 
loop_
_struct_conf.conf_type_id 
_struct_conf.id 
_struct_conf.pdbx_PDB_helix_id 
_struct_conf.beg_label_comp_id 
_struct_conf.beg_label_asym_id 
_struct_conf.beg_label_seq_id 
_struct_conf.pdbx_beg_PDB_ins_code 
_struct_conf.end_label_comp_id 
_struct_conf.end_label_asym_id 
_struct_conf.end_label_seq_id 
_struct_conf.pdbx_end_PDB_ins_code 
_struct_conf.beg_auth_comp_id 
_struct_conf.beg_auth_asym_id 
_struct_conf.beg_auth_seq_id 
_struct_conf.end_auth_comp_id 
_struct_conf.end_auth_asym_id 
_struct_conf.end_auth_seq_id 
_struct_conf.pdbx_PDB_helix_class 
_struct_conf.details 
_struct_conf.pdbx_PDB_helix_length 
HELX_P HELX_P1 AA1 GLY A 86 ? THR A 91 ? GLY A 86 THR A 91 1 ? 6 
HELX_P HELX_P2 AA2 GLN A 92 ? GLY A 94 ? GLN A 92 GLY A 94 5 ? 3 
# 
_struct_conf_type.id          HELX_P 
_struct_conf_type.criteria    ? 
_struct_conf_type.reference   ? 
# 
_struct_sheet.id               AA1 
_struct_sheet.type             ? 
_struct_sheet.number_strands   8 
_struct_sheet.details          ? 
# 
loop_
_struct_sheet_order.sheet_id 
_struct_sheet_order.range_id_1 
_struct_sheet_order.range_id_2 
_struct_sheet_order.offset 
_struct_sheet_order.sense 
AA1 1 2 ? anti-parallel 
AA1 2 3 ? anti-parallel 
AA1 3 4 ? parallel      
AA1 4 5 ? anti-parallel 
AA1 5 6 ? parallel      
AA1 6 7 ? anti-parallel 
AA1 7 8 ? anti-parallel 
# 
loop_
_struct_sheet_range.sheet_id 
_struct_sheet_range.id 
_struct_sheet_range.beg_label_comp_id 
_struct_sheet_range.beg_label_asym_id 
_struct_sheet_range.beg_label_seq_id 
_struct_sheet_range.pdbx_beg_PDB_ins_code 
_struct_sheet_range.end_label_comp_id 
_struct_sheet_range.end_label_asym_id 
_struct_sheet_range.end_label_seq_id 
_struct_sheet_range.pdbx_end_PDB_ins_code 
_struct_sheet_range.beg_auth_comp_id 
_struct_sheet_range.beg_auth_asym_id 
_struct_sheet_range.beg_auth_seq_id 
_struct_sheet_range.end_auth_comp_id 
_struct_sheet_range.end_auth_asym_id 
_struct_sheet_range.end_auth_seq_id 
AA1 1 LYS A 43 ? GLY A 49 ? LYS A 43 GLY A 49 
AA1 2 GLY A 52 ? ILE A 66 ? GLY A 52 ILE A 66 
AA1 3 HIS A 69 ? VAL A 77 ? HIS A 69 VAL A 77 
AA1 4 ILE A 32 ? PHE A 33 ? ILE A 32 PHE A 33 
AA1 5 VAL A 84 ? ILE A 85 ? VAL A 84 ILE A 85 
AA1 6 GLN A 18 ? ILE A 24 ? GLN A 18 ILE A 24 
AA1 7 ILE A 10 ? VAL A 15 ? ILE A 10 VAL A 15 
AA1 8 GLY A 52 ? ILE A 66 ? GLY A 52 ILE A 66 
# 
loop_
_pdbx_struct_sheet_hbond.sheet_id 
_pdbx_struct_sheet_hbond.range_id_1 
_pdbx_struct_sheet_hbond.range_id_2 
_pdbx_struct_sheet_hbond.range_1_label_atom_id 
_pdbx_struct_sheet_hbond.range_1_label_comp_id 
_pdbx_struct_sheet_hbond.range_1_label_asym_id 
_pdbx_struct_sheet_hbond.range_1_label_seq_id 
_pdbx_struct_sheet_hbond.range_1_PDB_ins_code 
_pdbx_struct_sheet_hbond.range_1_auth_atom_id 
_pdbx_struct_sheet_hbond.range_1_auth_comp_id 
_pdbx_struct_sheet_hbond.range_1_auth_asym_id 
_pdbx_struct_sheet_hbond.range_1_auth_seq_id 
_pdbx_struct_sheet_hbond.range_2_label_atom_id 
_pdbx_struct_sheet_hbond.range_2_label_comp_id 
_pdbx_struct_sheet_hbond.range_2_label_asym_id 
_pdbx_struct_sheet_hbond.range_2_label_seq_id 
_pdbx_struct_sheet_hbond.range_2_PDB_ins_code 
_pdbx_struct_sheet_hbond.range_2_auth_atom_id 
_pdbx_struct_sheet_hbond.range_2_auth_comp_id 
_pdbx_struct_sheet_hbond.range_2_auth_asym_id 
_pdbx_struct_sheet_hbond.range_2_auth_seq_id 
AA1 1 2 N LYS A 45 ? N LYS A 45 O VAL A 56 ? O VAL A 56 
AA1 2 3 N ILE A 66 ? N ILE A 66 O HIS A 69 ? O HIS A 69 
AA1 3 4 O LEU A 76 ? O LEU A 76 N PHE A 33 ? N PHE A 33 
AA1 4 5 N ILE A 32 ? N ILE A 32 O VAL A 84 ? O VAL A 84 
AA1 5 6 O ILE A 85 ? O ILE A 85 N LEU A 23 ? N LEU A 23 
AA1 6 7 O ARG A 20 ? O ARG A 20 N ILE A 13 ? N ILE A 13 
AA1 7 8 N LYS A 14 ? N LYS A 14 O GLU A 65 ? O GLU A 65 
# 
loop_
_struct_site.id 
_struct_site.pdbx_evidence_code 
_struct_site.pdbx_auth_asym_id 
_struct_site.pdbx_auth_comp_id 
_struct_site.pdbx_auth_seq_id 
_struct_site.pdbx_auth_ins_code 
_struct_site.pdbx_num_residues 
_struct_site.details 
AC1 Software A GOL 101 ? 7  'binding site for residue GOL A 101' 
AC2 Software A EDO 102 ? 4  'binding site for residue EDO A 102' 
AC3 Software A JDV 103 ? 22 'binding site for residue JDV A 103' 
# 
loop_
_struct_site_gen.id 
_struct_site_gen.site_id 
_struct_site_gen.pdbx_num_res 
_struct_site_gen.label_comp_id 
_struct_site_gen.label_asym_id 
_struct_site_gen.label_seq_id 
_struct_site_gen.pdbx_auth_ins_code 
_struct_site_gen.auth_comp_id 
_struct_site_gen.auth_asym_id 
_struct_site_gen.auth_seq_id 
_struct_site_gen.label_atom_id 
_struct_site_gen.label_alt_id 
_struct_site_gen.symmetry 
_struct_site_gen.details 
1  AC1 7  LYS A 14 ? LYS A 14  . ? 1_555  ? 
2  AC1 7  GLY A 16 ? GLY A 16  . ? 1_555  ? 
3  AC1 7  GLY A 17 ? GLY A 17  . ? 1_555  ? 
4  AC1 7  GLN A 70 ? GLN A 70  . ? 1_555  ? 
5  AC1 7  HOH E .  ? HOH A 209 . ? 1_555  ? 
6  AC1 7  HOH E .  ? HOH A 211 . ? 1_555  ? 
7  AC1 7  HOH E .  ? HOH A 254 . ? 1_555  ? 
8  AC2 4  LYS A 45 ? LYS A 45  . ? 1_555  ? 
9  AC2 4  LEU A 46 ? LEU A 46  . ? 1_555  ? 
10 AC2 4  GLY A 52 ? GLY A 52  . ? 12_545 ? 
11 AC2 4  HOH E .  ? HOH A 210 . ? 1_555  ? 
12 AC3 22 ASP A 25 ? ASP A 25  . ? 1_555  ? 
13 AC3 22 ASP A 25 ? ASP A 25  . ? 7_645  ? 
14 AC3 22 GLY A 27 ? GLY A 27  . ? 7_645  ? 
15 AC3 22 GLY A 27 ? GLY A 27  . ? 1_555  ? 
16 AC3 22 ALA A 28 ? ALA A 28  . ? 1_555  ? 
17 AC3 22 ASP A 29 ? ASP A 29  . ? 1_555  ? 
18 AC3 22 ASP A 29 ? ASP A 29  . ? 7_645  ? 
19 AC3 22 ASP A 30 ? ASP A 30  . ? 1_555  ? 
20 AC3 22 ASP A 30 ? ASP A 30  . ? 7_645  ? 
21 AC3 22 ILE A 32 ? ILE A 32  . ? 1_555  ? 
22 AC3 22 ILE A 47 ? ILE A 47  . ? 7_645  ? 
23 AC3 22 GLY A 48 ? GLY A 48  . ? 1_555  ? 
24 AC3 22 GLY A 48 ? GLY A 48  . ? 7_645  ? 
25 AC3 22 GLY A 49 ? GLY A 49  . ? 7_645  ? 
26 AC3 22 GLY A 49 ? GLY A 49  . ? 1_555  ? 
27 AC3 22 ILE A 50 ? ILE A 50  . ? 7_645  ? 
28 AC3 22 PRO A 81 ? PRO A 81  . ? 1_555  ? 
29 AC3 22 ILE A 82 ? ILE A 82  . ? 7_645  ? 
30 AC3 22 ILE A 82 ? ILE A 82  . ? 1_555  ? 
31 AC3 22 HOH E .  ? HOH A 201 . ? 1_555  ? 
32 AC3 22 HOH E .  ? HOH A 212 . ? 7_645  ? 
33 AC3 22 HOH E .  ? HOH A 212 . ? 1_555  ? 
# 
_pdbx_validate_close_contact.id               1 
_pdbx_validate_close_contact.PDB_model_num    1 
_pdbx_validate_close_contact.auth_atom_id_1   CG 
_pdbx_validate_close_contact.auth_asym_id_1   A 
_pdbx_validate_close_contact.auth_comp_id_1   PRO 
_pdbx_validate_close_contact.auth_seq_id_1    81 
_pdbx_validate_close_contact.PDB_ins_code_1   ? 
_pdbx_validate_close_contact.label_alt_id_1   ? 
_pdbx_validate_close_contact.auth_atom_id_2   FBU 
_pdbx_validate_close_contact.auth_asym_id_2   A 
_pdbx_validate_close_contact.auth_comp_id_2   JDV 
_pdbx_validate_close_contact.auth_seq_id_2    103 
_pdbx_validate_close_contact.PDB_ins_code_2   ? 
_pdbx_validate_close_contact.label_alt_id_2   ? 
_pdbx_validate_close_contact.dist             1.80 
# 
_pdbx_validate_symm_contact.id                1 
_pdbx_validate_symm_contact.PDB_model_num     1 
_pdbx_validate_symm_contact.auth_atom_id_1    OD1 
_pdbx_validate_symm_contact.auth_asym_id_1    A 
_pdbx_validate_symm_contact.auth_comp_id_1    ASN 
_pdbx_validate_symm_contact.auth_seq_id_1     98 
_pdbx_validate_symm_contact.PDB_ins_code_1    ? 
_pdbx_validate_symm_contact.label_alt_id_1    ? 
_pdbx_validate_symm_contact.site_symmetry_1   1_555 
_pdbx_validate_symm_contact.auth_atom_id_2    OD1 
_pdbx_validate_symm_contact.auth_asym_id_2    A 
_pdbx_validate_symm_contact.auth_comp_id_2    ASN 
_pdbx_validate_symm_contact.auth_seq_id_2     98 
_pdbx_validate_symm_contact.PDB_ins_code_2    ? 
_pdbx_validate_symm_contact.label_alt_id_2    ? 
_pdbx_validate_symm_contact.site_symmetry_2   7_645 
_pdbx_validate_symm_contact.dist              2.05 
# 
_pdbx_validate_torsion.id              1 
_pdbx_validate_torsion.PDB_model_num   1 
_pdbx_validate_torsion.auth_comp_id    PRO 
_pdbx_validate_torsion.auth_asym_id    A 
_pdbx_validate_torsion.auth_seq_id     79 
_pdbx_validate_torsion.PDB_ins_code    ? 
_pdbx_validate_torsion.label_alt_id    ? 
_pdbx_validate_torsion.phi             -68.64 
_pdbx_validate_torsion.psi             47.52 
# 
loop_
_pdbx_struct_special_symmetry.id 
_pdbx_struct_special_symmetry.PDB_model_num 
_pdbx_struct_special_symmetry.auth_asym_id 
_pdbx_struct_special_symmetry.auth_comp_id 
_pdbx_struct_special_symmetry.auth_seq_id 
_pdbx_struct_special_symmetry.PDB_ins_code 
_pdbx_struct_special_symmetry.label_asym_id 
_pdbx_struct_special_symmetry.label_comp_id 
_pdbx_struct_special_symmetry.label_seq_id 
1 1 A HOH 212 ? E HOH . 
2 1 A HOH 266 ? E HOH . 
3 1 A HOH 267 ? E HOH . 
# 
loop_
_chem_comp_atom.comp_id 
_chem_comp_atom.atom_id 
_chem_comp_atom.type_symbol 
_chem_comp_atom.pdbx_aromatic_flag 
_chem_comp_atom.pdbx_stereo_config 
_chem_comp_atom.pdbx_ordinal 
ALA N    N N N 1   
ALA CA   C N S 2   
ALA C    C N N 3   
ALA O    O N N 4   
ALA CB   C N N 5   
ALA OXT  O N N 6   
ALA H    H N N 7   
ALA H2   H N N 8   
ALA HA   H N N 9   
ALA HB1  H N N 10  
ALA HB2  H N N 11  
ALA HB3  H N N 12  
ALA HXT  H N N 13  
ARG N    N N N 14  
ARG CA   C N S 15  
ARG C    C N N 16  
ARG O    O N N 17  
ARG CB   C N N 18  
ARG CG   C N N 19  
ARG CD   C N N 20  
ARG NE   N N N 21  
ARG CZ   C N N 22  
ARG NH1  N N N 23  
ARG NH2  N N N 24  
ARG OXT  O N N 25  
ARG H    H N N 26  
ARG H2   H N N 27  
ARG HA   H N N 28  
ARG HB2  H N N 29  
ARG HB3  H N N 30  
ARG HG2  H N N 31  
ARG HG3  H N N 32  
ARG HD2  H N N 33  
ARG HD3  H N N 34  
ARG HE   H N N 35  
ARG HH11 H N N 36  
ARG HH12 H N N 37  
ARG HH21 H N N 38  
ARG HH22 H N N 39  
ARG HXT  H N N 40  
ASN N    N N N 41  
ASN CA   C N S 42  
ASN C    C N N 43  
ASN O    O N N 44  
ASN CB   C N N 45  
ASN CG   C N N 46  
ASN OD1  O N N 47  
ASN ND2  N N N 48  
ASN OXT  O N N 49  
ASN H    H N N 50  
ASN H2   H N N 51  
ASN HA   H N N 52  
ASN HB2  H N N 53  
ASN HB3  H N N 54  
ASN HD21 H N N 55  
ASN HD22 H N N 56  
ASN HXT  H N N 57  
ASP N    N N N 58  
ASP CA   C N S 59  
ASP C    C N N 60  
ASP O    O N N 61  
ASP CB   C N N 62  
ASP CG   C N N 63  
ASP OD1  O N N 64  
ASP OD2  O N N 65  
ASP OXT  O N N 66  
ASP H    H N N 67  
ASP H2   H N N 68  
ASP HA   H N N 69  
ASP HB2  H N N 70  
ASP HB3  H N N 71  
ASP HD2  H N N 72  
ASP HXT  H N N 73  
CYS N    N N N 74  
CYS CA   C N R 75  
CYS C    C N N 76  
CYS O    O N N 77  
CYS CB   C N N 78  
CYS SG   S N N 79  
CYS OXT  O N N 80  
CYS H    H N N 81  
CYS H2   H N N 82  
CYS HA   H N N 83  
CYS HB2  H N N 84  
CYS HB3  H N N 85  
CYS HG   H N N 86  
CYS HXT  H N N 87  
EDO C1   C N N 88  
EDO O1   O N N 89  
EDO C2   C N N 90  
EDO O2   O N N 91  
EDO H11  H N N 92  
EDO H12  H N N 93  
EDO HO1  H N N 94  
EDO H21  H N N 95  
EDO H22  H N N 96  
EDO HO2  H N N 97  
GLN N    N N N 98  
GLN CA   C N S 99  
GLN C    C N N 100 
GLN O    O N N 101 
GLN CB   C N N 102 
GLN CG   C N N 103 
GLN CD   C N N 104 
GLN OE1  O N N 105 
GLN NE2  N N N 106 
GLN OXT  O N N 107 
GLN H    H N N 108 
GLN H2   H N N 109 
GLN HA   H N N 110 
GLN HB2  H N N 111 
GLN HB3  H N N 112 
GLN HG2  H N N 113 
GLN HG3  H N N 114 
GLN HE21 H N N 115 
GLN HE22 H N N 116 
GLN HXT  H N N 117 
GLU N    N N N 118 
GLU CA   C N S 119 
GLU C    C N N 120 
GLU O    O N N 121 
GLU CB   C N N 122 
GLU CG   C N N 123 
GLU CD   C N N 124 
GLU OE1  O N N 125 
GLU OE2  O N N 126 
GLU OXT  O N N 127 
GLU H    H N N 128 
GLU H2   H N N 129 
GLU HA   H N N 130 
GLU HB2  H N N 131 
GLU HB3  H N N 132 
GLU HG2  H N N 133 
GLU HG3  H N N 134 
GLU HE2  H N N 135 
GLU HXT  H N N 136 
GLY N    N N N 137 
GLY CA   C N N 138 
GLY C    C N N 139 
GLY O    O N N 140 
GLY OXT  O N N 141 
GLY H    H N N 142 
GLY H2   H N N 143 
GLY HA2  H N N 144 
GLY HA3  H N N 145 
GLY HXT  H N N 146 
GOL C1   C N N 147 
GOL O1   O N N 148 
GOL C2   C N N 149 
GOL O2   O N N 150 
GOL C3   C N N 151 
GOL O3   O N N 152 
GOL H11  H N N 153 
GOL H12  H N N 154 
GOL HO1  H N N 155 
GOL H2   H N N 156 
GOL HO2  H N N 157 
GOL H31  H N N 158 
GOL H32  H N N 159 
GOL HO3  H N N 160 
HIS N    N N N 161 
HIS CA   C N S 162 
HIS C    C N N 163 
HIS O    O N N 164 
HIS CB   C N N 165 
HIS CG   C Y N 166 
HIS ND1  N Y N 167 
HIS CD2  C Y N 168 
HIS CE1  C Y N 169 
HIS NE2  N Y N 170 
HIS OXT  O N N 171 
HIS H    H N N 172 
HIS H2   H N N 173 
HIS HA   H N N 174 
HIS HB2  H N N 175 
HIS HB3  H N N 176 
HIS HD1  H N N 177 
HIS HD2  H N N 178 
HIS HE1  H N N 179 
HIS HE2  H N N 180 
HIS HXT  H N N 181 
HOH O    O N N 182 
HOH H1   H N N 183 
HOH H2   H N N 184 
ILE N    N N N 185 
ILE CA   C N S 186 
ILE C    C N N 187 
ILE O    O N N 188 
ILE CB   C N S 189 
ILE CG1  C N N 190 
ILE CG2  C N N 191 
ILE CD1  C N N 192 
ILE OXT  O N N 193 
ILE H    H N N 194 
ILE H2   H N N 195 
ILE HA   H N N 196 
ILE HB   H N N 197 
ILE HG12 H N N 198 
ILE HG13 H N N 199 
ILE HG21 H N N 200 
ILE HG22 H N N 201 
ILE HG23 H N N 202 
ILE HD11 H N N 203 
ILE HD12 H N N 204 
ILE HD13 H N N 205 
ILE HXT  H N N 206 
JDV CAA  C N R 207 
JDV CAC  C N N 208 
JDV CAD  C N S 209 
JDV CAE  C N R 210 
JDV CAF  C N S 211 
JDV CAG  C N R 212 
JDV CAH  C N N 213 
JDV CAJ  C N N 214 
JDV CAL  C N N 215 
JDV CAO  C N S 216 
JDV CAP  C N N 217 
JDV CAS  C Y N 218 
JDV CAT  C N R 219 
JDV CAW  C N N 220 
JDV CAX  C Y N 221 
JDV CAY  C Y N 222 
JDV CAZ  C Y N 223 
JDV CBA  C Y N 224 
JDV CBB  C Y N 225 
JDV CBD  C Y N 226 
JDV CBG  C N N 227 
JDV CBH  C Y N 228 
JDV CBI  C Y N 229 
JDV CBJ  C Y N 230 
JDV CBK  C Y N 231 
JDV CBL  C Y N 232 
JDV CBM  C Y N 233 
JDV CBN  C N N 234 
JDV CBO  C N N 235 
JDV CBQ  C N N 236 
JDV CBR  C N N 237 
JDV CBS  C N N 238 
JDV CBT  C N N 239 
JDV FBU  F N N 240 
JDV NAN  N N N 241 
JDV NAQ  N N N 242 
JDV NBE  N Y N 243 
JDV NBF  N N N 244 
JDV OAB  O N N 245 
JDV OAI  O N N 246 
JDV OAK  O N N 247 
JDV OAM  O N N 248 
JDV OAU  O N N 249 
JDV OAV  O N N 250 
JDV OBP  O N N 251 
JDV SAR  S N N 252 
JDV SBC  S Y N 253 
JDV HAA  H N N 254 
JDV HAD  H N N 255 
JDV HAC  H N N 256 
JDV HAE  H N N 257 
JDV HAF  H N N 258 
JDV HAG  H N N 259 
JDV HAH  H N N 260 
JDV HAI  H N N 261 
JDV HAJ  H N N 262 
JDV HAK  H N N 263 
JDV HAL  H N N 264 
JDV HAO  H N N 265 
JDV HAP  H N N 266 
JDV HAQ  H N N 267 
JDV HAT  H N N 268 
JDV HAW  H N N 269 
JDV HAX  H N N 270 
JDV HAY  H N N 271 
JDV HBA  H N N 272 
JDV HBB  H N N 273 
JDV HBG  H N N 274 
JDV HBI  H N N 275 
JDV HBJ  H N N 276 
JDV HBL  H N N 277 
JDV HBM  H N N 278 
JDV HBO  H N N 279 
JDV HBN  H N N 280 
JDV HBQ  H N N 281 
JDV HBP  H N N 282 
JDV HBR  H N N 283 
JDV HBS  H N N 284 
JDV HBT  H N N 285 
JDV HBV  H N N 286 
JDV HBW  H N N 287 
JDV HBU  H N N 288 
JDV HBZ  H N N 289 
JDV HBX  H N N 290 
JDV HBY  H N N 291 
JDV HAN  H N N 292 
JDV HBF  H N N 293 
JDV HB0  H N N 294 
LEU N    N N N 295 
LEU CA   C N S 296 
LEU C    C N N 297 
LEU O    O N N 298 
LEU CB   C N N 299 
LEU CG   C N N 300 
LEU CD1  C N N 301 
LEU CD2  C N N 302 
LEU OXT  O N N 303 
LEU H    H N N 304 
LEU H2   H N N 305 
LEU HA   H N N 306 
LEU HB2  H N N 307 
LEU HB3  H N N 308 
LEU HG   H N N 309 
LEU HD11 H N N 310 
LEU HD12 H N N 311 
LEU HD13 H N N 312 
LEU HD21 H N N 313 
LEU HD22 H N N 314 
LEU HD23 H N N 315 
LEU HXT  H N N 316 
LYS N    N N N 317 
LYS CA   C N S 318 
LYS C    C N N 319 
LYS O    O N N 320 
LYS CB   C N N 321 
LYS CG   C N N 322 
LYS CD   C N N 323 
LYS CE   C N N 324 
LYS NZ   N N N 325 
LYS OXT  O N N 326 
LYS H    H N N 327 
LYS H2   H N N 328 
LYS HA   H N N 329 
LYS HB2  H N N 330 
LYS HB3  H N N 331 
LYS HG2  H N N 332 
LYS HG3  H N N 333 
LYS HD2  H N N 334 
LYS HD3  H N N 335 
LYS HE2  H N N 336 
LYS HE3  H N N 337 
LYS HZ1  H N N 338 
LYS HZ2  H N N 339 
LYS HZ3  H N N 340 
LYS HXT  H N N 341 
MET N    N N N 342 
MET CA   C N S 343 
MET C    C N N 344 
MET O    O N N 345 
MET CB   C N N 346 
MET CG   C N N 347 
MET SD   S N N 348 
MET CE   C N N 349 
MET OXT  O N N 350 
MET H    H N N 351 
MET H2   H N N 352 
MET HA   H N N 353 
MET HB2  H N N 354 
MET HB3  H N N 355 
MET HG2  H N N 356 
MET HG3  H N N 357 
MET HE1  H N N 358 
MET HE2  H N N 359 
MET HE3  H N N 360 
MET HXT  H N N 361 
PHE N    N N N 362 
PHE CA   C N S 363 
PHE C    C N N 364 
PHE O    O N N 365 
PHE CB   C N N 366 
PHE CG   C Y N 367 
PHE CD1  C Y N 368 
PHE CD2  C Y N 369 
PHE CE1  C Y N 370 
PHE CE2  C Y N 371 
PHE CZ   C Y N 372 
PHE OXT  O N N 373 
PHE H    H N N 374 
PHE H2   H N N 375 
PHE HA   H N N 376 
PHE HB2  H N N 377 
PHE HB3  H N N 378 
PHE HD1  H N N 379 
PHE HD2  H N N 380 
PHE HE1  H N N 381 
PHE HE2  H N N 382 
PHE HZ   H N N 383 
PHE HXT  H N N 384 
PRO N    N N N 385 
PRO CA   C N S 386 
PRO C    C N N 387 
PRO O    O N N 388 
PRO CB   C N N 389 
PRO CG   C N N 390 
PRO CD   C N N 391 
PRO OXT  O N N 392 
PRO H    H N N 393 
PRO HA   H N N 394 
PRO HB2  H N N 395 
PRO HB3  H N N 396 
PRO HG2  H N N 397 
PRO HG3  H N N 398 
PRO HD2  H N N 399 
PRO HD3  H N N 400 
PRO HXT  H N N 401 
THR N    N N N 402 
THR CA   C N S 403 
THR C    C N N 404 
THR O    O N N 405 
THR CB   C N R 406 
THR OG1  O N N 407 
THR CG2  C N N 408 
THR OXT  O N N 409 
THR H    H N N 410 
THR H2   H N N 411 
THR HA   H N N 412 
THR HB   H N N 413 
THR HG1  H N N 414 
THR HG21 H N N 415 
THR HG22 H N N 416 
THR HG23 H N N 417 
THR HXT  H N N 418 
TRP N    N N N 419 
TRP CA   C N S 420 
TRP C    C N N 421 
TRP O    O N N 422 
TRP CB   C N N 423 
TRP CG   C Y N 424 
TRP CD1  C Y N 425 
TRP CD2  C Y N 426 
TRP NE1  N Y N 427 
TRP CE2  C Y N 428 
TRP CE3  C Y N 429 
TRP CZ2  C Y N 430 
TRP CZ3  C Y N 431 
TRP CH2  C Y N 432 
TRP OXT  O N N 433 
TRP H    H N N 434 
TRP H2   H N N 435 
TRP HA   H N N 436 
TRP HB2  H N N 437 
TRP HB3  H N N 438 
TRP HD1  H N N 439 
TRP HE1  H N N 440 
TRP HE3  H N N 441 
TRP HZ2  H N N 442 
TRP HZ3  H N N 443 
TRP HH2  H N N 444 
TRP HXT  H N N 445 
TYR N    N N N 446 
TYR CA   C N S 447 
TYR C    C N N 448 
TYR O    O N N 449 
TYR CB   C N N 450 
TYR CG   C Y N 451 
TYR CD1  C Y N 452 
TYR CD2  C Y N 453 
TYR CE1  C Y N 454 
TYR CE2  C Y N 455 
TYR CZ   C Y N 456 
TYR OH   O N N 457 
TYR OXT  O N N 458 
TYR H    H N N 459 
TYR H2   H N N 460 
TYR HA   H N N 461 
TYR HB2  H N N 462 
TYR HB3  H N N 463 
TYR HD1  H N N 464 
TYR HD2  H N N 465 
TYR HE1  H N N 466 
TYR HE2  H N N 467 
TYR HH   H N N 468 
TYR HXT  H N N 469 
VAL N    N N N 470 
VAL CA   C N S 471 
VAL C    C N N 472 
VAL O    O N N 473 
VAL CB   C N N 474 
VAL CG1  C N N 475 
VAL CG2  C N N 476 
VAL OXT  O N N 477 
VAL H    H N N 478 
VAL H2   H N N 479 
VAL HA   H N N 480 
VAL HB   H N N 481 
VAL HG11 H N N 482 
VAL HG12 H N N 483 
VAL HG13 H N N 484 
VAL HG21 H N N 485 
VAL HG22 H N N 486 
VAL HG23 H N N 487 
VAL HXT  H N N 488 
# 
loop_
_chem_comp_bond.comp_id 
_chem_comp_bond.atom_id_1 
_chem_comp_bond.atom_id_2 
_chem_comp_bond.value_order 
_chem_comp_bond.pdbx_aromatic_flag 
_chem_comp_bond.pdbx_stereo_config 
_chem_comp_bond.pdbx_ordinal 
ALA N   CA   sing N N 1   
ALA N   H    sing N N 2   
ALA N   H2   sing N N 3   
ALA CA  C    sing N N 4   
ALA CA  CB   sing N N 5   
ALA CA  HA   sing N N 6   
ALA C   O    doub N N 7   
ALA C   OXT  sing N N 8   
ALA CB  HB1  sing N N 9   
ALA CB  HB2  sing N N 10  
ALA CB  HB3  sing N N 11  
ALA OXT HXT  sing N N 12  
ARG N   CA   sing N N 13  
ARG N   H    sing N N 14  
ARG N   H2   sing N N 15  
ARG CA  C    sing N N 16  
ARG CA  CB   sing N N 17  
ARG CA  HA   sing N N 18  
ARG C   O    doub N N 19  
ARG C   OXT  sing N N 20  
ARG CB  CG   sing N N 21  
ARG CB  HB2  sing N N 22  
ARG CB  HB3  sing N N 23  
ARG CG  CD   sing N N 24  
ARG CG  HG2  sing N N 25  
ARG CG  HG3  sing N N 26  
ARG CD  NE   sing N N 27  
ARG CD  HD2  sing N N 28  
ARG CD  HD3  sing N N 29  
ARG NE  CZ   sing N N 30  
ARG NE  HE   sing N N 31  
ARG CZ  NH1  sing N N 32  
ARG CZ  NH2  doub N N 33  
ARG NH1 HH11 sing N N 34  
ARG NH1 HH12 sing N N 35  
ARG NH2 HH21 sing N N 36  
ARG NH2 HH22 sing N N 37  
ARG OXT HXT  sing N N 38  
ASN N   CA   sing N N 39  
ASN N   H    sing N N 40  
ASN N   H2   sing N N 41  
ASN CA  C    sing N N 42  
ASN CA  CB   sing N N 43  
ASN CA  HA   sing N N 44  
ASN C   O    doub N N 45  
ASN C   OXT  sing N N 46  
ASN CB  CG   sing N N 47  
ASN CB  HB2  sing N N 48  
ASN CB  HB3  sing N N 49  
ASN CG  OD1  doub N N 50  
ASN CG  ND2  sing N N 51  
ASN ND2 HD21 sing N N 52  
ASN ND2 HD22 sing N N 53  
ASN OXT HXT  sing N N 54  
ASP N   CA   sing N N 55  
ASP N   H    sing N N 56  
ASP N   H2   sing N N 57  
ASP CA  C    sing N N 58  
ASP CA  CB   sing N N 59  
ASP CA  HA   sing N N 60  
ASP C   O    doub N N 61  
ASP C   OXT  sing N N 62  
ASP CB  CG   sing N N 63  
ASP CB  HB2  sing N N 64  
ASP CB  HB3  sing N N 65  
ASP CG  OD1  doub N N 66  
ASP CG  OD2  sing N N 67  
ASP OD2 HD2  sing N N 68  
ASP OXT HXT  sing N N 69  
CYS N   CA   sing N N 70  
CYS N   H    sing N N 71  
CYS N   H2   sing N N 72  
CYS CA  C    sing N N 73  
CYS CA  CB   sing N N 74  
CYS CA  HA   sing N N 75  
CYS C   O    doub N N 76  
CYS C   OXT  sing N N 77  
CYS CB  SG   sing N N 78  
CYS CB  HB2  sing N N 79  
CYS CB  HB3  sing N N 80  
CYS SG  HG   sing N N 81  
CYS OXT HXT  sing N N 82  
EDO C1  O1   sing N N 83  
EDO C1  C2   sing N N 84  
EDO C1  H11  sing N N 85  
EDO C1  H12  sing N N 86  
EDO O1  HO1  sing N N 87  
EDO C2  O2   sing N N 88  
EDO C2  H21  sing N N 89  
EDO C2  H22  sing N N 90  
EDO O2  HO2  sing N N 91  
GLN N   CA   sing N N 92  
GLN N   H    sing N N 93  
GLN N   H2   sing N N 94  
GLN CA  C    sing N N 95  
GLN CA  CB   sing N N 96  
GLN CA  HA   sing N N 97  
GLN C   O    doub N N 98  
GLN C   OXT  sing N N 99  
GLN CB  CG   sing N N 100 
GLN CB  HB2  sing N N 101 
GLN CB  HB3  sing N N 102 
GLN CG  CD   sing N N 103 
GLN CG  HG2  sing N N 104 
GLN CG  HG3  sing N N 105 
GLN CD  OE1  doub N N 106 
GLN CD  NE2  sing N N 107 
GLN NE2 HE21 sing N N 108 
GLN NE2 HE22 sing N N 109 
GLN OXT HXT  sing N N 110 
GLU N   CA   sing N N 111 
GLU N   H    sing N N 112 
GLU N   H2   sing N N 113 
GLU CA  C    sing N N 114 
GLU CA  CB   sing N N 115 
GLU CA  HA   sing N N 116 
GLU C   O    doub N N 117 
GLU C   OXT  sing N N 118 
GLU CB  CG   sing N N 119 
GLU CB  HB2  sing N N 120 
GLU CB  HB3  sing N N 121 
GLU CG  CD   sing N N 122 
GLU CG  HG2  sing N N 123 
GLU CG  HG3  sing N N 124 
GLU CD  OE1  doub N N 125 
GLU CD  OE2  sing N N 126 
GLU OE2 HE2  sing N N 127 
GLU OXT HXT  sing N N 128 
GLY N   CA   sing N N 129 
GLY N   H    sing N N 130 
GLY N   H2   sing N N 131 
GLY CA  C    sing N N 132 
GLY CA  HA2  sing N N 133 
GLY CA  HA3  sing N N 134 
GLY C   O    doub N N 135 
GLY C   OXT  sing N N 136 
GLY OXT HXT  sing N N 137 
GOL C1  O1   sing N N 138 
GOL C1  C2   sing N N 139 
GOL C1  H11  sing N N 140 
GOL C1  H12  sing N N 141 
GOL O1  HO1  sing N N 142 
GOL C2  O2   sing N N 143 
GOL C2  C3   sing N N 144 
GOL C2  H2   sing N N 145 
GOL O2  HO2  sing N N 146 
GOL C3  O3   sing N N 147 
GOL C3  H31  sing N N 148 
GOL C3  H32  sing N N 149 
GOL O3  HO3  sing N N 150 
HIS N   CA   sing N N 151 
HIS N   H    sing N N 152 
HIS N   H2   sing N N 153 
HIS CA  C    sing N N 154 
HIS CA  CB   sing N N 155 
HIS CA  HA   sing N N 156 
HIS C   O    doub N N 157 
HIS C   OXT  sing N N 158 
HIS CB  CG   sing N N 159 
HIS CB  HB2  sing N N 160 
HIS CB  HB3  sing N N 161 
HIS CG  ND1  sing Y N 162 
HIS CG  CD2  doub Y N 163 
HIS ND1 CE1  doub Y N 164 
HIS ND1 HD1  sing N N 165 
HIS CD2 NE2  sing Y N 166 
HIS CD2 HD2  sing N N 167 
HIS CE1 NE2  sing Y N 168 
HIS CE1 HE1  sing N N 169 
HIS NE2 HE2  sing N N 170 
HIS OXT HXT  sing N N 171 
HOH O   H1   sing N N 172 
HOH O   H2   sing N N 173 
ILE N   CA   sing N N 174 
ILE N   H    sing N N 175 
ILE N   H2   sing N N 176 
ILE CA  C    sing N N 177 
ILE CA  CB   sing N N 178 
ILE CA  HA   sing N N 179 
ILE C   O    doub N N 180 
ILE C   OXT  sing N N 181 
ILE CB  CG1  sing N N 182 
ILE CB  CG2  sing N N 183 
ILE CB  HB   sing N N 184 
ILE CG1 CD1  sing N N 185 
ILE CG1 HG12 sing N N 186 
ILE CG1 HG13 sing N N 187 
ILE CG2 HG21 sing N N 188 
ILE CG2 HG22 sing N N 189 
ILE CG2 HG23 sing N N 190 
ILE CD1 HD11 sing N N 191 
ILE CD1 HD12 sing N N 192 
ILE CD1 HD13 sing N N 193 
ILE OXT HXT  sing N N 194 
JDV CBO CBG  sing N N 195 
JDV CBO CBN  sing N N 196 
JDV CBG NBF  sing N N 197 
JDV CBG CBN  sing N N 198 
JDV NBF CBD  sing N N 199 
JDV CBD NBE  doub Y N 200 
JDV CBD SBC  sing Y N 201 
JDV NBE CAZ  sing Y N 202 
JDV SBC CAY  sing Y N 203 
JDV CAZ CBA  doub Y N 204 
JDV CAZ CAY  sing Y N 205 
JDV CBA CBB  sing Y N 206 
JDV CAY CAX  doub Y N 207 
JDV CBB CAS  doub Y N 208 
JDV CAX CAS  sing Y N 209 
JDV CAS SAR  sing N N 210 
JDV SAR OAU  doub N N 211 
JDV SAR OAV  doub N N 212 
JDV SAR NAQ  sing N N 213 
JDV CBQ NAQ  sing N N 214 
JDV CBQ CBR  sing N N 215 
JDV NAQ CAP  sing N N 216 
JDV CAP CAT  sing N N 217 
JDV CBT CBR  sing N N 218 
JDV CBR CBS  sing N N 219 
JDV CAW CAO  sing N N 220 
JDV CAW CBH  sing N N 221 
JDV CAT OBP  sing N N 222 
JDV CAT CAO  sing N N 223 
JDV CBM CBH  doub Y N 224 
JDV CBM CBL  sing Y N 225 
JDV CAO NAN  sing N N 226 
JDV CBH CBI  sing Y N 227 
JDV CBL CBK  doub Y N 228 
JDV CBI CBJ  doub Y N 229 
JDV CBK CBJ  sing Y N 230 
JDV CBK FBU  sing N N 231 
JDV NAN CAL  sing N N 232 
JDV OAM CAL  doub N N 233 
JDV CAL OAK  sing N N 234 
JDV OAK CAF  sing N N 235 
JDV CAF CAD  sing N N 236 
JDV CAF CAG  sing N N 237 
JDV CAC CAD  sing N N 238 
JDV CAC OAB  sing N N 239 
JDV CAD CAE  sing N N 240 
JDV CAG CAJ  sing N N 241 
JDV CAG CAH  sing N N 242 
JDV OAB CAA  sing N N 243 
JDV CAJ OAI  sing N N 244 
JDV CAE CAH  sing N N 245 
JDV CAE CAA  sing N N 246 
JDV CAA OAI  sing N N 247 
JDV CAA HAA  sing N N 248 
JDV CAC HAD  sing N N 249 
JDV CAC HAC  sing N N 250 
JDV CAD HAE  sing N N 251 
JDV CAE HAF  sing N N 252 
JDV CAF HAG  sing N N 253 
JDV CAG HAH  sing N N 254 
JDV CAH HAI  sing N N 255 
JDV CAH HAJ  sing N N 256 
JDV CAJ HAK  sing N N 257 
JDV CAJ HAL  sing N N 258 
JDV CAO HAO  sing N N 259 
JDV CAP HAP  sing N N 260 
JDV CAP HAQ  sing N N 261 
JDV CAT HAT  sing N N 262 
JDV CAW HAW  sing N N 263 
JDV CAW HAX  sing N N 264 
JDV CAX HAY  sing N N 265 
JDV CBA HBA  sing N N 266 
JDV CBB HBB  sing N N 267 
JDV CBG HBG  sing N N 268 
JDV CBI HBI  sing N N 269 
JDV CBJ HBJ  sing N N 270 
JDV CBL HBL  sing N N 271 
JDV CBM HBM  sing N N 272 
JDV CBN HBO  sing N N 273 
JDV CBN HBN  sing N N 274 
JDV CBO HBQ  sing N N 275 
JDV CBO HBP  sing N N 276 
JDV CBQ HBR  sing N N 277 
JDV CBQ HBS  sing N N 278 
JDV CBR HBT  sing N N 279 
JDV CBS HBV  sing N N 280 
JDV CBS HBW  sing N N 281 
JDV CBS HBU  sing N N 282 
JDV CBT HBZ  sing N N 283 
JDV CBT HBX  sing N N 284 
JDV CBT HBY  sing N N 285 
JDV NAN HAN  sing N N 286 
JDV NBF HBF  sing N N 287 
JDV OBP HB0  sing N N 288 
LEU N   CA   sing N N 289 
LEU N   H    sing N N 290 
LEU N   H2   sing N N 291 
LEU CA  C    sing N N 292 
LEU CA  CB   sing N N 293 
LEU CA  HA   sing N N 294 
LEU C   O    doub N N 295 
LEU C   OXT  sing N N 296 
LEU CB  CG   sing N N 297 
LEU CB  HB2  sing N N 298 
LEU CB  HB3  sing N N 299 
LEU CG  CD1  sing N N 300 
LEU CG  CD2  sing N N 301 
LEU CG  HG   sing N N 302 
LEU CD1 HD11 sing N N 303 
LEU CD1 HD12 sing N N 304 
LEU CD1 HD13 sing N N 305 
LEU CD2 HD21 sing N N 306 
LEU CD2 HD22 sing N N 307 
LEU CD2 HD23 sing N N 308 
LEU OXT HXT  sing N N 309 
LYS N   CA   sing N N 310 
LYS N   H    sing N N 311 
LYS N   H2   sing N N 312 
LYS CA  C    sing N N 313 
LYS CA  CB   sing N N 314 
LYS CA  HA   sing N N 315 
LYS C   O    doub N N 316 
LYS C   OXT  sing N N 317 
LYS CB  CG   sing N N 318 
LYS CB  HB2  sing N N 319 
LYS CB  HB3  sing N N 320 
LYS CG  CD   sing N N 321 
LYS CG  HG2  sing N N 322 
LYS CG  HG3  sing N N 323 
LYS CD  CE   sing N N 324 
LYS CD  HD2  sing N N 325 
LYS CD  HD3  sing N N 326 
LYS CE  NZ   sing N N 327 
LYS CE  HE2  sing N N 328 
LYS CE  HE3  sing N N 329 
LYS NZ  HZ1  sing N N 330 
LYS NZ  HZ2  sing N N 331 
LYS NZ  HZ3  sing N N 332 
LYS OXT HXT  sing N N 333 
MET N   CA   sing N N 334 
MET N   H    sing N N 335 
MET N   H2   sing N N 336 
MET CA  C    sing N N 337 
MET CA  CB   sing N N 338 
MET CA  HA   sing N N 339 
MET C   O    doub N N 340 
MET C   OXT  sing N N 341 
MET CB  CG   sing N N 342 
MET CB  HB2  sing N N 343 
MET CB  HB3  sing N N 344 
MET CG  SD   sing N N 345 
MET CG  HG2  sing N N 346 
MET CG  HG3  sing N N 347 
MET SD  CE   sing N N 348 
MET CE  HE1  sing N N 349 
MET CE  HE2  sing N N 350 
MET CE  HE3  sing N N 351 
MET OXT HXT  sing N N 352 
PHE N   CA   sing N N 353 
PHE N   H    sing N N 354 
PHE N   H2   sing N N 355 
PHE CA  C    sing N N 356 
PHE CA  CB   sing N N 357 
PHE CA  HA   sing N N 358 
PHE C   O    doub N N 359 
PHE C   OXT  sing N N 360 
PHE CB  CG   sing N N 361 
PHE CB  HB2  sing N N 362 
PHE CB  HB3  sing N N 363 
PHE CG  CD1  doub Y N 364 
PHE CG  CD2  sing Y N 365 
PHE CD1 CE1  sing Y N 366 
PHE CD1 HD1  sing N N 367 
PHE CD2 CE2  doub Y N 368 
PHE CD2 HD2  sing N N 369 
PHE CE1 CZ   doub Y N 370 
PHE CE1 HE1  sing N N 371 
PHE CE2 CZ   sing Y N 372 
PHE CE2 HE2  sing N N 373 
PHE CZ  HZ   sing N N 374 
PHE OXT HXT  sing N N 375 
PRO N   CA   sing N N 376 
PRO N   CD   sing N N 377 
PRO N   H    sing N N 378 
PRO CA  C    sing N N 379 
PRO CA  CB   sing N N 380 
PRO CA  HA   sing N N 381 
PRO C   O    doub N N 382 
PRO C   OXT  sing N N 383 
PRO CB  CG   sing N N 384 
PRO CB  HB2  sing N N 385 
PRO CB  HB3  sing N N 386 
PRO CG  CD   sing N N 387 
PRO CG  HG2  sing N N 388 
PRO CG  HG3  sing N N 389 
PRO CD  HD2  sing N N 390 
PRO CD  HD3  sing N N 391 
PRO OXT HXT  sing N N 392 
THR N   CA   sing N N 393 
THR N   H    sing N N 394 
THR N   H2   sing N N 395 
THR CA  C    sing N N 396 
THR CA  CB   sing N N 397 
THR CA  HA   sing N N 398 
THR C   O    doub N N 399 
THR C   OXT  sing N N 400 
THR CB  OG1  sing N N 401 
THR CB  CG2  sing N N 402 
THR CB  HB   sing N N 403 
THR OG1 HG1  sing N N 404 
THR CG2 HG21 sing N N 405 
THR CG2 HG22 sing N N 406 
THR CG2 HG23 sing N N 407 
THR OXT HXT  sing N N 408 
TRP N   CA   sing N N 409 
TRP N   H    sing N N 410 
TRP N   H2   sing N N 411 
TRP CA  C    sing N N 412 
TRP CA  CB   sing N N 413 
TRP CA  HA   sing N N 414 
TRP C   O    doub N N 415 
TRP C   OXT  sing N N 416 
TRP CB  CG   sing N N 417 
TRP CB  HB2  sing N N 418 
TRP CB  HB3  sing N N 419 
TRP CG  CD1  doub Y N 420 
TRP CG  CD2  sing Y N 421 
TRP CD1 NE1  sing Y N 422 
TRP CD1 HD1  sing N N 423 
TRP CD2 CE2  doub Y N 424 
TRP CD2 CE3  sing Y N 425 
TRP NE1 CE2  sing Y N 426 
TRP NE1 HE1  sing N N 427 
TRP CE2 CZ2  sing Y N 428 
TRP CE3 CZ3  doub Y N 429 
TRP CE3 HE3  sing N N 430 
TRP CZ2 CH2  doub Y N 431 
TRP CZ2 HZ2  sing N N 432 
TRP CZ3 CH2  sing Y N 433 
TRP CZ3 HZ3  sing N N 434 
TRP CH2 HH2  sing N N 435 
TRP OXT HXT  sing N N 436 
TYR N   CA   sing N N 437 
TYR N   H    sing N N 438 
TYR N   H2   sing N N 439 
TYR CA  C    sing N N 440 
TYR CA  CB   sing N N 441 
TYR CA  HA   sing N N 442 
TYR C   O    doub N N 443 
TYR C   OXT  sing N N 444 
TYR CB  CG   sing N N 445 
TYR CB  HB2  sing N N 446 
TYR CB  HB3  sing N N 447 
TYR CG  CD1  doub Y N 448 
TYR CG  CD2  sing Y N 449 
TYR CD1 CE1  sing Y N 450 
TYR CD1 HD1  sing N N 451 
TYR CD2 CE2  doub Y N 452 
TYR CD2 HD2  sing N N 453 
TYR CE1 CZ   doub Y N 454 
TYR CE1 HE1  sing N N 455 
TYR CE2 CZ   sing Y N 456 
TYR CE2 HE2  sing N N 457 
TYR CZ  OH   sing N N 458 
TYR OH  HH   sing N N 459 
TYR OXT HXT  sing N N 460 
VAL N   CA   sing N N 461 
VAL N   H    sing N N 462 
VAL N   H2   sing N N 463 
VAL CA  C    sing N N 464 
VAL CA  CB   sing N N 465 
VAL CA  HA   sing N N 466 
VAL C   O    doub N N 467 
VAL C   OXT  sing N N 468 
VAL CB  CG1  sing N N 469 
VAL CB  CG2  sing N N 470 
VAL CB  HB   sing N N 471 
VAL CG1 HG11 sing N N 472 
VAL CG1 HG12 sing N N 473 
VAL CG1 HG13 sing N N 474 
VAL CG2 HG21 sing N N 475 
VAL CG2 HG22 sing N N 476 
VAL CG2 HG23 sing N N 477 
VAL OXT HXT  sing N N 478 
# 
_pdbx_audit_support.funding_organization   'National Institutes of Health/National Cancer Institute (NIH/NCI)' 
_pdbx_audit_support.country                'United States' 
_pdbx_audit_support.grant_number           ? 
_pdbx_audit_support.ordinal                1 
# 
_pdbx_entity_instance_feature.ordinal        1 
_pdbx_entity_instance_feature.comp_id        JDV 
_pdbx_entity_instance_feature.asym_id        ? 
_pdbx_entity_instance_feature.seq_num        ? 
_pdbx_entity_instance_feature.auth_comp_id   JDV 
_pdbx_entity_instance_feature.auth_asym_id   ? 
_pdbx_entity_instance_feature.auth_seq_num   ? 
_pdbx_entity_instance_feature.feature_type   'SUBJECT OF INVESTIGATION' 
_pdbx_entity_instance_feature.details        ? 
# 
_atom_sites.entry_id                    6OGL 
_atom_sites.fract_transf_matrix[1][1]   0.01400638 
_atom_sites.fract_transf_matrix[1][2]   0.01042241 
_atom_sites.fract_transf_matrix[1][3]   -0.00559531 
_atom_sites.fract_transf_matrix[2][1]   0.00653893 
_atom_sites.fract_transf_matrix[2][2]   -0.00180628 
_atom_sites.fract_transf_matrix[2][3]   -0.01703170 
_atom_sites.fract_transf_matrix[3][1]   -0.00787089 
_atom_sites.fract_transf_matrix[3][2]   0.00847278 
_atom_sites.fract_transf_matrix[3][3]   -0.00392042 
_atom_sites.fract_transf_vector[1]      1.316089 
_atom_sites.fract_transf_vector[2]      0.435811 
_atom_sites.fract_transf_vector[3]      0.062285 
# 
loop_
_atom_type.symbol 
C 
F 
N 
O 
S 
# 
loop_
_atom_site.group_PDB 
_atom_site.id 
_atom_site.type_symbol 
_atom_site.label_atom_id 
_atom_site.label_alt_id 
_atom_site.label_comp_id 
_atom_site.label_asym_id 
_atom_site.label_entity_id 
_atom_site.label_seq_id 
_atom_site.pdbx_PDB_ins_code 
_atom_site.Cartn_x 
_atom_site.Cartn_y 
_atom_site.Cartn_z 
_atom_site.occupancy 
_atom_site.B_iso_or_equiv 
_atom_site.pdbx_formal_charge 
_atom_site.auth_seq_id 
_atom_site.auth_comp_id 
_atom_site.auth_asym_id 
_atom_site.auth_atom_id 
_atom_site.pdbx_PDB_model_num 
ATOM   1   N N   . PRO A 1 1  ? 6.391   6.451   -14.757 1.00 26.92 ? 1   PRO A N   1 
ATOM   2   C CA  . PRO A 1 1  ? 5.624   7.511   -15.426 1.00 23.30 ? 1   PRO A CA  1 
ATOM   3   C C   . PRO A 1 1  ? 5.506   8.788   -14.573 1.00 20.43 ? 1   PRO A C   1 
ATOM   4   O O   . PRO A 1 1  ? 5.751   8.738   -13.350 1.00 20.83 ? 1   PRO A O   1 
ATOM   5   C CB  . PRO A 1 1  ? 4.242   6.877   -15.631 1.00 25.24 ? 1   PRO A CB  1 
ATOM   6   C CG  . PRO A 1 1  ? 4.063   6.021   -14.409 1.00 27.96 ? 1   PRO A CG  1 
ATOM   7   C CD  . PRO A 1 1  ? 5.460   5.650   -13.974 1.00 27.08 ? 1   PRO A CD  1 
ATOM   8   N N   . GLN A 1 2  ? 5.088   9.883   -15.195 1.00 15.64 ? 2   GLN A N   1 
ATOM   9   C CA  . GLN A 1 2  ? 4.533   11.064  -14.497 1.00 14.35 ? 2   GLN A CA  1 
ATOM   10  C C   . GLN A 1 2  ? 3.035   10.838  -14.383 1.00 12.56 ? 2   GLN A C   1 
ATOM   11  O O   . GLN A 1 2  ? 2.407   10.349  -15.350 1.00 14.35 ? 2   GLN A O   1 
ATOM   12  C CB  . GLN A 1 2  ? 4.879   12.349  -15.240 1.00 15.45 ? 2   GLN A CB  1 
ATOM   13  C CG  . GLN A 1 2  ? 4.327   13.580  -14.523 1.00 17.90 ? 2   GLN A CG  1 
ATOM   14  C CD  . GLN A 1 2  ? 4.809   14.842  -15.189 1.00 21.63 ? 2   GLN A CD  1 
ATOM   15  O OE1 . GLN A 1 2  ? 4.559   15.039  -16.378 1.00 24.29 ? 2   GLN A OE1 1 
ATOM   16  N NE2 . GLN A 1 2  ? 5.590   15.629  -14.468 1.00 24.34 ? 2   GLN A NE2 1 
ATOM   17  N N   . ILE A 1 3  ? 2.449   11.163  -13.235 1.00 11.32 ? 3   ILE A N   1 
ATOM   18  C CA  . ILE A 1 3  ? 1.001   11.015  -12.993 1.00 11.03 ? 3   ILE A CA  1 
ATOM   19  C C   . ILE A 1 3  ? 0.480   12.359  -12.504 1.00 10.97 ? 3   ILE A C   1 
ATOM   20  O O   . ILE A 1 3  ? 0.984   12.890  -11.482 1.00 11.25 ? 3   ILE A O   1 
ATOM   21  C CB  . ILE A 1 3  ? 0.729   9.895   -11.977 1.00 11.38 ? 3   ILE A CB  1 
ATOM   22  C CG1 . ILE A 1 3  ? 1.364   8.560   -12.415 1.00 12.81 ? 3   ILE A CG1 1 
ATOM   23  C CG2 . ILE A 1 3  ? -0.769  9.763   -11.769 1.00 12.31 ? 3   ILE A CG2 1 
ATOM   24  C CD1 . ILE A 1 3  ? 1.169   7.457   -11.426 1.00 15.23 ? 3   ILE A CD1 1 
ATOM   25  N N   . THR A 1 4  ? -0.494  12.939  -13.193 1.00 10.03 ? 4   THR A N   1 
ATOM   26  C CA  . THR A 1 4  ? -1.124  14.180  -12.699 1.00 10.31 ? 4   THR A CA  1 
ATOM   27  C C   . THR A 1 4  ? -2.215  13.832  -11.705 1.00 9.53  ? 4   THR A C   1 
ATOM   28  O O   . THR A 1 4  ? -2.499  12.649  -11.468 1.00 11.17 ? 4   THR A O   1 
ATOM   29  C CB  . THR A 1 4  ? -1.676  14.987  -13.874 1.00 11.07 ? 4   THR A CB  1 
ATOM   30  O OG1 . THR A 1 4  ? -2.710  14.209  -14.483 1.00 11.71 ? 4   THR A OG1 1 
ATOM   31  C CG2 . THR A 1 4  ? -0.570  15.319  -14.868 1.00 12.03 ? 4   THR A CG2 1 
ATOM   32  N N   . LEU A 1 5  ? -2.850  14.835  -11.139 1.00 8.78  ? 5   LEU A N   1 
ATOM   33  C CA  . LEU A 1 5  ? -3.727  14.630  -9.974  1.00 8.71  ? 5   LEU A CA  1 
ATOM   34  C C   . LEU A 1 5  ? -5.172  15.043  -10.231 1.00 8.55  ? 5   LEU A C   1 
ATOM   35  O O   . LEU A 1 5  ? -5.975  15.183  -9.319  1.00 9.02  ? 5   LEU A O   1 
ATOM   36  C CB  . LEU A 1 5  ? -3.130  15.326  -8.736  1.00 9.04  ? 5   LEU A CB  1 
ATOM   37  C CG  . LEU A 1 5  ? -1.813  14.715  -8.278  1.00 8.77  ? 5   LEU A CG  1 
ATOM   38  C CD1 . LEU A 1 5  ? -1.199  15.516  -7.149  1.00 9.33  ? 5   LEU A CD1 1 
ATOM   39  C CD2 . LEU A 1 5  ? -1.963  13.275  -7.848  1.00 10.39 ? 5   LEU A CD2 1 
ATOM   40  N N   . TRP A 1 6  ? -5.532  15.180  -11.512 1.00 9.39  ? 6   TRP A N   1 
ATOM   41  C CA  . TRP A 1 6  ? -6.909  15.503  -11.927 1.00 9.51  ? 6   TRP A CA  1 
ATOM   42  C C   . TRP A 1 6  ? -7.848  14.363  -11.572 1.00 9.34  ? 6   TRP A C   1 
ATOM   43  O O   . TRP A 1 6  ? -9.033  14.583  -11.298 1.00 12.24 ? 6   TRP A O   1 
ATOM   44  C CB  . TRP A 1 6  ? -6.928  15.839  -13.409 1.00 10.71 ? 6   TRP A CB  1 
ATOM   45  C CG  . TRP A 1 6  ? -6.094  17.036  -13.709 1.00 10.39 ? 6   TRP A CG  1 
ATOM   46  C CD1 . TRP A 1 6  ? -4.806  16.989  -14.112 1.00 11.86 ? 6   TRP A CD1 1 
ATOM   47  C CD2 . TRP A 1 6  ? -6.380  18.400  -13.392 1.00 11.91 ? 6   TRP A CD2 1 
ATOM   48  N NE1 . TRP A 1 6  ? -4.283  18.247  -14.160 1.00 13.17 ? 6   TRP A NE1 1 
ATOM   49  C CE2 . TRP A 1 6  ? -5.222  19.138  -13.728 1.00 12.97 ? 6   TRP A CE2 1 
ATOM   50  C CE3 . TRP A 1 6  ? -7.499  19.074  -12.926 1.00 13.48 ? 6   TRP A CE3 1 
ATOM   51  C CZ2 . TRP A 1 6  ? -5.149  20.532  -13.597 1.00 13.33 ? 6   TRP A CZ2 1 
ATOM   52  C CZ3 . TRP A 1 6  ? -7.424  20.455  -12.817 1.00 15.06 ? 6   TRP A CZ3 1 
ATOM   53  C CH2 . TRP A 1 6  ? -6.259  21.148  -13.098 1.00 13.71 ? 6   TRP A CH2 1 
ATOM   54  N N   . GLN A 1 7  ? -7.332  13.140  -11.554 1.00 8.99  ? 7   GLN A N   1 
ATOM   55  C CA  . GLN A 1 7  ? -8.055  11.942  -11.104 1.00 9.33  ? 7   GLN A CA  1 
ATOM   56  C C   . GLN A 1 7  ? -7.255  11.302  -9.971  1.00 8.68  ? 7   GLN A C   1 
ATOM   57  O O   . GLN A 1 7  ? -6.067  11.614  -9.800  1.00 9.15  ? 7   GLN A O   1 
ATOM   58  C CB  . GLN A 1 7  ? -8.237  10.953  -12.251 1.00 11.16 ? 7   GLN A CB  1 
ATOM   59  C CG  . GLN A 1 7  ? -9.046  11.505  -13.425 1.00 12.59 ? 7   GLN A CG  1 
ATOM   60  C CD  . GLN A 1 7  ? -10.538 11.588  -13.172 1.00 15.47 ? 7   GLN A CD  1 
ATOM   61  O OE1 . GLN A 1 7  ? -11.105 10.897  -12.326 1.00 18.17 ? 7   GLN A OE1 1 
ATOM   62  N NE2 . GLN A 1 7  ? -11.234 12.450  -13.927 1.00 15.46 ? 7   GLN A NE2 1 
ATOM   63  N N   . ARG A 1 8  ? -7.871  10.430  -9.216  1.00 8.64  ? 8   ARG A N   1 
ATOM   64  C CA  . ARG A 1 8  ? -7.119  9.650   -8.212  1.00 9.02  ? 8   ARG A CA  1 
ATOM   65  C C   . ARG A 1 8  ? -5.968  8.921   -8.877  1.00 8.86  ? 8   ARG A C   1 
ATOM   66  O O   . ARG A 1 8  ? -6.160  8.287   -9.916  1.00 9.02  ? 8   ARG A O   1 
ATOM   67  C CB  . ARG A 1 8  ? -8.057  8.676   -7.510  1.00 9.19  ? 8   ARG A CB  1 
ATOM   68  C CG  . ARG A 1 8  ? -9.103  9.302   -6.617  1.00 10.35 ? 8   ARG A CG  1 
ATOM   69  C CD  . ARG A 1 8  ? -9.927  8.270   -5.887  1.00 12.11 ? 8   ARG A CD  1 
ATOM   70  N NE  . ARG A 1 8  ? -10.833 8.909   -4.959  1.00 15.41 ? 8   ARG A NE  1 
ATOM   71  C CZ  . ARG A 1 8  ? -11.735 8.235   -4.252  1.00 20.70 ? 8   ARG A CZ  1 
ATOM   72  N NH1 . ARG A 1 8  ? -11.931 6.952   -4.518  1.00 23.24 ? 8   ARG A NH1 1 
ATOM   73  N NH2 . ARG A 1 8  ? -12.491 8.862   -3.349  1.00 21.32 ? 8   ARG A NH2 1 
ATOM   74  N N   . PRO A 1 9  ? -4.750  8.939   -8.303  1.00 8.45  ? 9   PRO A N   1 
ATOM   75  C CA  . PRO A 1 9  ? -3.595  8.291   -8.931  1.00 8.12  ? 9   PRO A CA  1 
ATOM   76  C C   . PRO A 1 9  ? -3.572  6.804   -8.613  1.00 8.55  ? 9   PRO A C   1 
ATOM   77  O O   . PRO A 1 9  ? -2.834  6.314   -7.762  1.00 10.01 ? 9   PRO A O   1 
ATOM   78  C CB  . PRO A 1 9  ? -2.411  9.060   -8.326  1.00 8.61  ? 9   PRO A CB  1 
ATOM   79  C CG  . PRO A 1 9  ? -2.894  9.461   -6.978  1.00 8.62  ? 9   PRO A CG  1 
ATOM   80  C CD  . PRO A 1 9  ? -4.346  9.823   -7.190  1.00 8.71  ? 9   PRO A CD  1 
ATOM   81  N N   . ILE A 1 10 ? -4.411  6.065   -9.312  1.00 9.28  ? 10  ILE A N   1 
ATOM   82  C CA  . ILE A 1 10 ? -4.593  4.610   -9.102  1.00 9.41  ? 10  ILE A CA  1 
ATOM   83  C C   . ILE A 1 10 ? -3.698  3.867   -10.058 1.00 10.18 ? 10  ILE A C   1 
ATOM   84  O O   . ILE A 1 10 ? -3.639  4.234   -11.262 1.00 11.58 ? 10  ILE A O   1 
ATOM   85  C CB  . ILE A 1 10 ? -6.046  4.214   -9.382  1.00 12.27 ? 10  ILE A CB  1 
ATOM   86  C CG1 . ILE A 1 10 ? -7.023  4.985   -8.527  1.00 17.96 ? 10  ILE A CG1 1 
ATOM   87  C CG2 . ILE A 1 10 ? -6.255  2.723   -9.262  1.00 12.07 ? 10  ILE A CG2 1 
ATOM   88  C CD1 . ILE A 1 10 ? -6.827  4.797   -7.162  1.00 18.54 ? 10  ILE A CD1 1 
ATOM   89  N N   . VAL A 1 11 ? -2.986  2.869   -9.590  1.00 8.76  ? 11  VAL A N   1 
ATOM   90  C CA  . VAL A 1 11 ? -2.109  2.021   -10.409 1.00 9.18  ? 11  VAL A CA  1 
ATOM   91  C C   . VAL A 1 11 ? -2.420  0.560   -10.136 1.00 8.76  ? 11  VAL A C   1 
ATOM   92  O O   . VAL A 1 11 ? -3.043  0.182   -9.139  1.00 9.35  ? 11  VAL A O   1 
ATOM   93  C CB  . VAL A 1 11 ? -0.640  2.357   -10.167 1.00 10.91 ? 11  VAL A CB  1 
ATOM   94  C CG1 . VAL A 1 11 ? -0.348  3.811   -10.520 1.00 12.91 ? 11  VAL A CG1 1 
ATOM   95  C CG2 . VAL A 1 11 ? -0.223  2.068   -8.754  1.00 11.85 ? 11  VAL A CG2 1 
ATOM   96  N N   . THR A 1 12 ? -1.934  -0.279  -11.038 1.00 9.27  ? 12  THR A N   1 
ATOM   97  C CA  . THR A 1 12 ? -2.072  -1.729  -10.964 1.00 10.19 ? 12  THR A CA  1 
ATOM   98  C C   . THR A 1 12 ? -0.913  -2.336  -10.197 1.00 9.99  ? 12  THR A C   1 
ATOM   99  O O   . THR A 1 12 ? 0.260   -2.012  -10.398 1.00 10.84 ? 12  THR A O   1 
ATOM   100 C CB  . THR A 1 12 ? -2.199  -2.313  -12.372 1.00 12.23 ? 12  THR A CB  1 
ATOM   101 O OG1 . THR A 1 12 ? -3.312  -1.713  -13.050 1.00 13.60 ? 12  THR A OG1 1 
ATOM   102 C CG2 . THR A 1 12 ? -2.457  -3.791  -12.314 1.00 16.16 ? 12  THR A CG2 1 
ATOM   103 N N   . ILE A 1 13 ? -1.268  -3.225  -9.314  1.00 9.34  ? 13  ILE A N   1 
ATOM   104 C CA  . ILE A 1 13 ? -0.388  -3.889  -8.334  1.00 10.87 ? 13  ILE A CA  1 
ATOM   105 C C   . ILE A 1 13 ? -0.450  -5.413  -8.523  1.00 9.13  ? 13  ILE A C   1 
ATOM   106 O O   . ILE A 1 13 ? -1.536  -5.935  -8.781  1.00 10.24 ? 13  ILE A O   1 
ATOM   107 C CB  . ILE A 1 13 ? -0.977  -3.604  -6.913  1.00 13.44 ? 13  ILE A CB  1 
ATOM   108 C CG1 . ILE A 1 13 ? -1.135  -2.109  -6.649  1.00 14.56 ? 13  ILE A CG1 1 
ATOM   109 C CG2 . ILE A 1 13 ? -0.207  -4.306  -5.831  1.00 15.20 ? 13  ILE A CG2 1 
ATOM   110 C CD1 . ILE A 1 13 ? 0.128   -1.398  -6.849  1.00 12.32 ? 13  ILE A CD1 1 
ATOM   111 N N   . LYS A 1 14 ? 0.672   -6.075  -8.289  1.00 8.97  ? 14  LYS A N   1 
ATOM   112 C CA  . LYS A 1 14 ? 0.656   -7.528  -8.004  1.00 9.16  ? 14  LYS A CA  1 
ATOM   113 C C   . LYS A 1 14 ? 1.276   -7.729  -6.633  1.00 8.42  ? 14  LYS A C   1 
ATOM   114 O O   . LYS A 1 14 ? 2.388   -7.265  -6.356  1.00 9.58  ? 14  LYS A O   1 
ATOM   115 C CB  . LYS A 1 14 ? 1.408   -8.310  -9.086  1.00 9.71  ? 14  LYS A CB  1 
ATOM   116 C CG  . LYS A 1 14 ? 1.314   -9.817  -8.903  1.00 10.24 ? 14  LYS A CG  1 
ATOM   117 C CD  . LYS A 1 14 ? 1.965   -10.586 -10.035 1.00 11.79 ? 14  LYS A CD  1 
ATOM   118 C CE  . LYS A 1 14 ? 1.992   -12.082 -9.791  1.00 12.79 ? 14  LYS A CE  1 
ATOM   119 N NZ  . LYS A 1 14 ? 2.584   -12.820 -10.943 1.00 14.88 ? 14  LYS A NZ  1 
ATOM   120 N N   . VAL A 1 15 ? 0.546   -8.428  -5.803  1.00 8.34  ? 15  VAL A N   1 
ATOM   121 C CA  . VAL A 1 15 ? 0.970   -8.698  -4.404  1.00 9.21  ? 15  VAL A CA  1 
ATOM   122 C C   . VAL A 1 15 ? 0.407   -10.052 -3.992  1.00 9.71  ? 15  VAL A C   1 
ATOM   123 O O   . VAL A 1 15 ? -0.780  -10.302 -4.216  1.00 10.18 ? 15  VAL A O   1 
ATOM   124 C CB  . VAL A 1 15 ? 0.539   -7.546  -3.477  1.00 10.79 ? 15  VAL A CB  1 
ATOM   125 C CG1 . VAL A 1 15 ? -0.970  -7.403  -3.362  1.00 11.66 ? 15  VAL A CG1 1 
ATOM   126 C CG2 . VAL A 1 15 ? 1.174   -7.725  -2.115  1.00 12.77 ? 15  VAL A CG2 1 
ATOM   127 N N   . GLY A 1 16 ? 1.252   -10.901 -3.403  1.00 10.78 ? 16  GLY A N   1 
ATOM   128 C CA  . GLY A 1 16 ? 0.777   -12.224 -2.951  1.00 12.11 ? 16  GLY A CA  1 
ATOM   129 C C   . GLY A 1 16 ? 0.200   -13.047 -4.091  1.00 10.71 ? 16  GLY A C   1 
ATOM   130 O O   . GLY A 1 16 ? -0.677  -13.869 -3.845  1.00 11.60 ? 16  GLY A O   1 
ATOM   131 N N   . GLY A 1 17 ? 0.667   -12.823 -5.302  1.00 10.53 ? 17  GLY A N   1 
ATOM   132 C CA  . GLY A 1 17 ? 0.205   -13.600 -6.469  1.00 11.25 ? 17  GLY A CA  1 
ATOM   133 C C   . GLY A 1 17 ? -1.109  -13.081 -6.986  1.00 10.69 ? 17  GLY A C   1 
ATOM   134 O O   . GLY A 1 17 ? -1.674  -13.687 -7.896  1.00 12.09 ? 17  GLY A O   1 
ATOM   135 N N   . GLN A 1 18 ? -1.656  -12.019 -6.432  1.00 9.40  ? 18  GLN A N   1 
ATOM   136 C CA  . GLN A 1 18 ? -2.976  -11.484 -6.767  1.00 10.45 ? 18  GLN A CA  1 
ATOM   137 C C   . GLN A 1 18 ? -2.816  -10.099 -7.389  1.00 9.88  ? 18  GLN A C   1 
ATOM   138 O O   . GLN A 1 18 ? -1.880  -9.336  -7.061  1.00 10.52 ? 18  GLN A O   1 
ATOM   139 C CB  . GLN A 1 18 ? -3.797  -11.357 -5.489  1.00 11.18 ? 18  GLN A CB  1 
ATOM   140 C CG  . GLN A 1 18 ? -4.122  -12.707 -4.830  1.00 13.03 ? 18  GLN A CG  1 
ATOM   141 C CD  . GLN A 1 18 ? -4.833  -12.579 -3.501  1.00 17.29 ? 18  GLN A CD  1 
ATOM   142 O OE1 . GLN A 1 18 ? -4.309  -12.098 -2.482  1.00 23.31 ? 18  GLN A OE1 1 
ATOM   143 N NE2 . GLN A 1 18 ? -6.098  -12.840 -3.514  1.00 20.18 ? 18  GLN A NE2 1 
ATOM   144 N N   . LEU A 1 19 ? -3.766  -9.746  -8.224  1.00 8.93  ? 19  LEU A N   1 
ATOM   145 C CA  . LEU A 1 19 ? -3.765  -8.448  -8.924  1.00 8.65  ? 19  LEU A CA  1 
ATOM   146 C C   . LEU A 1 19 ? -4.782  -7.538  -8.266  1.00 9.01  ? 19  LEU A C   1 
ATOM   147 O O   . LEU A 1 19 ? -5.922  -7.945  -8.021  1.00 10.71 ? 19  LEU A O   1 
ATOM   148 C CB  . LEU A 1 19 ? -4.132  -8.663  -10.396 1.00 10.20 ? 19  LEU A CB  1 
ATOM   149 C CG  . LEU A 1 19 ? -3.327  -9.753  -11.104 1.00 11.72 ? 19  LEU A CG  1 
ATOM   150 C CD1 . LEU A 1 19 ? -3.800  -9.854  -12.563 1.00 12.75 ? 19  LEU A CD1 1 
ATOM   151 C CD2 . LEU A 1 19 ? -1.853  -9.498  -11.052 1.00 14.12 ? 19  LEU A CD2 1 
ATOM   152 N N   . ARG A 1 20 ? -4.362  -6.306  -8.026  1.00 8.54  ? 20  ARG A N   1 
ATOM   153 C CA  . ARG A 1 20 ? -5.214  -5.297  -7.384  1.00 9.08  ? 20  ARG A CA  1 
ATOM   154 C C   . ARG A 1 20 ? -4.924  -3.936  -7.967  1.00 8.60  ? 20  ARG A C   1 
ATOM   155 O O   . ARG A 1 20 ? -3.942  -3.775  -8.717  1.00 9.47  ? 20  ARG A O   1 
ATOM   156 C CB  . ARG A 1 20 ? -4.948  -5.237  -5.875  1.00 10.49 ? 20  ARG A CB  1 
ATOM   157 C CG  . ARG A 1 20 ? -5.338  -6.497  -5.107  1.00 11.78 ? 20  ARG A CG  1 
ATOM   158 C CD  . ARG A 1 20 ? -6.810  -6.673  -5.102  1.00 12.43 ? 20  ARG A CD  1 
ATOM   159 N NE  . ARG A 1 20 ? -7.232  -7.781  -4.237  1.00 15.88 ? 20  ARG A NE  1 
ATOM   160 C CZ  . ARG A 1 20 ? -7.332  -9.047  -4.593  1.00 17.10 ? 20  ARG A CZ  1 
ATOM   161 N NH1 . ARG A 1 20 ? -7.070  -9.453  -5.807  1.00 15.98 ? 20  ARG A NH1 1 
ATOM   162 N NH2 . ARG A 1 20 ? -7.751  -9.940  -3.686  1.00 20.01 ? 20  ARG A NH2 1 
ATOM   163 N N   . GLU A 1 21 ? -5.779  -2.994  -7.651  1.00 8.31  ? 21  GLU A N   1 
ATOM   164 C CA  . GLU A 1 21 ? -5.499  -1.571  -7.917  1.00 8.55  ? 21  GLU A CA  1 
ATOM   165 C C   . GLU A 1 21 ? -5.280  -0.856  -6.595  1.00 7.75  ? 21  GLU A C   1 
ATOM   166 O O   . GLU A 1 21 ? -5.881  -1.266  -5.597  1.00 9.32  ? 21  GLU A O   1 
ATOM   167 C CB  . GLU A 1 21 ? -6.601  -0.904  -8.714  1.00 9.86  ? 21  GLU A CB  1 
ATOM   168 C CG  . GLU A 1 21 ? -6.762  -1.525  -10.103 1.00 12.70 ? 21  GLU A CG  1 
ATOM   169 C CD  . GLU A 1 21 ? -7.818  -0.852  -10.955 1.00 15.38 ? 21  GLU A CD  1 
ATOM   170 O OE1 . GLU A 1 21 ? -9.012  -1.255  -10.824 1.00 22.11 ? 21  GLU A OE1 1 
ATOM   171 O OE2 . GLU A 1 21 ? -7.438  -0.044  -11.766 1.00 16.24 ? 21  GLU A OE2 1 
ATOM   172 N N   . ALA A 1 22 ? -4.448  0.176   -6.599  1.00 7.74  ? 22  ALA A N   1 
ATOM   173 C CA  . ALA A 1 22 ? -4.190  0.906   -5.340  1.00 7.66  ? 22  ALA A CA  1 
ATOM   174 C C   . ALA A 1 22 ? -3.847  2.338   -5.670  1.00 8.17  ? 22  ALA A C   1 
ATOM   175 O O   . ALA A 1 22 ? -3.358  2.655   -6.733  1.00 9.20  ? 22  ALA A O   1 
ATOM   176 C CB  . ALA A 1 22 ? -3.062  0.267   -4.576  1.00 8.44  ? 22  ALA A CB  1 
ATOM   177 N N   . LEU A 1 23 ? -4.122  3.215   -4.699  1.00 9.00  ? 23  LEU A N   1 
ATOM   178 C CA  . LEU A 1 23 ? -3.880  4.651   -4.802  1.00 10.84 ? 23  LEU A CA  1 
ATOM   179 C C   . LEU A 1 23 ? -2.437  4.919   -4.414  1.00 12.20 ? 23  LEU A C   1 
ATOM   180 O O   . LEU A 1 23 ? -2.068  4.547   -3.241  1.00 15.14 ? 23  LEU A O   1 
ATOM   181 C CB  . LEU A 1 23 ? -4.947  5.230   -3.843  1.00 14.72 ? 23  LEU A CB  1 
ATOM   182 C CG  . LEU A 1 23 ? -5.058  6.708   -3.572  1.00 16.10 ? 23  LEU A CG  1 
ATOM   183 C CD1 . LEU A 1 23 ? -5.380  7.435   -4.836  1.00 15.10 ? 23  LEU A CD1 1 
ATOM   184 C CD2 . LEU A 1 23 ? -6.134  6.958   -2.518  1.00 14.06 ? 23  LEU A CD2 1 
ATOM   185 N N   . ILE A 1 24 ? -1.652  5.645   -5.202  1.00 10.98 ? 24  ILE A N   1 
ATOM   186 C CA  . ILE A 1 24 ? -0.321  6.210   -4.829  1.00 12.36 ? 24  ILE A CA  1 
ATOM   187 C C   . ILE A 1 24 ? -0.631  7.303   -3.806  1.00 14.01 ? 24  ILE A C   1 
ATOM   188 O O   . ILE A 1 24 ? -1.306  8.339   -4.135  1.00 15.39 ? 24  ILE A O   1 
ATOM   189 C CB  . ILE A 1 24 ? 0.456   6.731   -6.020  1.00 13.31 ? 24  ILE A CB  1 
ATOM   190 C CG1 . ILE A 1 24 ? 0.811   5.704   -7.120  1.00 15.13 ? 24  ILE A CG1 1 
ATOM   191 C CG2 . ILE A 1 24 ? 1.673   7.501   -5.491  1.00 14.76 ? 24  ILE A CG2 1 
ATOM   192 C CD1 . ILE A 1 24 ? 1.739   4.543   -6.774  1.00 18.27 ? 24  ILE A CD1 1 
ATOM   193 N N   . ASP A 1 25 ? -0.241  7.081   -2.550  1.00 12.30 ? 25  ASP A N   1 
ATOM   194 C CA  . ASP A 1 25 ? -0.729  7.900   -1.454  1.00 11.60 ? 25  ASP A CA  1 
ATOM   195 C C   . ASP A 1 25 ? 0.395   8.524   -0.631  1.00 10.32 ? 25  ASP A C   1 
ATOM   196 O O   . ASP A 1 25 ? 0.956   7.855   0.304   1.00 11.07 ? 25  ASP A O   1 
ATOM   197 C CB  . ASP A 1 25 ? -1.644  7.069   -0.577  1.00 12.60 ? 25  ASP A CB  1 
ATOM   198 C CG  . ASP A 1 25 ? -2.347  7.903   0.420   1.00 12.48 ? 25  ASP A CG  1 
ATOM   199 O OD1 . ASP A 1 25 ? -1.974  9.167   0.470   1.00 14.41 ? 25  ASP A OD1 1 
ATOM   200 O OD2 . ASP A 1 25 ? -3.155  7.437   1.115   1.00 13.99 ? 25  ASP A OD2 1 
ATOM   201 N N   . THR A 1 26 ? 0.818   9.752   -0.980  1.00 9.80  ? 26  THR A N   1 
ATOM   202 C CA  . THR A 1 26 ? 1.966   10.355  -0.272  1.00 8.21  ? 26  THR A CA  1 
ATOM   203 C C   . THR A 1 26 ? 1.617   10.737  1.151   1.00 8.12  ? 26  THR A C   1 
ATOM   204 O O   . THR A 1 26 ? 2.564   10.961  1.950   1.00 8.31  ? 26  THR A O   1 
ATOM   205 C CB  . THR A 1 26 ? 2.432   11.588  -1.029  1.00 7.62  ? 26  THR A CB  1 
ATOM   206 O OG1 . THR A 1 26 ? 1.384   12.546  -1.158  1.00 7.88  ? 26  THR A OG1 1 
ATOM   207 C CG2 . THR A 1 26 ? 2.920   11.244  -2.404  1.00 8.52  ? 26  THR A CG2 1 
ATOM   208 N N   . GLY A 1 27 ? 0.360   10.745  1.525   1.00 8.48  ? 27  GLY A N   1 
ATOM   209 C CA  . GLY A 1 27 ? -0.064  10.976  2.893   1.00 8.99  ? 27  GLY A CA  1 
ATOM   210 C C   . GLY A 1 27 ? -0.090  9.729   3.767   1.00 9.53  ? 27  GLY A C   1 
ATOM   211 O O   . GLY A 1 27 ? -0.467  9.847   4.936   1.00 11.16 ? 27  GLY A O   1 
ATOM   212 N N   . ALA A 1 28 ? 0.243   8.581   3.206   1.00 9.77  ? 28  ALA A N   1 
ATOM   213 C CA  . ALA A 1 28 ? 0.289   7.293   3.936   1.00 9.40  ? 28  ALA A CA  1 
ATOM   214 C C   . ALA A 1 28 ? 1.728   6.909   4.245   1.00 9.05  ? 28  ALA A C   1 
ATOM   215 O O   . ALA A 1 28 ? 2.520   6.759   3.333   1.00 9.37  ? 28  ALA A O   1 
ATOM   216 C CB  . ALA A 1 28 ? -0.420  6.240   3.097   1.00 10.68 ? 28  ALA A CB  1 
ATOM   217 N N   . ASP A 1 29 ? 2.033   6.703   5.527   1.00 8.86  ? 29  ASP A N   1 
ATOM   218 C CA  . ASP A 1 29 ? 3.370   6.202   5.863   1.00 9.16  ? 29  ASP A CA  1 
ATOM   219 C C   . ASP A 1 29 ? 3.538   4.756   5.402   1.00 9.44  ? 29  ASP A C   1 
ATOM   220 O O   . ASP A 1 29 ? 4.612   4.403   4.914   1.00 10.77 ? 29  ASP A O   1 
ATOM   221 C CB  . ASP A 1 29 ? 3.621   6.244   7.355   1.00 10.72 ? 29  ASP A CB  1 
ATOM   222 C CG  . ASP A 1 29 ? 3.518   7.588   8.046   1.00 12.30 ? 29  ASP A CG  1 
ATOM   223 O OD1 . ASP A 1 29 ? 3.723   8.616   7.411   1.00 11.29 ? 29  ASP A OD1 1 
ATOM   224 O OD2 . ASP A 1 29 ? 3.339   7.564   9.317   1.00 16.64 ? 29  ASP A OD2 1 
ATOM   225 N N   . ASP A 1 30 ? 2.472   3.997   5.582   1.00 10.53 ? 30  ASP A N   1 
ATOM   226 C CA  . ASP A 1 30 ? 2.436   2.538   5.316   1.00 11.96 ? 30  ASP A CA  1 
ATOM   227 C C   . ASP A 1 30 ? 1.494   2.194   4.192   1.00 9.87  ? 30  ASP A C   1 
ATOM   228 O O   . ASP A 1 30 ? 0.752   3.043   3.713   1.00 11.07 ? 30  ASP A O   1 
ATOM   229 C CB  . ASP A 1 30 ? 2.129   1.804   6.618   1.00 15.45 ? 30  ASP A CB  1 
ATOM   230 C CG  . ASP A 1 30 ? 3.458   1.696   7.378   1.00 23.03 ? 30  ASP A CG  1 
ATOM   231 O OD1 . ASP A 1 30 ? 4.441   0.984   6.916   1.00 28.22 ? 30  ASP A OD1 1 
ATOM   232 O OD2 . ASP A 1 30 ? 3.551   2.390   8.313   1.00 20.70 ? 30  ASP A OD2 1 
ATOM   233 N N   . THR A 1 31 ? 1.585   0.951   3.750   1.00 10.41 ? 31  THR A N   1 
ATOM   234 C CA  . THR A 1 31 ? 0.836   0.390   2.612   1.00 9.40  ? 31  THR A CA  1 
ATOM   235 C C   . THR A 1 31 ? -0.271  -0.489  3.138   1.00 10.17 ? 31  THR A C   1 
ATOM   236 O O   . THR A 1 31 ? 0.036   -1.329  4.008   1.00 10.52 ? 31  THR A O   1 
ATOM   237 C CB  . THR A 1 31 ? 1.831   -0.333  1.722   1.00 10.21 ? 31  THR A CB  1 
ATOM   238 O OG1 . THR A 1 31 ? 2.684   0.648   1.157   1.00 10.21 ? 31  THR A OG1 1 
ATOM   239 C CG2 . THR A 1 31 ? 1.166   -1.127  0.633   1.00 10.76 ? 31  THR A CG2 1 
ATOM   240 N N   . ILE A 1 32 ? -1.507  -0.287  2.707   1.00 9.75  ? 32  ILE A N   1 
ATOM   241 C CA  . ILE A 1 32 ? -2.688  -1.003  3.267   1.00 10.89 ? 32  ILE A CA  1 
ATOM   242 C C   . ILE A 1 32 ? -3.535  -1.546  2.135   1.00 10.25 ? 32  ILE A C   1 
ATOM   243 O O   . ILE A 1 32 ? -3.927  -0.772  1.226   1.00 11.10 ? 32  ILE A O   1 
ATOM   244 C CB  . ILE A 1 32 ? -3.553  -0.074  4.126   1.00 12.09 ? 32  ILE A CB  1 
ATOM   245 C CG1 . ILE A 1 32 ? -2.738  0.832   5.049   1.00 14.61 ? 32  ILE A CG1 1 
ATOM   246 C CG2 . ILE A 1 32 ? -4.578  -0.909  4.892   1.00 12.75 ? 32  ILE A CG2 1 
ATOM   247 C CD1 . ILE A 1 32 ? -3.583  1.894   5.751   1.00 16.56 ? 32  ILE A CD1 1 
ATOM   248 N N   . PHE A 1 33 ? -3.930  -2.811  2.287   1.00 10.32 ? 33  PHE A N   1 
ATOM   249 C CA  . PHE A 1 33 ? -4.863  -3.458  1.338   1.00 10.78 ? 33  PHE A CA  1 
ATOM   250 C C   . PHE A 1 33 ? -5.992  -4.105  2.136   1.00 11.18 ? 33  PHE A C   1 
ATOM   251 O O   . PHE A 1 33 ? -5.797  -4.546  3.236   1.00 12.93 ? 33  PHE A O   1 
ATOM   252 C CB  . PHE A 1 33 ? -4.198  -4.596  0.548   1.00 11.32 ? 33  PHE A CB  1 
ATOM   253 C CG  . PHE A 1 33 ? -3.307  -4.103  -0.571  1.00 10.32 ? 33  PHE A CG  1 
ATOM   254 C CD1 . PHE A 1 33 ? -2.036  -3.658  -0.301  1.00 12.05 ? 33  PHE A CD1 1 
ATOM   255 C CD2 . PHE A 1 33 ? -3.763  -4.018  -1.879  1.00 10.98 ? 33  PHE A CD2 1 
ATOM   256 C CE1 . PHE A 1 33 ? -1.254  -3.137  -1.313  1.00 12.60 ? 33  PHE A CE1 1 
ATOM   257 C CE2 . PHE A 1 33 ? -2.966  -3.510  -2.897  1.00 10.88 ? 33  PHE A CE2 1 
ATOM   258 C CZ  . PHE A 1 33 ? -1.709  -3.063  -2.603  1.00 12.26 ? 33  PHE A CZ  1 
ATOM   259 N N   . GLU A 1 34 ? -7.155  -4.105  1.505   1.00 12.48 ? 34  GLU A N   1 
ATOM   260 C CA  . GLU A 1 34 ? -8.295  -4.910  2.031   1.00 19.19 ? 34  GLU A CA  1 
ATOM   261 C C   . GLU A 1 34 ? -8.342  -6.198  1.187   1.00 22.11 ? 34  GLU A C   1 
ATOM   262 O O   . GLU A 1 34 ? -7.914  -6.148  0.034   1.00 27.70 ? 34  GLU A O   1 
ATOM   263 C CB  . GLU A 1 34 ? -9.535  -4.076  1.735   1.00 26.01 ? 34  GLU A CB  1 
ATOM   264 C CG  . GLU A 1 34 ? -10.819 -4.652  2.238   1.00 34.28 ? 34  GLU A CG  1 
ATOM   265 C CD  . GLU A 1 34 ? -12.012 -3.772  1.966   1.00 40.43 ? 34  GLU A CD  1 
ATOM   266 O OE1 . GLU A 1 34 ? -11.850 -2.707  1.339   1.00 43.08 ? 34  GLU A OE1 1 
ATOM   267 O OE2 . GLU A 1 34 ? -13.069 -4.218  2.358   1.00 48.92 ? 34  GLU A OE2 1 
ATOM   268 N N   . GLU A 1 35 ? -8.880  -7.287  1.534   1.00 27.90 ? 35  GLU A N   1 
ATOM   269 C CA  . GLU A 1 35 ? -9.213  -8.387  0.588   1.00 29.37 ? 35  GLU A CA  1 
ATOM   270 C C   . GLU A 1 35 ? -7.965  -8.835  -0.191  1.00 23.56 ? 35  GLU A C   1 
ATOM   271 O O   . GLU A 1 35 ? -7.990  -8.797  -1.410  1.00 25.49 ? 35  GLU A O   1 
ATOM   272 C CB  . GLU A 1 35 ? -10.466 -8.011  -0.241  1.00 38.68 ? 35  GLU A CB  1 
ATOM   273 C CG  . GLU A 1 35 ? -10.655 -8.789  -1.543  1.00 47.18 ? 35  GLU A CG  1 
ATOM   274 C CD  . GLU A 1 35 ? -11.793 -8.443  -2.498  1.00 51.97 ? 35  GLU A CD  1 
ATOM   275 O OE1 . GLU A 1 35 ? -12.531 -7.444  -2.277  1.00 58.87 ? 35  GLU A OE1 1 
ATOM   276 O OE2 . GLU A 1 35 ? -11.945 -9.183  -3.486  1.00 56.07 ? 35  GLU A OE2 1 
ATOM   277 N N   . ILE A 1 36 ? -6.886  -9.096  0.538   1.00 20.78 ? 36  ILE A N   1 
ATOM   278 C CA  . ILE A 1 36 ? -5.728  -9.854  -0.018  1.00 17.11 ? 36  ILE A CA  1 
ATOM   279 C C   . ILE A 1 36 ? -5.438  -10.951 1.001   1.00 19.77 ? 36  ILE A C   1 
ATOM   280 O O   . ILE A 1 36 ? -5.770  -10.815 2.149   1.00 20.72 ? 36  ILE A O   1 
ATOM   281 C CB  . ILE A 1 36 ? -4.490  -9.056  -0.467  1.00 15.61 ? 36  ILE A CB  1 
ATOM   282 C CG1 . ILE A 1 36 ? -3.777  -8.423  0.727   1.00 14.90 ? 36  ILE A CG1 1 
ATOM   283 C CG2 . ILE A 1 36 ? -4.856  -8.051  -1.553  1.00 16.91 ? 36  ILE A CG2 1 
ATOM   284 C CD1 . ILE A 1 36 ? -2.447  -7.772  0.396   1.00 15.44 ? 36  ILE A CD1 1 
ATOM   285 N N   . ASN A 1 37 ? -4.832  -12.002 0.514   1.00 17.59 ? 37  ASN A N   1 
ATOM   286 C CA  . ASN A 1 37 ? -4.563  -13.203 1.332   1.00 17.62 ? 37  ASN A CA  1 
ATOM   287 C C   . ASN A 1 37 ? -3.069  -13.429 1.278   1.00 17.06 ? 37  ASN A C   1 
ATOM   288 O O   . ASN A 1 37 ? -2.611  -13.991 0.345   1.00 22.36 ? 37  ASN A O   1 
ATOM   289 C CB  . ASN A 1 37 ? -5.323  -14.378 0.714   1.00 19.43 ? 37  ASN A CB  1 
ATOM   290 C CG  . ASN A 1 37 ? -6.773  -14.034 0.503   1.00 24.56 ? 37  ASN A CG  1 
ATOM   291 O OD1 . ASN A 1 37 ? -7.167  -13.538 -0.552  1.00 30.96 ? 37  ASN A OD1 1 
ATOM   292 N ND2 . ASN A 1 37 ? -7.537  -14.174 1.554   1.00 24.50 ? 37  ASN A ND2 1 
ATOM   293 N N   . LEU A 1 38 ? -2.352  -12.958 2.267   1.00 15.51 ? 38  LEU A N   1 
ATOM   294 C CA  . LEU A 1 38 ? -0.894  -13.102 2.307   1.00 14.69 ? 38  LEU A CA  1 
ATOM   295 C C   . LEU A 1 38 ? -0.504  -14.305 3.155   1.00 14.34 ? 38  LEU A C   1 
ATOM   296 O O   . LEU A 1 38 ? -1.221  -14.622 4.094   1.00 16.76 ? 38  LEU A O   1 
ATOM   297 C CB  . LEU A 1 38 ? -0.284  -11.829 2.907   1.00 15.00 ? 38  LEU A CB  1 
ATOM   298 C CG  . LEU A 1 38 ? -0.422  -10.597 2.019   1.00 14.71 ? 38  LEU A CG  1 
ATOM   299 C CD1 . LEU A 1 38 ? 0.171   -9.370  2.686   1.00 13.39 ? 38  LEU A CD1 1 
ATOM   300 C CD2 . LEU A 1 38 ? 0.237   -10.826 0.671   1.00 14.39 ? 38  LEU A CD2 1 
ATOM   301 N N   . PRO A 1 39 ? 0.646   -14.934 2.832   1.00 15.38 ? 39  PRO A N   1 
ATOM   302 C CA  . PRO A 1 39 ? 1.134   -16.115 3.545   1.00 17.17 ? 39  PRO A CA  1 
ATOM   303 C C   . PRO A 1 39 ? 1.901   -15.744 4.810   1.00 20.84 ? 39  PRO A C   1 
ATOM   304 O O   . PRO A 1 39 ? 2.555   -14.703 4.834   1.00 20.60 ? 39  PRO A O   1 
ATOM   305 C CB  . PRO A 1 39 ? 2.113   -16.746 2.557   1.00 17.30 ? 39  PRO A CB  1 
ATOM   306 C CG  . PRO A 1 39 ? 2.659   -15.563 1.813   1.00 16.91 ? 39  PRO A CG  1 
ATOM   307 C CD  . PRO A 1 39 ? 1.508   -14.593 1.689   1.00 16.95 ? 39  PRO A CD  1 
ATOM   308 N N   . GLY A 1 40 ? 1.838   -16.623 5.808   1.00 20.31 ? 40  GLY A N   1 
ATOM   309 C CA  . GLY A 1 40 ? 2.806   -16.633 6.913   1.00 22.62 ? 40  GLY A CA  1 
ATOM   310 C C   . GLY A 1 40 ? 2.332   -15.814 8.090   1.00 21.48 ? 40  GLY A C   1 
ATOM   311 O O   . GLY A 1 40 ? 1.152   -15.528 8.213   1.00 19.30 ? 40  GLY A O   1 
ATOM   312 N N   . ARG A 1 41 ? 3.286   -15.505 8.946   1.00 24.16 ? 41  ARG A N   1 
ATOM   313 C CA  . ARG A 1 41 ? 2.994   -14.924 10.265  1.00 24.01 ? 41  ARG A CA  1 
ATOM   314 C C   . ARG A 1 41 ? 2.685   -13.434 10.071  1.00 19.87 ? 41  ARG A C   1 
ATOM   315 O O   . ARG A 1 41 ? 3.197   -12.825 9.130   1.00 20.80 ? 41  ARG A O   1 
ATOM   316 C CB  . ARG A 1 41 ? 4.151   -15.171 11.231  1.00 30.56 ? 41  ARG A CB  1 
ATOM   317 C CG  . ARG A 1 41 ? 4.197   -16.599 11.749  1.00 36.52 ? 41  ARG A CG  1 
ATOM   318 C CD  . ARG A 1 41 ? 5.372   -16.839 12.669  1.00 45.46 ? 41  ARG A CD  1 
ATOM   319 N NE  . ARG A 1 41 ? 4.893   -17.669 13.758  1.00 54.71 ? 41  ARG A NE  1 
ATOM   320 C CZ  . ARG A 1 41 ? 4.343   -17.215 14.883  1.00 62.31 ? 41  ARG A CZ  1 
ATOM   321 N NH1 . ARG A 1 41 ? 3.925   -18.076 15.796  1.00 65.90 ? 41  ARG A NH1 1 
ATOM   322 N NH2 . ARG A 1 41 ? 4.221   -15.915 15.109  1.00 66.12 ? 41  ARG A NH2 1 
ATOM   323 N N   . TRP A 1 42 ? 1.910   -12.913 11.000  1.00 18.81 ? 42  TRP A N   1 
ATOM   324 C CA  . TRP A 1 42 ? 1.523   -11.492 11.034  1.00 19.10 ? 42  TRP A CA  1 
ATOM   325 C C   . TRP A 1 42 ? 1.310   -11.086 12.485  1.00 21.62 ? 42  TRP A C   1 
ATOM   326 O O   . TRP A 1 42 ? 1.266   -11.990 13.366  1.00 21.09 ? 42  TRP A O   1 
ATOM   327 C CB  . TRP A 1 42 ? 0.284   -11.285 10.183  1.00 20.19 ? 42  TRP A CB  1 
ATOM   328 C CG  . TRP A 1 42 ? -0.854  -12.141 10.617  1.00 24.04 ? 42  TRP A CG  1 
ATOM   329 C CD1 . TRP A 1 42 ? -1.170  -13.395 10.162  1.00 25.58 ? 42  TRP A CD1 1 
ATOM   330 C CD2 . TRP A 1 42 ? -1.828  -11.813 11.619  1.00 24.54 ? 42  TRP A CD2 1 
ATOM   331 N NE1 . TRP A 1 42 ? -2.290  -13.853 10.805  1.00 29.24 ? 42  TRP A NE1 1 
ATOM   332 C CE2 . TRP A 1 42 ? -2.714  -12.905 11.702  1.00 25.77 ? 42  TRP A CE2 1 
ATOM   333 C CE3 . TRP A 1 42 ? -2.040  -10.696 12.431  1.00 26.37 ? 42  TRP A CE3 1 
ATOM   334 C CZ2 . TRP A 1 42 ? -3.797  -12.912 12.581  1.00 28.72 ? 42  TRP A CZ2 1 
ATOM   335 C CZ3 . TRP A 1 42 ? -3.096  -10.712 13.312  1.00 29.07 ? 42  TRP A CZ3 1 
ATOM   336 C CH2 . TRP A 1 42 ? -3.976  -11.798 13.368  1.00 29.77 ? 42  TRP A CH2 1 
ATOM   337 N N   . LYS A 1 43 ? 1.206   -9.827  12.715  1.00 19.06 ? 43  LYS A N   1 
ATOM   338 C CA  . LYS A 1 43 ? 1.153   -9.219  14.060  1.00 21.76 ? 43  LYS A CA  1 
ATOM   339 C C   . LYS A 1 43 ? 0.026   -8.213  14.054  1.00 21.44 ? 43  LYS A C   1 
ATOM   340 O O   . LYS A 1 43 ? -0.185  -7.528  13.048  1.00 19.01 ? 43  LYS A O   1 
ATOM   341 C CB  . LYS A 1 43 ? 2.474   -8.511  14.336  1.00 27.67 ? 43  LYS A CB  1 
ATOM   342 C CG  . LYS A 1 43 ? 3.641   -9.465  14.484  1.00 31.27 ? 43  LYS A CG  1 
ATOM   343 C CD  . LYS A 1 43 ? 4.904   -8.790  14.969  1.00 38.92 ? 43  LYS A CD  1 
ATOM   344 C CE  . LYS A 1 43 ? 5.521   -7.827  13.975  1.00 42.53 ? 43  LYS A CE  1 
ATOM   345 N NZ  . LYS A 1 43 ? 6.813   -7.311  14.493  1.00 45.03 ? 43  LYS A NZ  1 
ATOM   346 N N   . PRO A 1 44 ? -0.907  -8.192  14.980  1.00 19.15 ? 44  PRO A N   1 
ATOM   347 C CA  . PRO A 1 44 ? -2.047  -7.289  14.974  1.00 21.65 ? 44  PRO A CA  1 
ATOM   348 C C   . PRO A 1 44 ? -1.483  -5.898  15.261  1.00 22.92 ? 44  PRO A C   1 
ATOM   349 O O   . PRO A 1 44 ? -0.462  -5.805  15.909  1.00 25.87 ? 44  PRO A O   1 
ATOM   350 C CB  . PRO A 1 44 ? -2.986  -7.800  16.067  1.00 25.87 ? 44  PRO A CB  1 
ATOM   351 C CG  . PRO A 1 44 ? -2.076  -8.571  16.995  1.00 24.80 ? 44  PRO A CG  1 
ATOM   352 C CD  . PRO A 1 44 ? -0.909  -9.068  16.171  1.00 22.15 ? 44  PRO A CD  1 
ATOM   353 N N   . LYS A 1 45 ? -2.069  -4.878  14.638  1.00 20.77 ? 45  LYS A N   1 
ATOM   354 C CA  . LYS A 1 45 ? -1.626  -3.471  14.762  1.00 23.10 ? 45  LYS A CA  1 
ATOM   355 C C   . LYS A 1 45 ? -2.872  -2.604  14.722  1.00 21.10 ? 45  LYS A C   1 
ATOM   356 O O   . LYS A 1 45 ? -3.794  -2.937  13.966  1.00 19.07 ? 45  LYS A O   1 
ATOM   357 C CB  . LYS A 1 45 ? -0.651  -3.122  13.634  1.00 25.70 ? 45  LYS A CB  1 
ATOM   358 C CG  . LYS A 1 45 ? 0.305   -1.957  13.864  1.00 33.82 ? 45  LYS A CG  1 
ATOM   359 C CD  . LYS A 1 45 ? 0.942   -1.442  12.562  1.00 37.51 ? 45  LYS A CD  1 
ATOM   360 C CE  . LYS A 1 45 ? 2.066   -0.440  12.772  1.00 40.07 ? 45  LYS A CE  1 
ATOM   361 N NZ  . LYS A 1 45 ? 2.281   0.415   11.575  1.00 40.65 ? 45  LYS A NZ  1 
ATOM   362 N N   . LEU A 1 46 ? -2.933  -1.546  15.541  1.00 19.82 ? 46  LEU A N   1 
ATOM   363 C CA  . LEU A 1 46 ? -3.987  -0.510  15.417  1.00 18.58 ? 46  LEU A CA  1 
ATOM   364 C C   . LEU A 1 46 ? -3.357  0.689   14.723  1.00 17.54 ? 46  LEU A C   1 
ATOM   365 O O   . LEU A 1 46 ? -2.326  1.197   15.198  1.00 20.01 ? 46  LEU A O   1 
ATOM   366 C CB  . LEU A 1 46 ? -4.574  -0.091  16.783  1.00 21.13 ? 46  LEU A CB  1 
ATOM   367 C CG  . LEU A 1 46 ? -5.365  -1.165  17.541  1.00 23.81 ? 46  LEU A CG  1 
ATOM   368 C CD1 . LEU A 1 46 ? -5.946  -0.594  18.840  1.00 25.72 ? 46  LEU A CD1 1 
ATOM   369 C CD2 . LEU A 1 46 ? -6.509  -1.717  16.693  1.00 27.21 ? 46  LEU A CD2 1 
ATOM   370 N N   . ILE A 1 47 ? -3.961  1.189   13.658  1.00 16.24 ? 47  ILE A N   1 
ATOM   371 C CA  . ILE A 1 47 ? -3.482  2.401   12.976  1.00 15.38 ? 47  ILE A CA  1 
ATOM   372 C C   . ILE A 1 47 ? -4.575  3.471   12.973  1.00 16.17 ? 47  ILE A C   1 
ATOM   373 O O   . ILE A 1 47 ? -5.753  3.125   13.027  1.00 17.98 ? 47  ILE A O   1 
ATOM   374 C CB  . ILE A 1 47 ? -2.968  2.075   11.568  1.00 17.44 ? 47  ILE A CB  1 
ATOM   375 C CG1 . ILE A 1 47 ? -4.104  1.555   10.693  1.00 16.33 ? 47  ILE A CG1 1 
ATOM   376 C CG2 . ILE A 1 47 ? -1.838  1.069   11.703  1.00 18.28 ? 47  ILE A CG2 1 
ATOM   377 C CD1 . ILE A 1 47 ? -3.726  1.366   9.243   1.00 18.96 ? 47  ILE A CD1 1 
ATOM   378 N N   . GLY A 1 48 ? -4.136  4.712   12.930  1.00 14.46 ? 48  GLY A N   1 
ATOM   379 C CA  . GLY A 1 48 ? -5.047  5.863   12.977  1.00 14.68 ? 48  GLY A CA  1 
ATOM   380 C C   . GLY A 1 48 ? -5.138  6.581   11.655  1.00 14.31 ? 48  GLY A C   1 
ATOM   381 O O   . GLY A 1 48 ? -4.194  6.694   10.971  1.00 16.41 ? 48  GLY A O   1 
ATOM   382 N N   . GLY A 1 49 ? -6.317  7.087   11.397  1.00 14.97 ? 49  GLY A N   1 
ATOM   383 C CA  . GLY A 1 49 ? -6.621  7.884   10.201  1.00 16.32 ? 49  GLY A CA  1 
ATOM   384 C C   . GLY A 1 49 ? -7.743  8.855   10.498  1.00 17.10 ? 49  GLY A C   1 
ATOM   385 O O   . GLY A 1 49 ? -8.013  9.078   11.632  1.00 18.54 ? 49  GLY A O   1 
ATOM   386 N N   . ILE A 1 50 ? -8.329  9.433   9.471   1.00 19.64 ? 50  ILE A N   1 
ATOM   387 C CA  . ILE A 1 50 ? -9.428  10.350  9.853   1.00 21.45 ? 50  ILE A CA  1 
ATOM   388 C C   . ILE A 1 50 ? -10.579 9.393   10.142  1.00 25.36 ? 50  ILE A C   1 
ATOM   389 O O   . ILE A 1 50 ? -10.758 8.338   9.461   1.00 25.64 ? 50  ILE A O   1 
ATOM   390 C CB  . ILE A 1 50 ? -9.824  11.392  8.820   1.00 23.35 ? 50  ILE A CB  1 
ATOM   391 C CG1 . ILE A 1 50 ? -10.491 10.646  7.691   1.00 20.63 ? 50  ILE A CG1 1 
ATOM   392 C CG2 . ILE A 1 50 ? -8.681  12.251  8.311   1.00 21.18 ? 50  ILE A CG2 1 
ATOM   393 C CD1 . ILE A 1 50 ? -11.355 11.509  6.883   1.00 22.09 ? 50  ILE A CD1 1 
ATOM   394 N N   . GLY A 1 51 ? -11.347 9.781   11.103  1.00 25.98 ? 51  GLY A N   1 
ATOM   395 C CA  . GLY A 1 51 ? -12.393 8.802   11.438  1.00 23.10 ? 51  GLY A CA  1 
ATOM   396 C C   . GLY A 1 51 ? -11.995 7.946   12.629  1.00 21.87 ? 51  GLY A C   1 
ATOM   397 O O   . GLY A 1 51 ? -12.898 7.399   13.206  1.00 25.29 ? 51  GLY A O   1 
ATOM   398 N N   . GLY A 1 52 ? -10.718 7.845   12.997  1.00 18.22 ? 52  GLY A N   1 
ATOM   399 C CA  . GLY A 1 52 ? -10.349 7.044   14.173  1.00 18.84 ? 52  GLY A CA  1 
ATOM   400 C C   . GLY A 1 52 ? -9.362  5.943   13.847  1.00 18.72 ? 52  GLY A C   1 
ATOM   401 O O   . GLY A 1 52 ? -8.398  6.240   13.238  1.00 24.43 ? 52  GLY A O   1 
ATOM   402 N N   A PHE A 1 53 ? -9.526  4.797   14.439  0.44 16.79 ? 53  PHE A N   1 
ATOM   403 N N   B PHE A 1 53 ? -9.499  4.812   14.495  0.56 17.81 ? 53  PHE A N   1 
ATOM   404 C CA  A PHE A 1 53 ? -8.503  3.716   14.478  0.44 17.26 ? 53  PHE A CA  1 
ATOM   405 C CA  B PHE A 1 53 ? -8.461  3.800   14.241  0.56 19.84 ? 53  PHE A CA  1 
ATOM   406 C C   A PHE A 1 53 ? -9.049  2.422   13.850  0.44 18.24 ? 53  PHE A C   1 
ATOM   407 C C   B PHE A 1 53 ? -9.073  2.613   13.508  0.56 19.44 ? 53  PHE A C   1 
ATOM   408 O O   A PHE A 1 53 ? -10.238 2.072   14.071  0.44 16.57 ? 53  PHE A O   1 
ATOM   409 O O   B PHE A 1 53 ? -10.262 2.361   13.649  0.56 16.78 ? 53  PHE A O   1 
ATOM   410 C CB  A PHE A 1 53 ? -7.970  3.532   15.897  0.44 16.70 ? 53  PHE A CB  1 
ATOM   411 C CB  B PHE A 1 53 ? -7.764  3.437   15.541  0.56 20.95 ? 53  PHE A CB  1 
ATOM   412 C CG  A PHE A 1 53 ? -6.974  4.588   16.317  0.44 16.01 ? 53  PHE A CG  1 
ATOM   413 C CG  B PHE A 1 53 ? -8.708  2.779   16.492  0.56 22.41 ? 53  PHE A CG  1 
ATOM   414 C CD1 A PHE A 1 53 ? -7.392  5.807   16.831  0.44 15.04 ? 53  PHE A CD1 1 
ATOM   415 C CD1 B PHE A 1 53 ? -9.419  3.553   17.386  0.56 27.30 ? 53  PHE A CD1 1 
ATOM   416 C CD2 A PHE A 1 53 ? -5.610  4.395   16.135  0.44 15.56 ? 53  PHE A CD2 1 
ATOM   417 C CD2 B PHE A 1 53 ? -8.908  1.412   16.478  0.56 26.00 ? 53  PHE A CD2 1 
ATOM   418 C CE1 A PHE A 1 53 ? -6.460  6.773   17.184  0.44 15.26 ? 53  PHE A CE1 1 
ATOM   419 C CE1 B PHE A 1 53 ? -10.294 2.968   18.282  0.56 28.07 ? 53  PHE A CE1 1 
ATOM   420 C CE2 A PHE A 1 53 ? -4.690  5.369   16.490  0.44 15.18 ? 53  PHE A CE2 1 
ATOM   421 C CE2 B PHE A 1 53 ? -9.793  0.827   17.371  0.56 27.79 ? 53  PHE A CE2 1 
ATOM   422 C CZ  A PHE A 1 53 ? -5.122  6.555   17.016  0.44 15.23 ? 53  PHE A CZ  1 
ATOM   423 C CZ  B PHE A 1 53 ? -10.476 1.609   18.273  0.56 29.55 ? 53  PHE A CZ  1 
ATOM   424 N N   . MET A 1 54 ? -8.177  1.738   13.084  1.00 20.51 ? 54  MET A N   1 
ATOM   425 C CA  . MET A 1 54 ? -8.522  0.517   12.305  1.00 20.32 ? 54  MET A CA  1 
ATOM   426 C C   . MET A 1 54 ? -7.567  -0.577  12.802  1.00 18.69 ? 54  MET A C   1 
ATOM   427 O O   . MET A 1 54 ? -6.331  -0.287  12.922  1.00 17.23 ? 54  MET A O   1 
ATOM   428 C CB  . MET A 1 54 ? -8.314  0.792   10.805  1.00 21.43 ? 54  MET A CB  1 
ATOM   429 C CG  . MET A 1 54 ? -8.895  -0.297  9.934   1.00 23.60 ? 54  MET A CG  1 
ATOM   430 S SD  . MET A 1 54 ? -8.815  0.048   8.172   1.00 23.80 ? 54  MET A SD  1 
ATOM   431 C CE  . MET A 1 54 ? -7.061  0.021   7.854   1.00 23.74 ? 54  MET A CE  1 
ATOM   432 N N   . LYS A 1 55 ? -8.067  -1.772  13.098  1.00 19.67 ? 55  LYS A N   1 
ATOM   433 C CA  . LYS A 1 55 ? -7.196  -2.934  13.358  1.00 20.61 ? 55  LYS A CA  1 
ATOM   434 C C   . LYS A 1 55 ? -6.792  -3.527  12.003  1.00 17.72 ? 55  LYS A C   1 
ATOM   435 O O   . LYS A 1 55 ? -7.637  -3.682  11.117  1.00 19.83 ? 55  LYS A O   1 
ATOM   436 C CB  . LYS A 1 55 ? -7.851  -4.008  14.228  1.00 25.71 ? 55  LYS A CB  1 
ATOM   437 C CG  . LYS A 1 55 ? -6.841  -4.990  14.828  1.00 33.57 ? 55  LYS A CG  1 
ATOM   438 C CD  . LYS A 1 55 ? -7.436  -6.306  15.350  1.00 38.38 ? 55  LYS A CD  1 
ATOM   439 C CE  . LYS A 1 55 ? -6.469  -7.478  15.306  1.00 41.89 ? 55  LYS A CE  1 
ATOM   440 N NZ  . LYS A 1 55 ? -5.923  -7.741  13.940  1.00 41.49 ? 55  LYS A NZ  1 
ATOM   441 N N   . VAL A 1 56 ? -5.518  -3.812  11.872  1.00 15.22 ? 56  VAL A N   1 
ATOM   442 C CA  . VAL A 1 56 ? -4.953  -4.464  10.661  1.00 15.04 ? 56  VAL A CA  1 
ATOM   443 C C   . VAL A 1 56 ? -4.114  -5.658  11.061  1.00 14.19 ? 56  VAL A C   1 
ATOM   444 O O   . VAL A 1 56 ? -3.638  -5.744  12.238  1.00 15.63 ? 56  VAL A O   1 
ATOM   445 C CB  . VAL A 1 56 ? -4.133  -3.481  9.836   1.00 15.21 ? 56  VAL A CB  1 
ATOM   446 C CG1 . VAL A 1 56 ? -5.000  -2.323  9.343   1.00 17.51 ? 56  VAL A CG1 1 
ATOM   447 C CG2 . VAL A 1 56 ? -2.942  -2.987  10.604  1.00 15.85 ? 56  VAL A CG2 1 
ATOM   448 N N   . ARG A 1 57 ? -3.826  -6.530  10.101  1.00 13.99 ? 57  ARG A N   1 
ATOM   449 C CA  . ARG A 1 57 ? -2.720  -7.497  10.214  1.00 14.58 ? 57  ARG A CA  1 
ATOM   450 C C   . ARG A 1 57 ? -1.456  -6.916  9.581   1.00 13.88 ? 57  ARG A C   1 
ATOM   451 O O   . ARG A 1 57 ? -1.531  -6.472  8.424   1.00 13.74 ? 57  ARG A O   1 
ATOM   452 C CB  . ARG A 1 57 ? -3.057  -8.793  9.472   1.00 16.02 ? 57  ARG A CB  1 
ATOM   453 C CG  . ARG A 1 57 ? -4.328  -9.444  9.940   1.00 20.55 ? 57  ARG A CG  1 
ATOM   454 C CD  . ARG A 1 57 ? -4.360  -10.757 9.173   1.00 21.64 ? 57  ARG A CD  1 
ATOM   455 N NE  . ARG A 1 57 ? -5.459  -11.546 9.612   1.00 26.51 ? 57  ARG A NE  1 
ATOM   456 C CZ  . ARG A 1 57 ? -5.682  -12.786 9.199   1.00 29.98 ? 57  ARG A CZ  1 
ATOM   457 N NH1 . ARG A 1 57 ? -4.847  -13.362 8.346   1.00 29.89 ? 57  ARG A NH1 1 
ATOM   458 N NH2 . ARG A 1 57 ? -6.724  -13.445 9.668   1.00 31.63 ? 57  ARG A NH2 1 
ATOM   459 N N   . GLN A 1 58 ? -0.321  -6.944  10.243  1.00 13.00 ? 58  GLN A N   1 
ATOM   460 C CA  . GLN A 1 58 ? 0.947   -6.487  9.719   1.00 13.53 ? 58  GLN A CA  1 
ATOM   461 C C   . GLN A 1 58 ? 1.774   -7.658  9.202   1.00 13.39 ? 58  GLN A C   1 
ATOM   462 O O   . GLN A 1 58 ? 2.162   -8.564  10.011  1.00 14.76 ? 58  GLN A O   1 
ATOM   463 C CB  . GLN A 1 58 ? 1.766   -5.717  10.751  1.00 13.72 ? 58  GLN A CB  1 
ATOM   464 C CG  . GLN A 1 58 ? 3.120   -5.354  10.252  1.00 16.43 ? 58  GLN A CG  1 
ATOM   465 C CD  . GLN A 1 58 ? 3.899   -4.526  11.235  1.00 19.15 ? 58  GLN A CD  1 
ATOM   466 O OE1 . GLN A 1 58 ? 3.295   -3.846  12.072  1.00 22.04 ? 58  GLN A OE1 1 
ATOM   467 N NE2 . GLN A 1 58 ? 5.215   -4.563  11.086  1.00 19.60 ? 58  GLN A NE2 1 
ATOM   468 N N   . TYR A 1 59 ? 2.028   -7.686  7.903   1.00 12.87 ? 59  TYR A N   1 
ATOM   469 C CA  . TYR A 1 59 ? 2.925   -8.654  7.247   1.00 13.90 ? 59  TYR A CA  1 
ATOM   470 C C   . TYR A 1 59 ? 4.210   -7.967  6.852   1.00 14.52 ? 59  TYR A C   1 
ATOM   471 O O   . TYR A 1 59 ? 4.163   -6.897  6.195   1.00 14.81 ? 59  TYR A O   1 
ATOM   472 C CB  . TYR A 1 59 ? 2.213   -9.245  6.031   1.00 13.54 ? 59  TYR A CB  1 
ATOM   473 C CG  . TYR A 1 59 ? 1.019   -10.115 6.300   1.00 13.44 ? 59  TYR A CG  1 
ATOM   474 C CD1 . TYR A 1 59 ? -0.246  -9.614  6.471   1.00 13.29 ? 59  TYR A CD1 1 
ATOM   475 C CD2 . TYR A 1 59 ? 1.188   -11.495 6.380   1.00 14.06 ? 59  TYR A CD2 1 
ATOM   476 C CE1 . TYR A 1 59 ? -1.339  -10.453 6.676   1.00 13.98 ? 59  TYR A CE1 1 
ATOM   477 C CE2 . TYR A 1 59 ? 0.131   -12.330 6.645   1.00 15.95 ? 59  TYR A CE2 1 
ATOM   478 C CZ  . TYR A 1 59 ? -1.129  -11.823 6.790   1.00 15.65 ? 59  TYR A CZ  1 
ATOM   479 O OH  . TYR A 1 59 ? -2.226  -12.596 7.018   1.00 18.56 ? 59  TYR A OH  1 
ATOM   480 N N   . ASP A 1 60 ? 5.363   -8.543  7.127   1.00 14.83 ? 60  ASP A N   1 
ATOM   481 C CA  . ASP A 1 60 ? 6.667   -7.956  6.823   1.00 14.40 ? 60  ASP A CA  1 
ATOM   482 C C   . ASP A 1 60 ? 7.316   -8.640  5.640   1.00 14.35 ? 60  ASP A C   1 
ATOM   483 O O   . ASP A 1 60 ? 6.958   -9.808  5.352   1.00 16.48 ? 60  ASP A O   1 
ATOM   484 C CB  . ASP A 1 60 ? 7.557   -8.010  8.053   1.00 16.82 ? 60  ASP A CB  1 
ATOM   485 C CG  . ASP A 1 60 ? 7.012   -7.137  9.160   1.00 19.77 ? 60  ASP A CG  1 
ATOM   486 O OD1 . ASP A 1 60 ? 6.462   -6.065  8.872   1.00 19.97 ? 60  ASP A OD1 1 
ATOM   487 O OD2 . ASP A 1 60 ? 7.144   -7.532  10.318  1.00 24.24 ? 60  ASP A OD2 1 
ATOM   488 N N   . GLN A 1 61 ? 8.175   -7.923  4.962   1.00 14.88 ? 61  GLN A N   1 
ATOM   489 C CA  . GLN A 1 61 ? 9.019   -8.421  3.877   1.00 14.93 ? 61  GLN A CA  1 
ATOM   490 C C   . GLN A 1 61 ? 8.153   -9.103  2.803   1.00 14.24 ? 61  GLN A C   1 
ATOM   491 O O   . GLN A 1 61 ? 8.531   -10.159 2.255   1.00 16.09 ? 61  GLN A O   1 
ATOM   492 C CB  . GLN A 1 61 ? 10.102  -9.330  4.459   1.00 19.16 ? 61  GLN A CB  1 
ATOM   493 C CG  . GLN A 1 61 ? 11.251  -9.665  3.506   1.00 25.11 ? 61  GLN A CG  1 
ATOM   494 C CD  . GLN A 1 61 ? 12.323  -8.606  3.325   1.00 31.48 ? 61  GLN A CD  1 
ATOM   495 O OE1 . GLN A 1 61 ? 12.194  -7.466  3.779   1.00 37.78 ? 61  GLN A OE1 1 
ATOM   496 N NE2 . GLN A 1 61 ? 13.392  -8.961  2.617   1.00 28.25 ? 61  GLN A NE2 1 
ATOM   497 N N   . ILE A 1 62 ? 7.105   -8.417  2.381   1.00 13.31 ? 62  ILE A N   1 
ATOM   498 C CA  . ILE A 1 62 ? 6.188   -8.871  1.298   1.00 12.07 ? 62  ILE A CA  1 
ATOM   499 C C   . ILE A 1 62 ? 6.636   -8.255  -0.013  1.00 12.29 ? 62  ILE A C   1 
ATOM   500 O O   . ILE A 1 62 ? 6.635   -7.025  -0.176  1.00 11.11 ? 62  ILE A O   1 
ATOM   501 C CB  . ILE A 1 62 ? 4.765   -8.455  1.637   1.00 11.34 ? 62  ILE A CB  1 
ATOM   502 C CG1 . ILE A 1 62 ? 4.313   -9.056  2.982   1.00 12.41 ? 62  ILE A CG1 1 
ATOM   503 C CG2 . ILE A 1 62 ? 3.873   -8.808  0.465   1.00 11.65 ? 62  ILE A CG2 1 
ATOM   504 C CD1 . ILE A 1 62 ? 4.314   -10.588 2.973   1.00 13.54 ? 62  ILE A CD1 1 
ATOM   505 N N   . PRO A 1 63 ? 6.968   -9.055  -1.050  1.00 10.76 ? 63  PRO A N   1 
ATOM   506 C CA  . PRO A 1 63 ? 7.164   -8.536  -2.372  1.00 11.78 ? 63  PRO A CA  1 
ATOM   507 C C   . PRO A 1 63 ? 5.893   -7.958  -3.003  1.00 10.25 ? 63  PRO A C   1 
ATOM   508 O O   . PRO A 1 63 ? 4.791   -8.471  -2.848  1.00 11.35 ? 63  PRO A O   1 
ATOM   509 C CB  . PRO A 1 63 ? 7.609   -9.751  -3.231  1.00 12.54 ? 63  PRO A CB  1 
ATOM   510 C CG  . PRO A 1 63 ? 8.141   -10.715 -2.220  1.00 13.52 ? 63  PRO A CG  1 
ATOM   511 C CD  . PRO A 1 63 ? 7.243   -10.511 -1.015  1.00 12.54 ? 63  PRO A CD  1 
ATOM   512 N N   . ILE A 1 64 ? 6.106   -6.874  -3.718  1.00 10.52 ? 64  ILE A N   1 
ATOM   513 C CA  . ILE A 1 64 ? 4.995   -6.192  -4.439  1.00 11.01 ? 64  ILE A CA  1 
ATOM   514 C C   . ILE A 1 64 ? 5.535   -5.616  -5.736  1.00 10.88 ? 64  ILE A C   1 
ATOM   515 O O   . ILE A 1 64 ? 6.712   -5.247  -5.836  1.00 12.42 ? 64  ILE A O   1 
ATOM   516 C CB  . ILE A 1 64 ? 4.357   -5.132  -3.537  1.00 11.89 ? 64  ILE A CB  1 
ATOM   517 C CG1 . ILE A 1 64 ? 3.071   -4.577  -4.113  1.00 12.30 ? 64  ILE A CG1 1 
ATOM   518 C CG2 . ILE A 1 64 ? 5.361   -4.016  -3.237  1.00 12.72 ? 64  ILE A CG2 1 
ATOM   519 C CD1 . ILE A 1 64 ? 2.263   -3.780  -3.100  1.00 12.90 ? 64  ILE A CD1 1 
ATOM   520 N N   . GLU A 1 65 ? 4.706   -5.614  -6.764  1.00 11.44 ? 65  GLU A N   1 
ATOM   521 C CA  . GLU A 1 65 ? 4.986   -4.969  -8.049  1.00 12.49 ? 65  GLU A CA  1 
ATOM   522 C C   . GLU A 1 65 ? 4.009   -3.818  -8.187  1.00 12.56 ? 65  GLU A C   1 
ATOM   523 O O   . GLU A 1 65 ? 2.786   -4.031  -8.115  1.00 12.85 ? 65  GLU A O   1 
ATOM   524 C CB  . GLU A 1 65 ? 4.788   -5.961  -9.190  1.00 15.66 ? 65  GLU A CB  1 
ATOM   525 C CG  . GLU A 1 65 ? 4.750   -5.314  -10.566 1.00 21.42 ? 65  GLU A CG  1 
ATOM   526 C CD  . GLU A 1 65 ? 4.152   -6.298  -11.573 1.00 26.49 ? 65  GLU A CD  1 
ATOM   527 O OE1 . GLU A 1 65 ? 2.906   -6.215  -11.942 1.00 23.09 ? 65  GLU A OE1 1 
ATOM   528 O OE2 . GLU A 1 65 ? 4.892   -7.273  -11.831 1.00 33.89 ? 65  GLU A OE2 1 
ATOM   529 N N   . ILE A 1 66 ? 4.539   -2.611  -8.350  1.00 13.11 ? 66  ILE A N   1 
ATOM   530 C CA  . ILE A 1 66 ? 3.713   -1.372  -8.345  1.00 13.64 ? 66  ILE A CA  1 
ATOM   531 C C   . ILE A 1 66 ? 3.899   -0.729  -9.707  1.00 12.92 ? 66  ILE A C   1 
ATOM   532 O O   . ILE A 1 66 ? 5.027   -0.251  -9.952  1.00 13.55 ? 66  ILE A O   1 
ATOM   533 C CB  . ILE A 1 66 ? 4.150   -0.405  -7.232  1.00 12.52 ? 66  ILE A CB  1 
ATOM   534 C CG1 . ILE A 1 66 ? 3.984   -1.057  -5.869  1.00 13.50 ? 66  ILE A CG1 1 
ATOM   535 C CG2 . ILE A 1 66 ? 3.391   0.915   -7.364  1.00 13.15 ? 66  ILE A CG2 1 
ATOM   536 C CD1 . ILE A 1 66 ? 4.867   -0.493  -4.779  1.00 14.51 ? 66  ILE A CD1 1 
ATOM   537 N N   . CYS A 1 67 ? 2.893   -0.771  -10.581 1.00 14.51 ? 67  CYS A N   1 
ATOM   538 C CA  . CYS A 1 67 ? 3.006   -0.229  -11.958 1.00 17.44 ? 67  CYS A CA  1 
ATOM   539 C C   . CYS A 1 67 ? 4.320   -0.738  -12.561 1.00 17.94 ? 67  CYS A C   1 
ATOM   540 O O   . CYS A 1 67 ? 5.105   0.125   -13.042 1.00 20.63 ? 67  CYS A O   1 
ATOM   541 C CB  . CYS A 1 67 ? 2.943   1.296   -11.907 1.00 19.45 ? 67  CYS A CB  1 
ATOM   542 S SG  . CYS A 1 67 ? 2.573   2.053   -13.511 1.00 26.12 ? 67  CYS A SG  1 
ATOM   543 N N   . GLY A 1 68 ? 4.619   -2.042  -12.447 1.00 18.08 ? 68  GLY A N   1 
ATOM   544 C CA  . GLY A 1 68 ? 5.790   -2.648  -13.097 1.00 17.13 ? 68  GLY A CA  1 
ATOM   545 C C   . GLY A 1 68 ? 7.062   -2.450  -12.320 1.00 19.22 ? 68  GLY A C   1 
ATOM   546 O O   . GLY A 1 68 ? 8.054   -2.998  -12.804 1.00 23.62 ? 68  GLY A O   1 
ATOM   547 N N   . HIS A 1 69 ? 7.107   -1.792  -11.152 1.00 16.09 ? 69  HIS A N   1 
ATOM   548 C CA  . HIS A 1 69 ? 8.344   -1.638  -10.346 1.00 16.94 ? 69  HIS A CA  1 
ATOM   549 C C   . HIS A 1 69 ? 8.349   -2.590  -9.150  1.00 15.46 ? 69  HIS A C   1 
ATOM   550 O O   . HIS A 1 69 ? 7.352   -2.634  -8.425  1.00 14.68 ? 69  HIS A O   1 
ATOM   551 C CB  . HIS A 1 69 ? 8.462   -0.184  -9.886  1.00 15.31 ? 69  HIS A CB  1 
ATOM   552 C CG  . HIS A 1 69 ? 8.672   0.763   -11.006 1.00 17.91 ? 69  HIS A CG  1 
ATOM   553 N ND1 . HIS A 1 69 ? 9.824   1.523   -11.110 1.00 21.43 ? 69  HIS A ND1 1 
ATOM   554 C CD2 . HIS A 1 69 ? 7.903   1.123   -12.042 1.00 18.32 ? 69  HIS A CD2 1 
ATOM   555 C CE1 . HIS A 1 69 ? 9.746   2.284   -12.164 1.00 21.75 ? 69  HIS A CE1 1 
ATOM   556 N NE2 . HIS A 1 69 ? 8.603   2.074   -12.763 1.00 21.31 ? 69  HIS A NE2 1 
ATOM   557 N N   . GLN A 1 70 ? 9.459   -3.236  -8.858  1.00 14.72 ? 70  GLN A N   1 
ATOM   558 C CA  . GLN A 1 70 ? 9.575   -4.188  -7.735  1.00 14.64 ? 70  GLN A CA  1 
ATOM   559 C C   . GLN A 1 70 ? 9.983   -3.521  -6.428  1.00 14.49 ? 70  GLN A C   1 
ATOM   560 O O   . GLN A 1 70 ? 10.857  -2.644  -6.399  1.00 15.55 ? 70  GLN A O   1 
ATOM   561 C CB  . GLN A 1 70 ? 10.620  -5.259  -8.065  1.00 17.07 ? 70  GLN A CB  1 
ATOM   562 C CG  . GLN A 1 70 ? 10.244  -6.073  -9.303  1.00 19.10 ? 70  GLN A CG  1 
ATOM   563 C CD  . GLN A 1 70 ? 9.050   -6.973  -9.114  1.00 23.46 ? 70  GLN A CD  1 
ATOM   564 O OE1 . GLN A 1 70 ? 8.786   -7.460  -8.016  1.00 25.29 ? 70  GLN A OE1 1 
ATOM   565 N NE2 . GLN A 1 70 ? 8.325   -7.229  -10.194 1.00 27.69 ? 70  GLN A NE2 1 
ATOM   566 N N   . ALA A 1 71 ? 9.316   -3.889  -5.361  1.00 12.43 ? 71  ALA A N   1 
ATOM   567 C CA  . ALA A 1 71 ? 9.626   -3.444  -3.996  1.00 12.46 ? 71  ALA A CA  1 
ATOM   568 C C   . ALA A 1 71 ? 9.352   -4.610  -3.051  1.00 12.00 ? 71  ALA A C   1 
ATOM   569 O O   . ALA A 1 71 ? 8.748   -5.642  -3.439  1.00 12.11 ? 71  ALA A O   1 
ATOM   570 C CB  . ALA A 1 71 ? 8.785   -2.262  -3.627  1.00 13.02 ? 71  ALA A CB  1 
ATOM   571 N N   A ILE A 1 72 ? 9.993   -4.498  -1.760  0.50 11.73 ? 72  ILE A N   1 
ATOM   572 N N   B ILE A 1 72 ? 9.882   -4.489  -1.837  0.50 11.73 ? 72  ILE A N   1 
ATOM   573 C CA  A ILE A 1 72 ? 9.508   -5.425  -0.716  0.50 12.06 ? 72  ILE A CA  1 
ATOM   574 C CA  B ILE A 1 72 ? 9.603   -5.480  -0.763  0.50 12.06 ? 72  ILE A CA  1 
ATOM   575 C C   A ILE A 1 72 ? 9.328   -4.577  0.547   0.50 11.23 ? 72  ILE A C   1 
ATOM   576 C C   B ILE A 1 72 ? 9.446   -4.678  0.525   0.50 11.23 ? 72  ILE A C   1 
ATOM   577 O O   A ILE A 1 72 ? 10.184  -3.770  0.846   0.50 12.71 ? 72  ILE A O   1 
ATOM   578 O O   B ILE A 1 72 ? 10.230  -3.766  0.763   0.50 12.71 ? 72  ILE A O   1 
ATOM   579 C CB  A ILE A 1 72 ? 10.619  -6.489  -0.601  0.50 15.08 ? 72  ILE A CB  1 
ATOM   580 C CB  B ILE A 1 72 ? 10.705  -6.546  -0.574  0.50 15.08 ? 72  ILE A CB  1 
ATOM   581 C CG1 A ILE A 1 72 ? 10.419  -7.713  0.294   0.50 17.74 ? 72  ILE A CG1 1 
ATOM   582 C CG1 B ILE A 1 72 ? 10.913  -7.475  -1.768  0.50 17.74 ? 72  ILE A CG1 1 
ATOM   583 C CG2 A ILE A 1 72 ? 12.019  -6.008  -0.857  0.50 18.55 ? 72  ILE A CG2 1 
ATOM   584 C CG2 B ILE A 1 72 ? 10.371  -7.400  0.629   0.50 18.55 ? 72  ILE A CG2 1 
ATOM   585 C CD1 A ILE A 1 72 ? 11.420  -8.832  0.102   0.50 20.54 ? 72  ILE A CD1 1 
ATOM   586 C CD1 B ILE A 1 72 ? 11.646  -8.745  -1.371  0.50 20.54 ? 72  ILE A CD1 1 
ATOM   587 N N   . GLY A 1 73 ? 8.445   -5.017  1.307   1.00 10.88 ? 73  GLY A N   1 
ATOM   588 C CA  . GLY A 1 73 ? 8.242   -4.294  2.567   1.00 12.88 ? 73  GLY A CA  1 
ATOM   589 C C   . GLY A 1 73 ? 7.016   -4.676  3.309   1.00 12.53 ? 73  GLY A C   1 
ATOM   590 O O   . GLY A 1 73 ? 6.378   -5.683  2.991   1.00 12.70 ? 73  GLY A O   1 
ATOM   591 N N   . THR A 1 74 ? 6.658   -3.902  4.306   1.00 12.04 ? 74  THR A N   1 
ATOM   592 C CA  . THR A 1 74 ? 5.559   -4.226  5.195   1.00 11.99 ? 74  THR A CA  1 
ATOM   593 C C   . THR A 1 74 ? 4.258   -3.903  4.447   1.00 11.61 ? 74  THR A C   1 
ATOM   594 O O   . THR A 1 74 ? 4.148   -2.830  3.784   1.00 11.71 ? 74  THR A O   1 
ATOM   595 C CB  . THR A 1 74 ? 5.639   -3.406  6.489   1.00 13.18 ? 74  THR A CB  1 
ATOM   596 O OG1 . THR A 1 74 ? 6.806   -3.863  7.173   1.00 15.05 ? 74  THR A OG1 1 
ATOM   597 C CG2 . THR A 1 74 ? 4.432   -3.603  7.359   1.00 14.24 ? 74  THR A CG2 1 
ATOM   598 N N   . VAL A 1 75 ? 3.310   -4.799  4.474   1.00 10.68 ? 75  VAL A N   1 
ATOM   599 C CA  . VAL A 1 75 ? 1.950   -4.583  3.963   1.00 10.60 ? 75  VAL A CA  1 
ATOM   600 C C   . VAL A 1 75 ? 0.986   -4.811  5.105   1.00 10.60 ? 75  VAL A C   1 
ATOM   601 O O   . VAL A 1 75 ? 1.055   -5.881  5.780   1.00 12.71 ? 75  VAL A O   1 
ATOM   602 C CB  . VAL A 1 75 ? 1.675   -5.481  2.763   1.00 11.12 ? 75  VAL A CB  1 
ATOM   603 C CG1 . VAL A 1 75 ? 0.246   -5.354  2.322   1.00 12.01 ? 75  VAL A CG1 1 
ATOM   604 C CG2 . VAL A 1 75 ? 2.688   -5.178  1.662   1.00 11.89 ? 75  VAL A CG2 1 
ATOM   605 N N   . LEU A 1 76 ? 0.096   -3.893  5.328   1.00 9.95  ? 76  LEU A N   1 
ATOM   606 C CA  . LEU A 1 76 ? -0.969  -3.996  6.310   1.00 11.32 ? 76  LEU A CA  1 
ATOM   607 C C   . LEU A 1 76 ? -2.222  -4.460  5.613   1.00 11.86 ? 76  LEU A C   1 
ATOM   608 O O   . LEU A 1 76 ? -2.519  -3.962  4.497   1.00 13.45 ? 76  LEU A O   1 
ATOM   609 C CB  . LEU A 1 76 ? -1.173  -2.656  7.011   1.00 12.15 ? 76  LEU A CB  1 
ATOM   610 C CG  . LEU A 1 76 ? 0.073   -1.990  7.543   1.00 12.28 ? 76  LEU A CG  1 
ATOM   611 C CD1 . LEU A 1 76 ? -0.286  -0.682  8.265   1.00 13.91 ? 76  LEU A CD1 1 
ATOM   612 C CD2 . LEU A 1 76 ? 0.865   -2.886  8.458   1.00 13.09 ? 76  LEU A CD2 1 
ATOM   613 N N   . VAL A 1 77 ? -2.954  -5.361  6.242   1.00 11.78 ? 77  VAL A N   1 
ATOM   614 C CA  . VAL A 1 77 ? -4.213  -5.895  5.674   1.00 12.77 ? 77  VAL A CA  1 
ATOM   615 C C   . VAL A 1 77 ? -5.358  -5.586  6.615   1.00 13.47 ? 77  VAL A C   1 
ATOM   616 O O   . VAL A 1 77 ? -5.324  -5.988  7.803   1.00 14.52 ? 77  VAL A O   1 
ATOM   617 C CB  . VAL A 1 77 ? -4.121  -7.407  5.339   1.00 13.63 ? 77  VAL A CB  1 
ATOM   618 C CG1 . VAL A 1 77 ? -5.421  -7.883  4.694   1.00 14.99 ? 77  VAL A CG1 1 
ATOM   619 C CG2 . VAL A 1 77 ? -2.950  -7.691  4.434   1.00 13.58 ? 77  VAL A CG2 1 
ATOM   620 N N   . GLY A 1 78 ? -6.348  -4.913  6.122   1.00 14.04 ? 78  GLY A N   1 
ATOM   621 C CA  . GLY A 1 78 ? -7.458  -4.533  6.977   1.00 14.56 ? 78  GLY A CA  1 
ATOM   622 C C   . GLY A 1 78 ? -8.427  -3.691  6.207   1.00 17.79 ? 78  GLY A C   1 
ATOM   623 O O   . GLY A 1 78 ? -8.202  -3.416  5.021   1.00 17.65 ? 78  GLY A O   1 
ATOM   624 N N   . PRO A 1 79 ? -9.561  -3.368  6.852   1.00 18.21 ? 79  PRO A N   1 
ATOM   625 C CA  . PRO A 1 79 ? -10.712 -2.772  6.191   1.00 20.97 ? 79  PRO A CA  1 
ATOM   626 C C   . PRO A 1 79 ? -10.655 -1.349  5.646   1.00 23.54 ? 79  PRO A C   1 
ATOM   627 O O   . PRO A 1 79 ? -11.576 -0.621  5.843   1.00 30.48 ? 79  PRO A O   1 
ATOM   628 C CB  . PRO A 1 79 ? -11.843 -2.895  7.242   1.00 22.62 ? 79  PRO A CB  1 
ATOM   629 C CG  . PRO A 1 79 ? -11.127 -2.906  8.530   1.00 22.43 ? 79  PRO A CG  1 
ATOM   630 C CD  . PRO A 1 79 ? -9.838  -3.652  8.276   1.00 19.28 ? 79  PRO A CD  1 
ATOM   631 N N   . THR A 1 80 ? -9.603  -1.015  4.918   1.00 20.68 ? 80  THR A N   1 
ATOM   632 C CA  . THR A 1 80 ? -9.481  0.324   4.313   1.00 18.95 ? 80  THR A CA  1 
ATOM   633 C C   . THR A 1 80 ? -10.522 0.471   3.196   1.00 17.50 ? 80  THR A C   1 
ATOM   634 O O   . THR A 1 80 ? -10.800 -0.435  2.521   1.00 21.52 ? 80  THR A O   1 
ATOM   635 C CB  . THR A 1 80 ? -8.060  0.535   3.766   1.00 15.04 ? 80  THR A CB  1 
ATOM   636 O OG1 . THR A 1 80 ? -7.965  1.798   3.133   1.00 16.98 ? 80  THR A OG1 1 
ATOM   637 C CG2 . THR A 1 80 ? -7.646  -0.534  2.786   1.00 15.46 ? 80  THR A CG2 1 
ATOM   638 N N   . PRO A 1 81 ? -11.069 1.677   3.004   1.00 25.70 ? 81  PRO A N   1 
ATOM   639 C CA  . PRO A 1 81 ? -12.035 1.907   1.948   1.00 24.18 ? 81  PRO A CA  1 
ATOM   640 C C   . PRO A 1 81 ? -11.403 1.866   0.537   1.00 21.27 ? 81  PRO A C   1 
ATOM   641 O O   . PRO A 1 81 ? -12.060 1.640   -0.386  1.00 21.31 ? 81  PRO A O   1 
ATOM   642 C CB  . PRO A 1 81 ? -12.522 3.313   2.257   1.00 27.80 ? 81  PRO A CB  1 
ATOM   643 C CG  . PRO A 1 81 ? -11.412 4.015   2.985   1.00 32.04 ? 81  PRO A CG  1 
ATOM   644 C CD  . PRO A 1 81 ? -10.723 2.887   3.732   1.00 27.56 ? 81  PRO A CD  1 
ATOM   645 N N   . ILE A 1 82 ? -10.091 2.083   0.454   1.00 15.08 ? 82  ILE A N   1 
ATOM   646 C CA  . ILE A 1 82 ? -9.341  1.979   -0.826  1.00 12.85 ? 82  ILE A CA  1 
ATOM   647 C C   . ILE A 1 82 ? -7.919  1.502   -0.513  1.00 11.09 ? 82  ILE A C   1 
ATOM   648 O O   . ILE A 1 82 ? -7.364  1.875   0.489   1.00 11.81 ? 82  ILE A O   1 
ATOM   649 C CB  . ILE A 1 82 ? -9.340  3.304   -1.584  1.00 16.12 ? 82  ILE A CB  1 
ATOM   650 C CG1 . ILE A 1 82 ? -8.708  3.118   -2.962  1.00 19.23 ? 82  ILE A CG1 1 
ATOM   651 C CG2 . ILE A 1 82 ? -8.645  4.346   -0.777  1.00 19.14 ? 82  ILE A CG2 1 
ATOM   652 C CD1 . ILE A 1 82 ? -9.202  4.083   -3.992  1.00 22.98 ? 82  ILE A CD1 1 
ATOM   653 N N   . ASN A 1 83 ? -7.395  0.622   -1.346  1.00 9.90  ? 83  ASN A N   1 
ATOM   654 C CA  . ASN A 1 83 ? -6.020  0.163   -1.172  1.00 9.44  ? 83  ASN A CA  1 
ATOM   655 C C   . ASN A 1 83 ? -5.057  1.320   -1.401  1.00 8.44  ? 83  ASN A C   1 
ATOM   656 O O   . ASN A 1 83 ? -5.274  2.098   -2.340  1.00 8.64  ? 83  ASN A O   1 
ATOM   657 C CB  . ASN A 1 83 ? -5.687  -0.947  -2.154  1.00 9.73  ? 83  ASN A CB  1 
ATOM   658 C CG  . ASN A 1 83 ? -6.605  -2.134  -2.050  1.00 10.61 ? 83  ASN A CG  1 
ATOM   659 O OD1 . ASN A 1 83 ? -7.058  -2.511  -0.958  1.00 11.92 ? 83  ASN A OD1 1 
ATOM   660 N ND2 . ASN A 1 83 ? -6.891  -2.715  -3.195  1.00 10.61 ? 83  ASN A ND2 1 
ATOM   661 N N   . VAL A 1 84 ? -4.049  1.436   -0.542  1.00 8.48  ? 84  VAL A N   1 
ATOM   662 C CA  . VAL A 1 84 ? -3.081  2.560   -0.651  1.00 9.85  ? 84  VAL A CA  1 
ATOM   663 C C   . VAL A 1 84 ? -1.644  2.067   -0.630  1.00 8.77  ? 84  VAL A C   1 
ATOM   664 O O   . VAL A 1 84 ? -1.279  1.193   0.161   1.00 9.73  ? 84  VAL A O   1 
ATOM   665 C CB  . VAL A 1 84 ? -3.310  3.632   0.414   1.00 12.04 ? 84  VAL A CB  1 
ATOM   666 C CG1 . VAL A 1 84 ? -4.657  4.278   0.302   1.00 12.44 ? 84  VAL A CG1 1 
ATOM   667 C CG2 . VAL A 1 84 ? -3.087  3.114   1.783   1.00 13.31 ? 84  VAL A CG2 1 
ATOM   668 N N   . ILE A 1 85 ? -0.854  2.623   -1.512  1.00 9.19  ? 85  ILE A N   1 
ATOM   669 C CA  . ILE A 1 85 ? 0.606   2.449   -1.537  1.00 9.37  ? 85  ILE A CA  1 
ATOM   670 C C   . ILE A 1 85 ? 1.197   3.651   -0.816  1.00 9.58  ? 85  ILE A C   1 
ATOM   671 O O   . ILE A 1 85 ? 1.047   4.798   -1.283  1.00 10.18 ? 85  ILE A O   1 
ATOM   672 C CB  . ILE A 1 85 ? 1.189   2.354   -2.948  1.00 9.58  ? 85  ILE A CB  1 
ATOM   673 C CG1 . ILE A 1 85 ? 0.427   1.340   -3.805  1.00 10.33 ? 85  ILE A CG1 1 
ATOM   674 C CG2 . ILE A 1 85 ? 2.677   2.067   -2.917  1.00 9.79  ? 85  ILE A CG2 1 
ATOM   675 C CD1 . ILE A 1 85 ? 0.381   -0.022  -3.236  1.00 10.91 ? 85  ILE A CD1 1 
ATOM   676 N N   . GLY A 1 86 ? 1.840   3.385   0.319   1.00 8.92  ? 86  GLY A N   1 
ATOM   677 C CA  . GLY A 1 86 ? 2.425   4.418   1.164   1.00 8.72  ? 86  GLY A CA  1 
ATOM   678 C C   . GLY A 1 86 ? 3.912   4.550   0.954   1.00 7.67  ? 86  GLY A C   1 
ATOM   679 O O   . GLY A 1 86 ? 4.542   3.914   0.151   1.00 8.32  ? 86  GLY A O   1 
ATOM   680 N N   . ARG A 1 87 ? 4.474   5.501   1.710   1.00 8.49  ? 87  ARG A N   1 
ATOM   681 C CA  . ARG A 1 87 ? 5.870   5.925   1.482   1.00 8.54  ? 87  ARG A CA  1 
ATOM   682 C C   . ARG A 1 87 ? 6.893   4.789   1.707   1.00 8.97  ? 87  ARG A C   1 
ATOM   683 O O   . ARG A 1 87 ? 7.940   4.828   1.062   1.00 9.18  ? 87  ARG A O   1 
ATOM   684 C CB  . ARG A 1 87 ? 6.228   7.113   2.373   1.00 8.44  ? 87  ARG A CB  1 
ATOM   685 C CG  . ARG A 1 87 ? 5.411   8.361   2.089   1.00 8.09  ? 87  ARG A CG  1 
ATOM   686 C CD  . ARG A 1 87 ? 5.894   9.604   2.849   1.00 8.68  ? 87  ARG A CD  1 
ATOM   687 N NE  . ARG A 1 87 ? 5.768   9.412   4.283   1.00 8.94  ? 87  ARG A NE  1 
ATOM   688 C CZ  . ARG A 1 87 ? 6.726   9.062   5.134   1.00 9.27  ? 87  ARG A CZ  1 
ATOM   689 N NH1 . ARG A 1 87 ? 7.991   8.943   4.753   1.00 9.35  ? 87  ARG A NH1 1 
ATOM   690 N NH2 . ARG A 1 87 ? 6.419   8.849   6.398   1.00 10.14 ? 87  ARG A NH2 1 
ATOM   691 N N   . ASN A 1 88 ? 6.567   3.807   2.555   1.00 9.47  ? 88  ASN A N   1 
ATOM   692 C CA  . ASN A 1 88 ? 7.485   2.679   2.775   1.00 10.13 ? 88  ASN A CA  1 
ATOM   693 C C   . ASN A 1 88 ? 7.795   1.989   1.444   1.00 10.65 ? 88  ASN A C   1 
ATOM   694 O O   . ASN A 1 88 ? 8.940   1.518   1.245   1.00 11.53 ? 88  ASN A O   1 
ATOM   695 C CB  . ASN A 1 88 ? 6.952   1.689   3.793   1.00 10.21 ? 88  ASN A CB  1 
ATOM   696 C CG  . ASN A 1 88 ? 5.789   0.888   3.296   1.00 9.63  ? 88  ASN A CG  1 
ATOM   697 O OD1 . ASN A 1 88 ? 4.789   1.420   2.823   1.00 10.29 ? 88  ASN A OD1 1 
ATOM   698 N ND2 . ASN A 1 88 ? 5.931   -0.421  3.464   1.00 11.20 ? 88  ASN A ND2 1 
ATOM   699 N N   . MET A 1 89 ? 6.821   1.918   0.531   1.00 9.89  ? 89  MET A N   1 
ATOM   700 C CA  . MET A 1 89 ? 7.027   1.332   -0.796  1.00 9.43  ? 89  MET A CA  1 
ATOM   701 C C   . MET A 1 89 ? 7.409   2.380   -1.849  1.00 9.63  ? 89  MET A C   1 
ATOM   702 O O   . MET A 1 89 ? 8.203   2.121   -2.766  1.00 10.88 ? 89  MET A O   1 
ATOM   703 C CB  . MET A 1 89 ? 5.767   0.613   -1.250  1.00 9.31  ? 89  MET A CB  1 
ATOM   704 C CG  . MET A 1 89 ? 5.365   -0.549  -0.385  1.00 9.69  ? 89  MET A CG  1 
ATOM   705 S SD  . MET A 1 89 ? 6.529   -1.904  -0.372  1.00 11.10 ? 89  MET A SD  1 
ATOM   706 C CE  . MET A 1 89 ? 5.527   -3.206  0.382   1.00 12.05 ? 89  MET A CE  1 
ATOM   707 N N   . LEU A 1 90 ? 6.809   3.581   -1.780  1.00 8.92  ? 90  LEU A N   1 
ATOM   708 C CA  . LEU A 1 90 ? 7.048   4.630   -2.795  1.00 8.87  ? 90  LEU A CA  1 
ATOM   709 C C   . LEU A 1 90 ? 8.537   5.014   -2.869  1.00 9.11  ? 90  LEU A C   1 
ATOM   710 O O   . LEU A 1 90 ? 9.019   5.302   -3.968  1.00 9.43  ? 90  LEU A O   1 
ATOM   711 C CB  . LEU A 1 90 ? 6.160   5.842   -2.547  1.00 9.03  ? 90  LEU A CB  1 
ATOM   712 C CG  . LEU A 1 90 ? 4.638   5.578   -2.692  1.00 9.00  ? 90  LEU A CG  1 
ATOM   713 C CD1 . LEU A 1 90 ? 3.858   6.803   -2.274  1.00 10.22 ? 90  LEU A CD1 1 
ATOM   714 C CD2 . LEU A 1 90 ? 4.232   5.112   -4.094  1.00 9.68  ? 90  LEU A CD2 1 
ATOM   715 N N   . THR A 1 91 ? 9.199   5.114   -1.727  1.00 10.09 ? 91  THR A N   1 
ATOM   716 C CA  . THR A 1 91 ? 10.642  5.446   -1.720  1.00 10.83 ? 91  THR A CA  1 
ATOM   717 C C   . THR A 1 91 ? 11.444  4.395   -2.498  1.00 12.48 ? 91  THR A C   1 
ATOM   718 O O   . THR A 1 91 ? 12.378  4.787   -3.181  1.00 14.23 ? 91  THR A O   1 
ATOM   719 C CB  . THR A 1 91 ? 11.196  5.547   -0.302  1.00 11.54 ? 91  THR A CB  1 
ATOM   720 O OG1 . THR A 1 91 ? 10.862  4.355   0.407   1.00 12.79 ? 91  THR A OG1 1 
ATOM   721 C CG2 . THR A 1 91 ? 10.646  6.732   0.438   1.00 10.52 ? 91  THR A CG2 1 
ATOM   722 N N   . GLN A 1 92 ? 11.022  3.122   -2.475  1.00 11.41 ? 92  GLN A N   1 
ATOM   723 C CA  . GLN A 1 92 ? 11.779  2.051   -3.159  1.00 13.41 ? 92  GLN A CA  1 
ATOM   724 C C   . GLN A 1 92 ? 11.614  2.133   -4.668  1.00 14.94 ? 92  GLN A C   1 
ATOM   725 O O   . GLN A 1 92 ? 12.492  1.615   -5.382  1.00 18.14 ? 92  GLN A O   1 
ATOM   726 C CB  . GLN A 1 92 ? 11.279  0.680   -2.755  1.00 13.46 ? 92  GLN A CB  1 
ATOM   727 C CG  . GLN A 1 92 ? 11.529  0.388   -1.306  1.00 14.14 ? 92  GLN A CG  1 
ATOM   728 C CD  . GLN A 1 92 ? 11.048  -0.986  -0.925  1.00 14.19 ? 92  GLN A CD  1 
ATOM   729 O OE1 . GLN A 1 92 ? 11.479  -2.006  -1.508  1.00 14.70 ? 92  GLN A OE1 1 
ATOM   730 N NE2 . GLN A 1 92 ? 10.180  -1.038  0.064   1.00 13.42 ? 92  GLN A NE2 1 
ATOM   731 N N   . ILE A 1 93 ? 10.554  2.716   -5.185  1.00 12.74 ? 93  ILE A N   1 
ATOM   732 C CA  . ILE A 1 93 ? 10.322  2.823   -6.639  1.00 13.51 ? 93  ILE A CA  1 
ATOM   733 C C   . ILE A 1 93 ? 10.749  4.206   -7.149  1.00 14.14 ? 93  ILE A C   1 
ATOM   734 O O   . ILE A 1 93 ? 10.546  4.451   -8.318  1.00 15.76 ? 93  ILE A O   1 
ATOM   735 C CB  . ILE A 1 93 ? 8.899   2.430   -7.025  1.00 15.00 ? 93  ILE A CB  1 
ATOM   736 C CG1 . ILE A 1 93 ? 7.882   3.507   -6.633  1.00 15.19 ? 93  ILE A CG1 1 
ATOM   737 C CG2 . ILE A 1 93 ? 8.543   1.070   -6.455  1.00 15.80 ? 93  ILE A CG2 1 
ATOM   738 C CD1 . ILE A 1 93 ? 6.471   3.138   -7.097  1.00 15.96 ? 93  ILE A CD1 1 
ATOM   739 N N   . GLY A 1 94 ? 11.341  5.056   -6.309  1.00 13.35 ? 94  GLY A N   1 
ATOM   740 C CA  . GLY A 1 94 ? 11.851  6.383   -6.695  1.00 13.93 ? 94  GLY A CA  1 
ATOM   741 C C   . GLY A 1 94 ? 10.747  7.396   -6.947  1.00 13.21 ? 94  GLY A C   1 
ATOM   742 O O   . GLY A 1 94 ? 10.941  8.361   -7.697  1.00 14.83 ? 94  GLY A O   1 
ATOM   743 N N   . CYS A 1 95 ? 9.623   7.248   -6.282  1.00 11.28 ? 95  CYS A N   1 
ATOM   744 C CA  . CYS A 1 95 ? 8.508   8.191   -6.472  1.00 11.27 ? 95  CYS A CA  1 
ATOM   745 C C   . CYS A 1 95 ? 8.790   9.510   -5.765  1.00 10.81 ? 95  CYS A C   1 
ATOM   746 O O   . CYS A 1 95 ? 9.153   9.538   -4.565  1.00 12.10 ? 95  CYS A O   1 
ATOM   747 C CB  . CYS A 1 95 ? 7.240   7.563   -5.962  1.00 11.50 ? 95  CYS A CB  1 
ATOM   748 S SG  . CYS A 1 95 ? 5.744   8.488   -6.318  1.00 12.95 ? 95  CYS A SG  1 
ATOM   749 N N   . THR A 1 96 ? 8.547   10.593  -6.474  1.00 10.60 ? 96  THR A N   1 
ATOM   750 C CA  . THR A 1 96 ? 8.702   11.965  -5.973  1.00 10.87 ? 96  THR A CA  1 
ATOM   751 C C   . THR A 1 96 ? 7.490   12.810  -6.313  1.00 9.68  ? 96  THR A C   1 
ATOM   752 O O   . THR A 1 96 ? 6.725   12.495  -7.240  1.00 10.59 ? 96  THR A O   1 
ATOM   753 C CB  . THR A 1 96 ? 9.975   12.664  -6.484  1.00 13.93 ? 96  THR A CB  1 
ATOM   754 O OG1 . THR A 1 96 ? 9.859   12.831  -7.877  1.00 14.90 ? 96  THR A OG1 1 
ATOM   755 C CG2 . THR A 1 96 ? 11.210  11.911  -6.055  1.00 15.31 ? 96  THR A CG2 1 
ATOM   756 N N   . LEU A 1 97 ? 7.295   13.871  -5.558  1.00 9.61  ? 97  LEU A N   1 
ATOM   757 C CA  . LEU A 1 97 ? 6.345   14.966  -5.843  1.00 9.61  ? 97  LEU A CA  1 
ATOM   758 C C   . LEU A 1 97 ? 7.075   16.110  -6.531  1.00 10.70 ? 97  LEU A C   1 
ATOM   759 O O   . LEU A 1 97 ? 8.237   16.352  -6.243  1.00 11.33 ? 97  LEU A O   1 
ATOM   760 C CB  . LEU A 1 97 ? 5.760   15.492  -4.549  1.00 9.04  ? 97  LEU A CB  1 
ATOM   761 C CG  . LEU A 1 97 ? 4.782   14.536  -3.864  1.00 8.75  ? 97  LEU A CG  1 
ATOM   762 C CD1 . LEU A 1 97 ? 4.640   14.862  -2.362  1.00 9.60  ? 97  LEU A CD1 1 
ATOM   763 C CD2 . LEU A 1 97 ? 3.420   14.587  -4.545  1.00 9.24  ? 97  LEU A CD2 1 
ATOM   764 N N   . ASN A 1 98 ? 6.403   16.812  -7.415  1.00 11.18 ? 98  ASN A N   1 
ATOM   765 C CA  . ASN A 1 98 ? 7.008   17.920  -8.174  1.00 13.30 ? 98  ASN A CA  1 
ATOM   766 C C   . ASN A 1 98 ? 5.967   19.008  -8.362  1.00 13.72 ? 98  ASN A C   1 
ATOM   767 O O   . ASN A 1 98 ? 4.921   18.691  -8.900  1.00 13.69 ? 98  ASN A O   1 
ATOM   768 C CB  . ASN A 1 98 ? 7.543   17.356  -9.489  1.00 15.97 ? 98  ASN A CB  1 
ATOM   769 C CG  . ASN A 1 98 ? 8.426   16.127  -9.363  1.00 21.00 ? 98  ASN A CG  1 
ATOM   770 O OD1 . ASN A 1 98 ? 7.981   14.961  -9.203  1.00 28.06 ? 98  ASN A OD1 1 
ATOM   771 N ND2 . ASN A 1 98 ? 9.709   16.371  -9.413  1.00 24.68 ? 98  ASN A ND2 1 
ATOM   772 N N   . PHE A 1 99 ? 6.309   20.247  -8.047  1.00 14.52 ? 99  PHE A N   1 
ATOM   773 C CA  . PHE A 1 99 ? 5.519   21.417  -8.469  1.00 17.22 ? 99  PHE A CA  1 
ATOM   774 C C   . PHE A 1 99 ? 6.433   22.641  -8.525  1.00 21.46 ? 99  PHE A C   1 
ATOM   775 O O   . PHE A 1 99 ? 5.944   23.748  -8.874  1.00 22.47 ? 99  PHE A O   1 
ATOM   776 C CB  . PHE A 1 99 ? 4.323   21.678  -7.559  1.00 16.82 ? 99  PHE A CB  1 
ATOM   777 C CG  . PHE A 1 99 ? 4.599   21.916  -6.102  1.00 17.36 ? 99  PHE A CG  1 
ATOM   778 C CD1 . PHE A 1 99 ? 4.676   20.862  -5.204  1.00 17.87 ? 99  PHE A CD1 1 
ATOM   779 C CD2 . PHE A 1 99 ? 4.714   23.210  -5.595  1.00 20.35 ? 99  PHE A CD2 1 
ATOM   780 C CE1 . PHE A 1 99 ? 4.855   21.086  -3.852  1.00 21.46 ? 99  PHE A CE1 1 
ATOM   781 C CE2 . PHE A 1 99 ? 4.896   23.433  -4.241  1.00 22.83 ? 99  PHE A CE2 1 
ATOM   782 C CZ  . PHE A 1 99 ? 5.002   22.367  -3.371  1.00 22.67 ? 99  PHE A CZ  1 
ATOM   783 O OXT . PHE A 1 99 ? 7.620   22.545  -8.228  1.00 23.14 ? 99  PHE A OXT 1 
HETATM 784 C C1  . GOL B 2 .  ? 3.878   -10.458 -6.062  1.00 20.91 ? 101 GOL A C1  1 
HETATM 785 O O1  . GOL B 2 .  ? 3.112   -11.645 -6.213  1.00 15.62 ? 101 GOL A O1  1 
HETATM 786 C C2  . GOL B 2 .  ? 5.154   -10.531 -6.851  1.00 25.17 ? 101 GOL A C2  1 
HETATM 787 O O2  . GOL B 2 .  ? 4.869   -10.810 -8.215  1.00 30.13 ? 101 GOL A O2  1 
HETATM 788 C C3  . GOL B 2 .  ? 5.957   -9.256  -6.752  1.00 26.76 ? 101 GOL A C3  1 
HETATM 789 O O3  . GOL B 2 .  ? 7.219   -9.370  -7.397  1.00 30.53 ? 101 GOL A O3  1 
HETATM 790 C C1  . EDO C 3 .  ? -0.881  -0.881  18.484  1.00 39.61 ? 102 EDO A C1  1 
HETATM 791 O O1  . EDO C 3 .  ? -0.422  -1.308  17.192  1.00 35.03 ? 102 EDO A O1  1 
HETATM 792 C C2  . EDO C 3 .  ? -0.531  0.534   18.765  1.00 36.64 ? 102 EDO A C2  1 
HETATM 793 O O2  . EDO C 3 .  ? -1.168  1.455   17.889  1.00 37.12 ? 102 EDO A O2  1 
HETATM 794 C CAA . JDV D 4 .  ? -11.635 12.580  0.394   0.50 10.28 ? 103 JDV A CAA 1 
HETATM 795 C CAC . JDV D 4 .  ? -10.686 10.364  0.302   0.50 10.45 ? 103 JDV A CAC 1 
HETATM 796 C CAD . JDV D 4 .  ? -11.391 10.526  1.649   0.50 10.26 ? 103 JDV A CAD 1 
HETATM 797 C CAE . JDV D 4 .  ? -12.410 11.755  1.462   0.50 9.21  ? 103 JDV A CAE 1 
HETATM 798 C CAF . JDV D 4 .  ? -10.415 10.923  2.803   0.50 10.01 ? 103 JDV A CAF 1 
HETATM 799 C CAG . JDV D 4 .  ? -10.777 12.352  2.941   0.50 10.67 ? 103 JDV A CAG 1 
HETATM 800 C CAH . JDV D 4 .  ? -12.292 12.345  2.738   0.50 10.69 ? 103 JDV A CAH 1 
HETATM 801 C CAJ . JDV D 4 .  ? -10.101 13.346  1.959   0.50 10.06 ? 103 JDV A CAJ 1 
HETATM 802 C CAL . JDV D 4 .  ? -8.342  9.840   3.151   0.50 10.21 ? 103 JDV A CAL 1 
HETATM 803 C CAO . JDV D 4 .  ? -6.157  8.614   3.053   0.50 9.39  ? 103 JDV A CAO 1 
HETATM 804 C CAP . JDV D 4 .  ? -3.838  8.358   3.903   0.50 9.08  ? 103 JDV A CAP 1 
HETATM 805 C CAS . JDV D 4 .  ? -3.252  6.003   6.414   0.50 10.25 ? 103 JDV A CAS 1 
HETATM 806 C CAT . JDV D 4 .  ? -4.765  9.320   3.184   0.50 8.87  ? 103 JDV A CAT 1 
HETATM 807 C CAW . JDV D 4 .  ? -6.197  7.478   2.004   0.50 10.70 ? 103 JDV A CAW 1 
HETATM 808 C CAX . JDV D 4 .  ? -2.842  6.121   7.751   0.50 10.89 ? 103 JDV A CAX 1 
HETATM 809 C CAY . JDV D 4 .  ? -1.734  5.494   8.045   0.50 12.03 ? 103 JDV A CAY 1 
HETATM 810 C CAZ . JDV D 4 .  ? -0.976  4.864   7.111   0.50 10.99 ? 103 JDV A CAZ 1 
HETATM 811 C CBA . JDV D 4 .  ? -1.324  4.764   5.876   0.50 9.96  ? 103 JDV A CBA 1 
HETATM 812 C CBB . JDV D 4 .  ? -2.491  5.338   5.451   0.50 9.91  ? 103 JDV A CBB 1 
HETATM 813 C CBD . JDV D 4 .  ? 0.369   4.530   8.874   0.50 14.49 ? 103 JDV A CBD 1 
HETATM 814 C CBG . JDV D 4 .  ? 1.691   4.382   10.960  0.50 18.08 ? 103 JDV A CBG 1 
HETATM 815 C CBH . JDV D 4 .  ? -7.494  7.004   2.017   0.50 13.20 ? 103 JDV A CBH 1 
HETATM 816 C CBI . JDV D 4 .  ? -7.924  6.224   3.079   0.50 14.19 ? 103 JDV A CBI 1 
HETATM 817 C CBJ . JDV D 4 .  ? -9.232  5.759   3.134   0.50 16.09 ? 103 JDV A CBJ 1 
HETATM 818 C CBK . JDV D 4 .  ? -10.146 6.102   2.161   0.50 15.45 ? 103 JDV A CBK 1 
HETATM 819 C CBL . JDV D 4 .  ? -9.733  6.897   1.111   0.50 13.87 ? 103 JDV A CBL 1 
HETATM 820 C CBM . JDV D 4 .  ? -8.399  7.332   1.043   0.50 13.29 ? 103 JDV A CBM 1 
HETATM 821 C CBN . JDV D 4 .  ? 1.998   5.861   11.317  0.50 18.21 ? 103 JDV A CBN 1 
HETATM 822 C CBO . JDV D 4 .  ? 3.106   4.907   11.245  0.50 19.28 ? 103 JDV A CBO 1 
HETATM 823 C CBQ . JDV D 4 .  ? -3.340  9.113   6.039   0.50 11.98 ? 103 JDV A CBQ 1 
HETATM 824 C CBR . JDV D 4 .  ? -3.890  10.511  6.465   0.50 13.77 ? 103 JDV A CBR 1 
HETATM 825 C CBS . JDV D 4 .  ? -2.932  11.171  7.432   0.50 13.29 ? 103 JDV A CBS 1 
HETATM 826 C CBT . JDV D 4 .  ? -3.946  11.378  5.309   0.50 16.48 ? 103 JDV A CBT 1 
HETATM 827 F FBU . JDV D 4 .  ? -11.480 5.653   2.232   0.50 19.52 ? 103 JDV A FBU 1 
HETATM 828 N NAN . JDV D 4 .  ? -7.193  9.559   2.600   0.50 9.78  ? 103 JDV A NAN 1 
HETATM 829 N NAQ . JDV D 4 .  ? -4.274  8.354   5.291   0.50 9.87  ? 103 JDV A NAQ 1 
HETATM 830 N NBE . JDV D 4 .  ? 0.154   4.400   7.561   0.50 13.94 ? 103 JDV A NBE 1 
HETATM 831 N NBF . JDV D 4 .  ? 1.450   4.070   9.519   0.50 16.27 ? 103 JDV A NBF 1 
HETATM 832 O OAB . JDV D 4 .  ? -10.608 11.684  -0.247  0.50 10.33 ? 103 JDV A OAB 1 
HETATM 833 O OAI . JDV D 4 .  ? -10.975 13.762  0.952   0.50 10.60 ? 103 JDV A OAI 1 
HETATM 834 O OAK . JDV D 4 .  ? -9.057  10.717  2.427   0.50 10.36 ? 103 JDV A OAK 1 
HETATM 835 O OAM . JDV D 4 .  ? -8.683  9.464   4.284   0.50 9.22  ? 103 JDV A OAM 1 
HETATM 836 O OAU . JDV D 4 .  ? -5.410  6.025   4.821   0.50 10.82 ? 103 JDV A OAU 1 
HETATM 837 O OAV . JDV D 4 .  ? -5.395  7.250   7.141   0.50 10.41 ? 103 JDV A OAV 1 
HETATM 838 O OBP . JDV D 4 .  ? -4.220  9.527   1.885   0.50 8.70  ? 103 JDV A OBP 1 
HETATM 839 S SAR . JDV D 4 .  ? -4.677  6.788   5.925   0.50 10.55 ? 103 JDV A SAR 1 
HETATM 840 S SBC . JDV D 4 .  ? -0.892  5.415   9.596   0.50 14.22 ? 103 JDV A SBC 1 
HETATM 841 O O   . HOH E 5 .  ? 5.285   3.444   9.764   1.00 38.05 ? 201 HOH A O   1 
HETATM 842 O O   . HOH E 5 .  ? 8.642   -12.707 2.030   1.00 33.44 ? 202 HOH A O   1 
HETATM 843 O O   . HOH E 5 .  ? 11.722  5.181   -10.485 1.00 28.09 ? 203 HOH A O   1 
HETATM 844 O O   . HOH E 5 .  ? 11.580  -0.666  -7.914  1.00 32.58 ? 204 HOH A O   1 
HETATM 845 O O   . HOH E 5 .  ? -0.824  -14.841 -1.342  1.00 13.00 ? 205 HOH A O   1 
HETATM 846 O O   . HOH E 5 .  ? 9.545   -7.562  -5.529  1.00 28.59 ? 206 HOH A O   1 
HETATM 847 O O   . HOH E 5 .  ? 13.934  6.637   -4.163  1.00 25.77 ? 207 HOH A O   1 
HETATM 848 O O   . HOH E 5 .  ? 2.080   -3.738  -11.755 1.00 18.68 ? 208 HOH A O   1 
HETATM 849 O O   . HOH E 5 .  ? 3.745   -14.154 -6.654  1.00 33.67 ? 209 HOH A O   1 
HETATM 850 O O   . HOH E 5 .  ? -1.180  3.969   18.680  1.00 27.65 ? 210 HOH A O   1 
HETATM 851 O O   . HOH E 5 .  ? 5.875   -9.128  -10.220 1.00 29.97 ? 211 HOH A O   1 
HETATM 852 O O   . HOH E 5 .  ? -7.852  8.190   6.838   0.50 17.11 ? 212 HOH A O   1 
HETATM 853 O O   . HOH E 5 .  ? -4.083  10.481  -11.419 1.00 16.00 ? 213 HOH A O   1 
HETATM 854 O O   . HOH E 5 .  ? 12.548  2.555   1.482   1.00 30.01 ? 214 HOH A O   1 
HETATM 855 O O   . HOH E 5 .  ? 3.939   -11.003 -2.507  1.00 12.20 ? 215 HOH A O   1 
HETATM 856 O O   . HOH E 5 .  ? 3.417   -15.132 -9.809  1.00 31.88 ? 216 HOH A O   1 
HETATM 857 O O   . HOH E 5 .  ? 11.065  9.371   -2.640  1.00 12.75 ? 217 HOH A O   1 
HETATM 858 O O   . HOH E 5 .  ? -4.859  0.592   -12.349 1.00 17.67 ? 218 HOH A O   1 
HETATM 859 O O   . HOH E 5 .  ? 10.913  1.252   3.100   1.00 29.90 ? 219 HOH A O   1 
HETATM 860 O O   . HOH E 5 .  ? -10.380 16.916  -11.707 1.00 30.00 ? 220 HOH A O   1 
HETATM 861 O O   . HOH E 5 .  ? 11.028  10.790  -9.268  1.00 19.13 ? 221 HOH A O   1 
HETATM 862 O O   . HOH E 5 .  ? 4.185   -13.417 6.621   1.00 28.52 ? 222 HOH A O   1 
HETATM 863 O O   . HOH E 5 .  ? 3.072   -0.847  5.405   1.00 15.36 ? 223 HOH A O   1 
HETATM 864 O O   . HOH E 5 .  ? 3.284   10.707  4.599   1.00 11.44 ? 224 HOH A O   1 
HETATM 865 O O   . HOH E 5 .  ? -9.705  -3.853  -10.153 1.00 32.22 ? 225 HOH A O   1 
HETATM 866 O O   . HOH E 5 .  ? 11.988  1.232   -9.397  1.00 29.24 ? 226 HOH A O   1 
HETATM 867 O O   . HOH E 5 .  ? 0.044   9.073   -16.070 1.00 21.87 ? 227 HOH A O   1 
HETATM 868 O O   . HOH E 5 .  ? -10.635 9.935   -9.759  1.00 16.70 ? 228 HOH A O   1 
HETATM 869 O O   . HOH E 5 .  ? -8.407  7.308   -11.241 1.00 20.34 ? 229 HOH A O   1 
HETATM 870 O O   . HOH E 5 .  ? -4.025  -13.824 -9.388  1.00 29.49 ? 230 HOH A O   1 
HETATM 871 O O   . HOH E 5 .  ? -10.794 -1.915  12.532  1.00 38.20 ? 231 HOH A O   1 
HETATM 872 O O   . HOH E 5 .  ? 4.646   -8.768  11.269  1.00 40.04 ? 232 HOH A O   1 
HETATM 873 O O   . HOH E 5 .  ? 5.227   -10.937 8.796   1.00 22.82 ? 233 HOH A O   1 
HETATM 874 O O   . HOH E 5 .  ? 7.117   5.285   5.787   1.00 24.00 ? 234 HOH A O   1 
HETATM 875 O O   . HOH E 5 .  ? -7.251  -7.846  8.631   1.00 36.23 ? 235 HOH A O   1 
HETATM 876 O O   . HOH E 5 .  ? -3.713  -11.866 4.467   1.00 31.30 ? 236 HOH A O   1 
HETATM 877 O O   . HOH E 5 .  ? -13.725 9.946   -12.701 1.00 26.81 ? 237 HOH A O   1 
HETATM 878 O O   . HOH E 5 .  ? -12.306 4.553   14.811  1.00 28.61 ? 238 HOH A O   1 
HETATM 879 O O   . HOH E 5 .  ? 11.616  -3.201  -10.672 1.00 26.67 ? 239 HOH A O   1 
HETATM 880 O O   . HOH E 5 .  ? -1.373  -15.300 6.912   1.00 24.49 ? 240 HOH A O   1 
HETATM 881 O O   . HOH E 5 .  ? 4.626   -9.643  -13.383 1.00 37.81 ? 241 HOH A O   1 
HETATM 882 O O   . HOH E 5 .  ? 1.645   10.454  6.777   1.00 12.92 ? 242 HOH A O   1 
HETATM 883 O O   . HOH E 5 .  ? -8.201  -3.748  -6.351  1.00 17.92 ? 243 HOH A O   1 
HETATM 884 O O   . HOH E 5 .  ? 8.982   -5.384  6.017   1.00 20.48 ? 244 HOH A O   1 
HETATM 885 O O   . HOH E 5 .  ? -5.762  -11.742 -8.791  1.00 19.20 ? 245 HOH A O   1 
HETATM 886 O O   . HOH E 5 .  ? 8.267   -1.532  4.759   1.00 15.10 ? 246 HOH A O   1 
HETATM 887 O O   . HOH E 5 .  ? -5.098  12.810  -13.609 1.00 17.94 ? 247 HOH A O   1 
HETATM 888 O O   . HOH E 5 .  ? -8.253  -8.446  -9.678  1.00 35.47 ? 248 HOH A O   1 
HETATM 889 O O   . HOH E 5 .  ? 4.698   9.800   -18.074 1.00 25.53 ? 249 HOH A O   1 
HETATM 890 O O   . HOH E 5 .  ? -2.371  6.689   -12.185 1.00 24.58 ? 250 HOH A O   1 
HETATM 891 O O   . HOH E 5 .  ? -14.191 5.721   -3.126  1.00 33.26 ? 251 HOH A O   1 
HETATM 892 O O   . HOH E 5 .  ? -7.449  -12.339 -6.170  1.00 21.79 ? 252 HOH A O   1 
HETATM 893 O O   . HOH E 5 .  ? -9.787  -1.516  -0.384  1.00 30.00 ? 253 HOH A O   1 
HETATM 894 O O   . HOH E 5 .  ? 5.252   -11.578 -11.154 1.00 31.82 ? 254 HOH A O   1 
HETATM 895 O O   . HOH E 5 .  ? -1.188  4.889   13.014  1.00 25.92 ? 255 HOH A O   1 
HETATM 896 O O   . HOH E 5 .  ? -0.553  0.691   -13.470 1.00 22.48 ? 256 HOH A O   1 
HETATM 897 O O   . HOH E 5 .  ? 5.754   1.943   -15.309 1.00 36.99 ? 257 HOH A O   1 
HETATM 898 O O   . HOH E 5 .  ? -1.617  11.138  -15.300 1.00 15.53 ? 258 HOH A O   1 
HETATM 899 O O   . HOH E 5 .  ? -8.668  -5.111  -2.784  1.00 26.29 ? 259 HOH A O   1 
HETATM 900 O O   . HOH E 5 .  ? -1.381  18.900  -13.685 1.00 19.11 ? 260 HOH A O   1 
HETATM 901 O O   . HOH E 5 .  ? 0.824   -15.018 13.106  1.00 31.38 ? 261 HOH A O   1 
HETATM 902 O O   . HOH E 5 .  ? 8.212   -11.996 -5.679  1.00 35.61 ? 262 HOH A O   1 
HETATM 903 O O   . HOH E 5 .  ? -4.274  8.257   -12.678 1.00 31.13 ? 263 HOH A O   1 
HETATM 904 O O   . HOH E 5 .  ? 2.187   -15.867 -4.582  1.00 26.40 ? 264 HOH A O   1 
HETATM 905 O O   . HOH E 5 .  ? 5.507   -12.826 -3.867  1.00 25.99 ? 265 HOH A O   1 
HETATM 906 O O   . HOH E 5 .  ? 1.538   -2.715  -14.324 0.50 37.75 ? 266 HOH A O   1 
HETATM 907 O O   . HOH E 5 .  ? 10.321  -10.119 -5.448  0.50 25.37 ? 267 HOH A O   1 
HETATM 908 O O   . HOH E 5 .  ? 2.114   -15.120 -1.588  1.00 19.46 ? 268 HOH A O   1 
HETATM 909 O O   . HOH E 5 .  ? 3.548   -12.908 -0.422  1.00 18.29 ? 269 HOH A O   1 
HETATM 910 O O   . HOH E 5 .  ? -10.692 7.011   -9.732  1.00 38.29 ? 270 HOH A O   1 
HETATM 911 O O   . HOH E 5 .  ? -4.727  -17.451 2.755   1.00 28.42 ? 271 HOH A O   1 
HETATM 912 O O   . HOH E 5 .  ? 5.842   -13.619 0.797   1.00 26.03 ? 272 HOH A O   1 
# 
